data_1DY2
# 
_entry.id   1DY2 
# 
_audit_conform.dict_name       mmcif_pdbx.dic 
_audit_conform.dict_version    5.398 
_audit_conform.dict_location   http://mmcif.pdb.org/dictionaries/ascii/mmcif_pdbx.dic 
# 
loop_
_database_2.database_id 
_database_2.database_code 
_database_2.pdbx_database_accession 
_database_2.pdbx_DOI 
PDB   1DY2         pdb_00001dy2 10.2210/pdb1dy2/pdb 
PDBE  EBI-4557     ?            ?                   
WWPDB D_1290004557 ?            ?                   
# 
loop_
_pdbx_audit_revision_history.ordinal 
_pdbx_audit_revision_history.data_content_type 
_pdbx_audit_revision_history.major_revision 
_pdbx_audit_revision_history.minor_revision 
_pdbx_audit_revision_history.revision_date 
1 'Structure model' 1 0 2001-01-21 
2 'Structure model' 1 1 2011-05-07 
3 'Structure model' 1 2 2011-07-13 
4 'Structure model' 1 3 2019-05-22 
5 'Structure model' 1 4 2023-12-06 
6 'Structure model' 1 5 2024-11-13 
# 
_pdbx_audit_revision_details.ordinal             1 
_pdbx_audit_revision_details.revision_ordinal    1 
_pdbx_audit_revision_details.data_content_type   'Structure model' 
_pdbx_audit_revision_details.provider            repository 
_pdbx_audit_revision_details.type                'Initial release' 
_pdbx_audit_revision_details.description         ? 
_pdbx_audit_revision_details.details             ? 
# 
loop_
_pdbx_audit_revision_group.ordinal 
_pdbx_audit_revision_group.revision_ordinal 
_pdbx_audit_revision_group.data_content_type 
_pdbx_audit_revision_group.group 
1  2 'Structure model' 'Version format compliance' 
2  3 'Structure model' 'Version format compliance' 
3  4 'Structure model' 'Data collection'           
4  4 'Structure model' Other                       
5  4 'Structure model' 'Refinement description'    
6  5 'Structure model' 'Data collection'           
7  5 'Structure model' 'Database references'       
8  5 'Structure model' 'Derived calculations'      
9  5 'Structure model' Other                       
10 5 'Structure model' 'Refinement description'    
11 6 'Structure model' 'Structure summary'         
# 
loop_
_pdbx_audit_revision_category.ordinal 
_pdbx_audit_revision_category.revision_ordinal 
_pdbx_audit_revision_category.data_content_type 
_pdbx_audit_revision_category.category 
1  4 'Structure model' pdbx_database_proc            
2  4 'Structure model' pdbx_database_status          
3  4 'Structure model' refine                        
4  5 'Structure model' chem_comp_atom                
5  5 'Structure model' chem_comp_bond                
6  5 'Structure model' database_2                    
7  5 'Structure model' pdbx_database_status          
8  5 'Structure model' pdbx_initial_refinement_model 
9  5 'Structure model' struct_site                   
10 6 'Structure model' pdbx_entry_details            
11 6 'Structure model' pdbx_modification_feature     
# 
loop_
_pdbx_audit_revision_item.ordinal 
_pdbx_audit_revision_item.revision_ordinal 
_pdbx_audit_revision_item.data_content_type 
_pdbx_audit_revision_item.item 
1 4 'Structure model' '_pdbx_database_status.recvd_author_approval'  
2 4 'Structure model' '_refine.pdbx_ls_cross_valid_method'           
3 5 'Structure model' '_database_2.pdbx_DOI'                         
4 5 'Structure model' '_database_2.pdbx_database_accession'          
5 5 'Structure model' '_pdbx_database_status.status_code_sf'         
6 5 'Structure model' '_struct_site.pdbx_auth_asym_id'               
7 5 'Structure model' '_struct_site.pdbx_auth_comp_id'               
8 5 'Structure model' '_struct_site.pdbx_auth_seq_id'                
9 6 'Structure model' '_pdbx_entry_details.has_protein_modification' 
# 
_pdbx_database_status.status_code                     REL 
_pdbx_database_status.entry_id                        1DY2 
_pdbx_database_status.deposit_site                    PDBE 
_pdbx_database_status.process_site                    PDBE 
_pdbx_database_status.SG_entry                        . 
_pdbx_database_status.recvd_initial_deposition_date   2000-01-21 
_pdbx_database_status.pdb_format_compatible           Y 
_pdbx_database_status.status_code_sf                  REL 
_pdbx_database_status.status_code_mr                  ? 
_pdbx_database_status.status_code_cs                  ? 
_pdbx_database_status.methods_development_category    ? 
_pdbx_database_status.status_code_nmr_data            ? 
# 
loop_
_pdbx_database_related.db_name 
_pdbx_database_related.db_id 
_pdbx_database_related.content_type 
_pdbx_database_related.details 
PDB 1KOE unspecified 'ENDOSTATIN, C-TERMINAL 184 RESIDUES OF ALPHA1 CHAIN OF COLLAGEN XVIII' 
PDB 1DY0 unspecified 'MURINE ENDOSTATIN, CRYSTAL FORM II MOLECULE: COLLAGEN ALPHA1(XVIII) CHAIN' 
PDB 1DY1 unspecified 'MURINE ENDOSTATIN, CRYSTAL FORM III, COLLAGEN ALPHA1(XVIII) CHAIN' 
PDB 1DY2 unspecified 
'MURINE COLLAGEN ALPHA1(XV), ENDOSTATIN DOMAIN MURINE ENDOSTATIN, CRYSTAL FORM III, COLLAGEN ALPHA1(XVIII) CHAIN' 
# 
loop_
_audit_author.name 
_audit_author.pdbx_ordinal 
'Tisi, D.'       1 
'Hohenester, E.' 2 
'Sasaki, T.'     3 
'Timpl, R.'      4 
# 
loop_
_citation.id 
_citation.title 
_citation.journal_abbrev 
_citation.journal_volume 
_citation.page_first 
_citation.page_last 
_citation.year 
_citation.journal_id_ASTM 
_citation.country 
_citation.journal_id_ISSN 
_citation.journal_id_CSD 
_citation.book_publisher 
_citation.pdbx_database_id_PubMed 
_citation.pdbx_database_id_DOI 
primary 
;Endostatin Derived from Collagens Xv and Xviii Differ in Structural and Binding Properties, Tissue Distribution and Anti-Angiogenic Activity
;
J.Mol.Biol.             301 1179 ? 2000 JMOBAK UK 0022-2836 0070 ? 10966814 10.1006/JMBI.2000.3996          
1       'Crystal Structure of the Angiogenesis Inhibitor Endostatin at 1.5 Angstrom Resolution' 'Embo J.'               17  1656 ? 
1998 EMJODG UK 0261-4189 0897 ? 9501087  10.1093/EMBOJ/17.6.1656         
2       'Endostatin: An Endogenous Inhibitor of Angiogenesis and Tumor Growth' 'Cell(Cambridge,Mass.)' 88  277  ? 1997 CELLB5 US 
0092-8674 0998 ? 9008168  '10.1016/S0092-8674(00)81848-6' 
# 
loop_
_citation_author.citation_id 
_citation_author.name 
_citation_author.ordinal 
_citation_author.identifier_ORCID 
primary 'Sasaki, T.'         1  ? 
primary 'Larsson, H.'        2  ? 
primary 'Tisi, D.'           3  ? 
primary 'Claesson-Welsh, L.' 4  ? 
primary 'Hohenester, E.'     5  ? 
primary 'Timpl, R.'          6  ? 
1       'Hohenester, E.'     7  ? 
1       'Sasaki, T.'         8  ? 
1       'Olsen, B.R.'        9  ? 
1       'Timpl, R.'          10 ? 
2       
;O'Reilly, M.S.
;
11 ? 
2       'Boehm, T.'          12 ? 
2       'Shing, Y.'          13 ? 
2       'Fukai, N.'          14 ? 
2       'Vasios, G.'         15 ? 
2       'Lane, W.S.'         16 ? 
2       'Flynn, E.'          17 ? 
2       'Birkhead, J.R.'     18 ? 
2       'Olsen, B.R.'        19 ? 
2       'Folkman, J.'        20 ? 
# 
loop_
_entity.id 
_entity.type 
_entity.src_method 
_entity.pdbx_description 
_entity.formula_weight 
_entity.pdbx_number_of_molecules 
_entity.pdbx_ec 
_entity.pdbx_mutation 
_entity.pdbx_fragment 
_entity.details 
1 polymer     man 'COLLAGEN ALPHA1(XV) CHAIN' 20085.875 1  ? ? 'ENDOSTATIN DOMAIN' ? 
2 non-polymer syn 'SULFATE ION'               96.063    1  ? ? ?                   ? 
3 water       nat water                       18.015    45 ? ? ?                   ? 
# 
_entity_poly.entity_id                      1 
_entity_poly.type                           'polypeptide(L)' 
_entity_poly.nstd_linkage                   no 
_entity_poly.nstd_monomer                   no 
_entity_poly.pdbx_seq_one_letter_code       
;APLAYERPVLHLVALNTPVAGDIRADFQCFQQARAAGLLSTFRAFLSSHLQDLSTVVRKAERFGLPIVNLKGQVLFNNWD
SIFSGDGGQFNTHIPIYSFDGRDVMTDPSWPQKVVWHGSNPHGVRLVDKYCEAWRTTDMAVTGFASPLSTGKILDQKAYS
CANRLIVLCIENSFMTDTRK
;
_entity_poly.pdbx_seq_one_letter_code_can   
;APLAYERPVLHLVALNTPVAGDIRADFQCFQQARAAGLLSTFRAFLSSHLQDLSTVVRKAERFGLPIVNLKGQVLFNNWD
SIFSGDGGQFNTHIPIYSFDGRDVMTDPSWPQKVVWHGSNPHGVRLVDKYCEAWRTTDMAVTGFASPLSTGKILDQKAYS
CANRLIVLCIENSFMTDTRK
;
_entity_poly.pdbx_strand_id                 A 
_entity_poly.pdbx_target_identifier         ? 
# 
loop_
_pdbx_entity_nonpoly.entity_id 
_pdbx_entity_nonpoly.name 
_pdbx_entity_nonpoly.comp_id 
2 'SULFATE ION' SO4 
3 water         HOH 
# 
loop_
_entity_poly_seq.entity_id 
_entity_poly_seq.num 
_entity_poly_seq.mon_id 
_entity_poly_seq.hetero 
1 1   ALA n 
1 2   PRO n 
1 3   LEU n 
1 4   ALA n 
1 5   TYR n 
1 6   GLU n 
1 7   ARG n 
1 8   PRO n 
1 9   VAL n 
1 10  LEU n 
1 11  HIS n 
1 12  LEU n 
1 13  VAL n 
1 14  ALA n 
1 15  LEU n 
1 16  ASN n 
1 17  THR n 
1 18  PRO n 
1 19  VAL n 
1 20  ALA n 
1 21  GLY n 
1 22  ASP n 
1 23  ILE n 
1 24  ARG n 
1 25  ALA n 
1 26  ASP n 
1 27  PHE n 
1 28  GLN n 
1 29  CYS n 
1 30  PHE n 
1 31  GLN n 
1 32  GLN n 
1 33  ALA n 
1 34  ARG n 
1 35  ALA n 
1 36  ALA n 
1 37  GLY n 
1 38  LEU n 
1 39  LEU n 
1 40  SER n 
1 41  THR n 
1 42  PHE n 
1 43  ARG n 
1 44  ALA n 
1 45  PHE n 
1 46  LEU n 
1 47  SER n 
1 48  SER n 
1 49  HIS n 
1 50  LEU n 
1 51  GLN n 
1 52  ASP n 
1 53  LEU n 
1 54  SER n 
1 55  THR n 
1 56  VAL n 
1 57  VAL n 
1 58  ARG n 
1 59  LYS n 
1 60  ALA n 
1 61  GLU n 
1 62  ARG n 
1 63  PHE n 
1 64  GLY n 
1 65  LEU n 
1 66  PRO n 
1 67  ILE n 
1 68  VAL n 
1 69  ASN n 
1 70  LEU n 
1 71  LYS n 
1 72  GLY n 
1 73  GLN n 
1 74  VAL n 
1 75  LEU n 
1 76  PHE n 
1 77  ASN n 
1 78  ASN n 
1 79  TRP n 
1 80  ASP n 
1 81  SER n 
1 82  ILE n 
1 83  PHE n 
1 84  SER n 
1 85  GLY n 
1 86  ASP n 
1 87  GLY n 
1 88  GLY n 
1 89  GLN n 
1 90  PHE n 
1 91  ASN n 
1 92  THR n 
1 93  HIS n 
1 94  ILE n 
1 95  PRO n 
1 96  ILE n 
1 97  TYR n 
1 98  SER n 
1 99  PHE n 
1 100 ASP n 
1 101 GLY n 
1 102 ARG n 
1 103 ASP n 
1 104 VAL n 
1 105 MET n 
1 106 THR n 
1 107 ASP n 
1 108 PRO n 
1 109 SER n 
1 110 TRP n 
1 111 PRO n 
1 112 GLN n 
1 113 LYS n 
1 114 VAL n 
1 115 VAL n 
1 116 TRP n 
1 117 HIS n 
1 118 GLY n 
1 119 SER n 
1 120 ASN n 
1 121 PRO n 
1 122 HIS n 
1 123 GLY n 
1 124 VAL n 
1 125 ARG n 
1 126 LEU n 
1 127 VAL n 
1 128 ASP n 
1 129 LYS n 
1 130 TYR n 
1 131 CYS n 
1 132 GLU n 
1 133 ALA n 
1 134 TRP n 
1 135 ARG n 
1 136 THR n 
1 137 THR n 
1 138 ASP n 
1 139 MET n 
1 140 ALA n 
1 141 VAL n 
1 142 THR n 
1 143 GLY n 
1 144 PHE n 
1 145 ALA n 
1 146 SER n 
1 147 PRO n 
1 148 LEU n 
1 149 SER n 
1 150 THR n 
1 151 GLY n 
1 152 LYS n 
1 153 ILE n 
1 154 LEU n 
1 155 ASP n 
1 156 GLN n 
1 157 LYS n 
1 158 ALA n 
1 159 TYR n 
1 160 SER n 
1 161 CYS n 
1 162 ALA n 
1 163 ASN n 
1 164 ARG n 
1 165 LEU n 
1 166 ILE n 
1 167 VAL n 
1 168 LEU n 
1 169 CYS n 
1 170 ILE n 
1 171 GLU n 
1 172 ASN n 
1 173 SER n 
1 174 PHE n 
1 175 MET n 
1 176 THR n 
1 177 ASP n 
1 178 THR n 
1 179 ARG n 
1 180 LYS n 
# 
_entity_src_gen.entity_id                          1 
_entity_src_gen.pdbx_src_id                        1 
_entity_src_gen.pdbx_alt_source_flag               sample 
_entity_src_gen.pdbx_seq_type                      ? 
_entity_src_gen.pdbx_beg_seq_num                   ? 
_entity_src_gen.pdbx_end_seq_num                   ? 
_entity_src_gen.gene_src_common_name               MOUSE 
_entity_src_gen.gene_src_genus                     ? 
_entity_src_gen.pdbx_gene_src_gene                 ? 
_entity_src_gen.gene_src_species                   ? 
_entity_src_gen.gene_src_strain                    ? 
_entity_src_gen.gene_src_tissue                    ? 
_entity_src_gen.gene_src_tissue_fraction           ? 
_entity_src_gen.gene_src_details                   ? 
_entity_src_gen.pdbx_gene_src_fragment             ? 
_entity_src_gen.pdbx_gene_src_scientific_name      'MUS MUSCULUS' 
_entity_src_gen.pdbx_gene_src_ncbi_taxonomy_id     10090 
_entity_src_gen.pdbx_gene_src_variant              ? 
_entity_src_gen.pdbx_gene_src_cell_line            ? 
_entity_src_gen.pdbx_gene_src_atcc                 ? 
_entity_src_gen.pdbx_gene_src_organ                ? 
_entity_src_gen.pdbx_gene_src_organelle            ? 
_entity_src_gen.pdbx_gene_src_cell                 ? 
_entity_src_gen.pdbx_gene_src_cellular_location    ? 
_entity_src_gen.host_org_common_name               ? 
_entity_src_gen.pdbx_host_org_scientific_name      'HOMO SAPIENS' 
_entity_src_gen.pdbx_host_org_ncbi_taxonomy_id     9606 
_entity_src_gen.host_org_genus                     ? 
_entity_src_gen.pdbx_host_org_gene                 ? 
_entity_src_gen.pdbx_host_org_organ                ? 
_entity_src_gen.host_org_species                   ? 
_entity_src_gen.pdbx_host_org_tissue               ? 
_entity_src_gen.pdbx_host_org_tissue_fraction      ? 
_entity_src_gen.pdbx_host_org_strain               ? 
_entity_src_gen.pdbx_host_org_variant              ? 
_entity_src_gen.pdbx_host_org_cell_line            EBNA-293 
_entity_src_gen.pdbx_host_org_atcc                 ? 
_entity_src_gen.pdbx_host_org_culture_collection   ? 
_entity_src_gen.pdbx_host_org_cell                 'EMBRYONIC KIDNEY CELL' 
_entity_src_gen.pdbx_host_org_organelle            ? 
_entity_src_gen.pdbx_host_org_cellular_location    ? 
_entity_src_gen.pdbx_host_org_vector_type          ? 
_entity_src_gen.pdbx_host_org_vector               PCEP-PU 
_entity_src_gen.host_org_details                   ? 
_entity_src_gen.expression_system_id               ? 
_entity_src_gen.plasmid_name                       ? 
_entity_src_gen.plasmid_details                    ? 
_entity_src_gen.pdbx_description                   ? 
# 
loop_
_chem_comp.id 
_chem_comp.type 
_chem_comp.mon_nstd_flag 
_chem_comp.name 
_chem_comp.pdbx_synonyms 
_chem_comp.formula 
_chem_comp.formula_weight 
ALA 'L-peptide linking' y ALANINE         ? 'C3 H7 N O2'     89.093  
ARG 'L-peptide linking' y ARGININE        ? 'C6 H15 N4 O2 1' 175.209 
ASN 'L-peptide linking' y ASPARAGINE      ? 'C4 H8 N2 O3'    132.118 
ASP 'L-peptide linking' y 'ASPARTIC ACID' ? 'C4 H7 N O4'     133.103 
CYS 'L-peptide linking' y CYSTEINE        ? 'C3 H7 N O2 S'   121.158 
GLN 'L-peptide linking' y GLUTAMINE       ? 'C5 H10 N2 O3'   146.144 
GLU 'L-peptide linking' y 'GLUTAMIC ACID' ? 'C5 H9 N O4'     147.129 
GLY 'peptide linking'   y GLYCINE         ? 'C2 H5 N O2'     75.067  
HIS 'L-peptide linking' y HISTIDINE       ? 'C6 H10 N3 O2 1' 156.162 
HOH non-polymer         . WATER           ? 'H2 O'           18.015  
ILE 'L-peptide linking' y ISOLEUCINE      ? 'C6 H13 N O2'    131.173 
LEU 'L-peptide linking' y LEUCINE         ? 'C6 H13 N O2'    131.173 
LYS 'L-peptide linking' y LYSINE          ? 'C6 H15 N2 O2 1' 147.195 
MET 'L-peptide linking' y METHIONINE      ? 'C5 H11 N O2 S'  149.211 
PHE 'L-peptide linking' y PHENYLALANINE   ? 'C9 H11 N O2'    165.189 
PRO 'L-peptide linking' y PROLINE         ? 'C5 H9 N O2'     115.130 
SER 'L-peptide linking' y SERINE          ? 'C3 H7 N O3'     105.093 
SO4 non-polymer         . 'SULFATE ION'   ? 'O4 S -2'        96.063  
THR 'L-peptide linking' y THREONINE       ? 'C4 H9 N O3'     119.119 
TRP 'L-peptide linking' y TRYPTOPHAN      ? 'C11 H12 N2 O2'  204.225 
TYR 'L-peptide linking' y TYROSINE        ? 'C9 H11 N O3'    181.189 
VAL 'L-peptide linking' y VALINE          ? 'C5 H11 N O2'    117.146 
# 
loop_
_pdbx_poly_seq_scheme.asym_id 
_pdbx_poly_seq_scheme.entity_id 
_pdbx_poly_seq_scheme.seq_id 
_pdbx_poly_seq_scheme.mon_id 
_pdbx_poly_seq_scheme.ndb_seq_num 
_pdbx_poly_seq_scheme.pdb_seq_num 
_pdbx_poly_seq_scheme.auth_seq_num 
_pdbx_poly_seq_scheme.pdb_mon_id 
_pdbx_poly_seq_scheme.auth_mon_id 
_pdbx_poly_seq_scheme.pdb_strand_id 
_pdbx_poly_seq_scheme.pdb_ins_code 
_pdbx_poly_seq_scheme.hetero 
A 1 1   ALA 1   77  ?   ?   ?   A . n 
A 1 2   PRO 2   78  ?   ?   ?   A . n 
A 1 3   LEU 3   79  ?   ?   ?   A . n 
A 1 4   ALA 4   80  ?   ?   ?   A . n 
A 1 5   TYR 5   81  ?   ?   ?   A . n 
A 1 6   GLU 6   82  ?   ?   ?   A . n 
A 1 7   ARG 7   83  83  ARG ARG A . n 
A 1 8   PRO 8   84  84  PRO PRO A . n 
A 1 9   VAL 9   85  85  VAL VAL A . n 
A 1 10  LEU 10  86  86  LEU LEU A . n 
A 1 11  HIS 11  87  87  HIS HIS A . n 
A 1 12  LEU 12  88  88  LEU LEU A . n 
A 1 13  VAL 13  89  89  VAL VAL A . n 
A 1 14  ALA 14  90  90  ALA ALA A . n 
A 1 15  LEU 15  91  91  LEU LEU A . n 
A 1 16  ASN 16  92  92  ASN ASN A . n 
A 1 17  THR 17  93  93  THR THR A . n 
A 1 18  PRO 18  94  94  PRO PRO A . n 
A 1 19  VAL 19  95  95  VAL VAL A . n 
A 1 20  ALA 20  96  96  ALA ALA A . n 
A 1 21  GLY 21  97  97  GLY GLY A . n 
A 1 22  ASP 22  98  98  ASP ASP A . n 
A 1 23  ILE 23  99  99  ILE ILE A . n 
A 1 24  ARG 24  100 100 ARG ARG A . n 
A 1 25  ALA 25  101 101 ALA ALA A . n 
A 1 26  ASP 26  102 102 ASP ASP A . n 
A 1 27  PHE 27  103 103 PHE PHE A . n 
A 1 28  GLN 28  104 104 GLN GLN A . n 
A 1 29  CYS 29  105 105 CYS CYS A . n 
A 1 30  PHE 30  106 106 PHE PHE A . n 
A 1 31  GLN 31  107 107 GLN GLN A . n 
A 1 32  GLN 32  108 108 GLN GLN A . n 
A 1 33  ALA 33  109 109 ALA ALA A . n 
A 1 34  ARG 34  110 110 ARG ARG A . n 
A 1 35  ALA 35  111 111 ALA ALA A . n 
A 1 36  ALA 36  112 112 ALA ALA A . n 
A 1 37  GLY 37  113 113 GLY GLY A . n 
A 1 38  LEU 38  114 114 LEU LEU A . n 
A 1 39  LEU 39  115 115 LEU LEU A . n 
A 1 40  SER 40  116 116 SER SER A . n 
A 1 41  THR 41  117 117 THR THR A . n 
A 1 42  PHE 42  118 118 PHE PHE A . n 
A 1 43  ARG 43  119 119 ARG ARG A . n 
A 1 44  ALA 44  120 120 ALA ALA A . n 
A 1 45  PHE 45  121 121 PHE PHE A . n 
A 1 46  LEU 46  122 122 LEU LEU A . n 
A 1 47  SER 47  123 123 SER SER A . n 
A 1 48  SER 48  124 124 SER SER A . n 
A 1 49  HIS 49  125 125 HIS HIS A . n 
A 1 50  LEU 50  126 126 LEU LEU A . n 
A 1 51  GLN 51  127 127 GLN GLN A . n 
A 1 52  ASP 52  128 128 ASP ASP A . n 
A 1 53  LEU 53  129 129 LEU LEU A . n 
A 1 54  SER 54  130 130 SER SER A . n 
A 1 55  THR 55  131 131 THR THR A . n 
A 1 56  VAL 56  132 132 VAL VAL A . n 
A 1 57  VAL 57  133 133 VAL VAL A . n 
A 1 58  ARG 58  134 134 ARG ARG A . n 
A 1 59  LYS 59  135 135 LYS LYS A . n 
A 1 60  ALA 60  136 136 ALA ALA A . n 
A 1 61  GLU 61  137 137 GLU GLU A . n 
A 1 62  ARG 62  138 138 ARG ARG A . n 
A 1 63  PHE 63  139 139 PHE PHE A . n 
A 1 64  GLY 64  140 140 GLY GLY A . n 
A 1 65  LEU 65  141 141 LEU LEU A . n 
A 1 66  PRO 66  142 142 PRO PRO A . n 
A 1 67  ILE 67  143 143 ILE ILE A . n 
A 1 68  VAL 68  144 144 VAL VAL A . n 
A 1 69  ASN 69  145 145 ASN ASN A . n 
A 1 70  LEU 70  146 146 LEU LEU A . n 
A 1 71  LYS 71  147 147 LYS LYS A . n 
A 1 72  GLY 72  148 148 GLY GLY A . n 
A 1 73  GLN 73  149 149 GLN GLN A . n 
A 1 74  VAL 74  150 150 VAL VAL A . n 
A 1 75  LEU 75  151 151 LEU LEU A . n 
A 1 76  PHE 76  152 152 PHE PHE A . n 
A 1 77  ASN 77  153 153 ASN ASN A . n 
A 1 78  ASN 78  154 154 ASN ASN A . n 
A 1 79  TRP 79  155 155 TRP TRP A . n 
A 1 80  ASP 80  156 156 ASP ASP A . n 
A 1 81  SER 81  157 157 SER SER A . n 
A 1 82  ILE 82  158 158 ILE ILE A . n 
A 1 83  PHE 83  159 159 PHE PHE A . n 
A 1 84  SER 84  160 160 SER SER A . n 
A 1 85  GLY 85  161 161 GLY GLY A . n 
A 1 86  ASP 86  162 162 ASP ASP A . n 
A 1 87  GLY 87  163 163 GLY GLY A . n 
A 1 88  GLY 88  164 164 GLY GLY A . n 
A 1 89  GLN 89  165 165 GLN GLN A . n 
A 1 90  PHE 90  166 166 PHE PHE A . n 
A 1 91  ASN 91  167 167 ASN ASN A . n 
A 1 92  THR 92  168 168 THR THR A . n 
A 1 93  HIS 93  169 169 HIS HIS A . n 
A 1 94  ILE 94  170 170 ILE ILE A . n 
A 1 95  PRO 95  171 171 PRO PRO A . n 
A 1 96  ILE 96  172 172 ILE ILE A . n 
A 1 97  TYR 97  173 173 TYR TYR A . n 
A 1 98  SER 98  174 174 SER SER A . n 
A 1 99  PHE 99  175 175 PHE PHE A . n 
A 1 100 ASP 100 176 176 ASP ASP A . n 
A 1 101 GLY 101 177 177 GLY GLY A . n 
A 1 102 ARG 102 178 178 ARG ARG A . n 
A 1 103 ASP 103 179 179 ASP ASP A . n 
A 1 104 VAL 104 180 180 VAL VAL A . n 
A 1 105 MET 105 181 181 MET MET A . n 
A 1 106 THR 106 182 182 THR THR A . n 
A 1 107 ASP 107 183 183 ASP ASP A . n 
A 1 108 PRO 108 184 184 PRO PRO A . n 
A 1 109 SER 109 185 185 SER SER A . n 
A 1 110 TRP 110 186 186 TRP TRP A . n 
A 1 111 PRO 111 187 187 PRO PRO A . n 
A 1 112 GLN 112 188 188 GLN GLN A . n 
A 1 113 LYS 113 189 189 LYS LYS A . n 
A 1 114 VAL 114 190 190 VAL VAL A . n 
A 1 115 VAL 115 191 191 VAL VAL A . n 
A 1 116 TRP 116 192 192 TRP TRP A . n 
A 1 117 HIS 117 193 193 HIS HIS A . n 
A 1 118 GLY 118 194 194 GLY GLY A . n 
A 1 119 SER 119 195 195 SER SER A . n 
A 1 120 ASN 120 196 196 ASN ASN A . n 
A 1 121 PRO 121 197 197 PRO PRO A . n 
A 1 122 HIS 122 198 198 HIS HIS A . n 
A 1 123 GLY 123 199 199 GLY GLY A . n 
A 1 124 VAL 124 200 200 VAL VAL A . n 
A 1 125 ARG 125 201 201 ARG ARG A . n 
A 1 126 LEU 126 202 202 LEU LEU A . n 
A 1 127 VAL 127 203 203 VAL VAL A . n 
A 1 128 ASP 128 204 204 ASP ASP A . n 
A 1 129 LYS 129 205 205 LYS LYS A . n 
A 1 130 TYR 130 206 206 TYR TYR A . n 
A 1 131 CYS 131 207 207 CYS CYS A . n 
A 1 132 GLU 132 208 208 GLU GLU A . n 
A 1 133 ALA 133 209 209 ALA ALA A . n 
A 1 134 TRP 134 210 210 TRP TRP A . n 
A 1 135 ARG 135 211 211 ARG ARG A . n 
A 1 136 THR 136 212 212 THR THR A . n 
A 1 137 THR 137 213 213 THR THR A . n 
A 1 138 ASP 138 214 214 ASP ASP A . n 
A 1 139 MET 139 215 215 MET MET A . n 
A 1 140 ALA 140 216 216 ALA ALA A . n 
A 1 141 VAL 141 217 217 VAL VAL A . n 
A 1 142 THR 142 218 218 THR THR A . n 
A 1 143 GLY 143 219 219 GLY GLY A . n 
A 1 144 PHE 144 220 220 PHE PHE A . n 
A 1 145 ALA 145 221 221 ALA ALA A . n 
A 1 146 SER 146 222 222 SER SER A . n 
A 1 147 PRO 147 223 223 PRO PRO A . n 
A 1 148 LEU 148 224 224 LEU LEU A . n 
A 1 149 SER 149 225 225 SER SER A . n 
A 1 150 THR 150 226 226 THR THR A . n 
A 1 151 GLY 151 227 227 GLY GLY A . n 
A 1 152 LYS 152 228 228 LYS LYS A . n 
A 1 153 ILE 153 229 229 ILE ILE A . n 
A 1 154 LEU 154 230 230 LEU LEU A . n 
A 1 155 ASP 155 231 231 ASP ASP A . n 
A 1 156 GLN 156 232 232 GLN GLN A . n 
A 1 157 LYS 157 233 233 LYS LYS A . n 
A 1 158 ALA 158 234 234 ALA ALA A . n 
A 1 159 TYR 159 235 235 TYR TYR A . n 
A 1 160 SER 160 236 236 SER SER A . n 
A 1 161 CYS 161 237 237 CYS CYS A . n 
A 1 162 ALA 162 238 238 ALA ALA A . n 
A 1 163 ASN 163 239 239 ASN ASN A . n 
A 1 164 ARG 164 240 240 ARG ARG A . n 
A 1 165 LEU 165 241 241 LEU LEU A . n 
A 1 166 ILE 166 242 242 ILE ILE A . n 
A 1 167 VAL 167 243 243 VAL VAL A . n 
A 1 168 LEU 168 244 244 LEU LEU A . n 
A 1 169 CYS 169 245 245 CYS CYS A . n 
A 1 170 ILE 170 246 246 ILE ILE A . n 
A 1 171 GLU 171 247 247 GLU GLU A . n 
A 1 172 ASN 172 248 248 ASN ASN A . n 
A 1 173 SER 173 249 249 SER SER A . n 
A 1 174 PHE 174 250 250 PHE PHE A . n 
A 1 175 MET 175 251 ?   ?   ?   A . n 
A 1 176 THR 176 252 ?   ?   ?   A . n 
A 1 177 ASP 177 253 ?   ?   ?   A . n 
A 1 178 THR 178 254 ?   ?   ?   A . n 
A 1 179 ARG 179 255 ?   ?   ?   A . n 
A 1 180 LYS 180 256 ?   ?   ?   A . n 
# 
loop_
_pdbx_nonpoly_scheme.asym_id 
_pdbx_nonpoly_scheme.entity_id 
_pdbx_nonpoly_scheme.mon_id 
_pdbx_nonpoly_scheme.ndb_seq_num 
_pdbx_nonpoly_scheme.pdb_seq_num 
_pdbx_nonpoly_scheme.auth_seq_num 
_pdbx_nonpoly_scheme.pdb_mon_id 
_pdbx_nonpoly_scheme.auth_mon_id 
_pdbx_nonpoly_scheme.pdb_strand_id 
_pdbx_nonpoly_scheme.pdb_ins_code 
B 2 SO4 1  401  401  SO4 SO4 A . 
C 3 HOH 1  2001 2001 HOH HOH A . 
C 3 HOH 2  2002 2002 HOH HOH A . 
C 3 HOH 3  2003 2003 HOH HOH A . 
C 3 HOH 4  2004 2004 HOH HOH A . 
C 3 HOH 5  2005 2005 HOH HOH A . 
C 3 HOH 6  2006 2006 HOH HOH A . 
C 3 HOH 7  2007 2007 HOH HOH A . 
C 3 HOH 8  2008 2008 HOH HOH A . 
C 3 HOH 9  2009 2009 HOH HOH A . 
C 3 HOH 10 2010 2010 HOH HOH A . 
C 3 HOH 11 2011 2011 HOH HOH A . 
C 3 HOH 12 2012 2012 HOH HOH A . 
C 3 HOH 13 2013 2013 HOH HOH A . 
C 3 HOH 14 2014 2014 HOH HOH A . 
C 3 HOH 15 2015 2015 HOH HOH A . 
C 3 HOH 16 2016 2016 HOH HOH A . 
C 3 HOH 17 2017 2017 HOH HOH A . 
C 3 HOH 18 2018 2018 HOH HOH A . 
C 3 HOH 19 2019 2019 HOH HOH A . 
C 3 HOH 20 2020 2020 HOH HOH A . 
C 3 HOH 21 2021 2021 HOH HOH A . 
C 3 HOH 22 2022 2022 HOH HOH A . 
C 3 HOH 23 2023 2023 HOH HOH A . 
C 3 HOH 24 2024 2024 HOH HOH A . 
C 3 HOH 25 2025 2025 HOH HOH A . 
C 3 HOH 26 2026 2026 HOH HOH A . 
C 3 HOH 27 2027 2027 HOH HOH A . 
C 3 HOH 28 2028 2028 HOH HOH A . 
C 3 HOH 29 2029 2029 HOH HOH A . 
C 3 HOH 30 2030 2030 HOH HOH A . 
C 3 HOH 31 2031 2031 HOH HOH A . 
C 3 HOH 32 2032 2032 HOH HOH A . 
C 3 HOH 33 2033 2033 HOH HOH A . 
C 3 HOH 34 2034 2034 HOH HOH A . 
C 3 HOH 35 2035 2035 HOH HOH A . 
C 3 HOH 36 2036 2036 HOH HOH A . 
C 3 HOH 37 2037 2037 HOH HOH A . 
C 3 HOH 38 2038 2038 HOH HOH A . 
C 3 HOH 39 2039 2039 HOH HOH A . 
C 3 HOH 40 2040 2040 HOH HOH A . 
C 3 HOH 41 2041 2041 HOH HOH A . 
C 3 HOH 42 2042 2042 HOH HOH A . 
C 3 HOH 43 2043 2043 HOH HOH A . 
C 3 HOH 44 2044 2044 HOH HOH A . 
C 3 HOH 45 2045 2045 HOH HOH A . 
# 
loop_
_software.name 
_software.classification 
_software.version 
_software.citation_id 
_software.pdbx_ordinal 
X-PLOR refinement       . ? 1 
MOSFLM 'data reduction' . ? 2 
SCALA  'data scaling'   . ? 3 
X-PLOR phasing          . ? 4 
# 
_cell.entry_id           1DY2 
_cell.length_a           33.550 
_cell.length_b           57.700 
_cell.length_c           71.670 
_cell.angle_alpha        90.00 
_cell.angle_beta         90.00 
_cell.angle_gamma        90.00 
_cell.Z_PDB              4 
_cell.pdbx_unique_axis   ? 
# 
_symmetry.entry_id                         1DY2 
_symmetry.space_group_name_H-M             'P 21 21 21' 
_symmetry.pdbx_full_space_group_name_H-M   ? 
_symmetry.cell_setting                     ? 
_symmetry.Int_Tables_number                19 
# 
_exptl.entry_id          1DY2 
_exptl.method            'X-RAY DIFFRACTION' 
_exptl.crystals_number   1 
# 
_exptl_crystal.id                    1 
_exptl_crystal.density_meas          ? 
_exptl_crystal.density_Matthews      ? 
_exptl_crystal.density_percent_sol   ? 
_exptl_crystal.description           ? 
# 
_exptl_crystal_grow.crystal_id      1 
_exptl_crystal_grow.method          ? 
_exptl_crystal_grow.temp            ? 
_exptl_crystal_grow.temp_details    ? 
_exptl_crystal_grow.pH              6.50 
_exptl_crystal_grow.pdbx_pH_range   ? 
_exptl_crystal_grow.pdbx_details    'pH 6.50' 
# 
_diffrn.id                     1 
_diffrn.ambient_temp           293.0 
_diffrn.ambient_temp_details   ? 
_diffrn.crystal_id             1 
# 
_diffrn_detector.diffrn_id              1 
_diffrn_detector.detector               'IMAGE PLATE' 
_diffrn_detector.type                   MARRESEARCH 
_diffrn_detector.pdbx_collection_date   1999-03-15 
_diffrn_detector.details                ? 
# 
_diffrn_radiation.diffrn_id                        1 
_diffrn_radiation.wavelength_id                    1 
_diffrn_radiation.pdbx_monochromatic_or_laue_m_l   M 
_diffrn_radiation.monochromator                    ? 
_diffrn_radiation.pdbx_diffrn_protocol             'SINGLE WAVELENGTH' 
_diffrn_radiation.pdbx_scattering_type             x-ray 
# 
_diffrn_radiation_wavelength.id           1 
_diffrn_radiation_wavelength.wavelength   1.5418 
_diffrn_radiation_wavelength.wt           1.0 
# 
_diffrn_source.diffrn_id                   1 
_diffrn_source.source                      'ROTATING ANODE' 
_diffrn_source.type                        ? 
_diffrn_source.pdbx_synchrotron_site       ? 
_diffrn_source.pdbx_synchrotron_beamline   ? 
_diffrn_source.pdbx_wavelength             1.5418 
_diffrn_source.pdbx_wavelength_list        ? 
# 
_reflns.pdbx_diffrn_id               1 
_reflns.pdbx_ordinal                 1 
_reflns.entry_id                     1DY2 
_reflns.observed_criterion_sigma_I   ? 
_reflns.observed_criterion_sigma_F   ? 
_reflns.d_resolution_low             20.000 
_reflns.d_resolution_high            2.000 
_reflns.number_obs                   9225 
_reflns.number_all                   ? 
_reflns.percent_possible_obs         97.1 
_reflns.pdbx_Rmerge_I_obs            0.06900 
_reflns.pdbx_Rsym_value              ? 
_reflns.pdbx_netI_over_sigmaI        ? 
_reflns.B_iso_Wilson_estimate        ? 
_reflns.pdbx_redundancy              4.700 
# 
_reflns_shell.pdbx_diffrn_id         1 
_reflns_shell.pdbx_ordinal           1 
_reflns_shell.d_res_high             2.00 
_reflns_shell.d_res_low              2.12 
_reflns_shell.percent_possible_all   97.2 
_reflns_shell.Rmerge_I_obs           0.15200 
_reflns_shell.pdbx_Rsym_value        ? 
_reflns_shell.meanI_over_sigI_obs    ? 
_reflns_shell.pdbx_redundancy        4.70 
# 
_refine.pdbx_refine_id                           'X-RAY DIFFRACTION' 
_refine.entry_id                                 1DY2 
_refine.pdbx_diffrn_id                           1 
_refine.pdbx_TLS_residual_ADP_flag               ? 
_refine.ls_number_reflns_obs                     9062 
_refine.ls_number_reflns_all                     ? 
_refine.pdbx_ls_sigma_I                          ? 
_refine.pdbx_ls_sigma_F                          0.0 
_refine.pdbx_data_cutoff_high_absF               ? 
_refine.pdbx_data_cutoff_low_absF                ? 
_refine.pdbx_data_cutoff_high_rms_absF           ? 
_refine.ls_d_res_low                             20.00 
_refine.ls_d_res_high                            2.00 
_refine.ls_percent_reflns_obs                    91.8 
_refine.ls_R_factor_obs                          0.200 
_refine.ls_R_factor_all                          ? 
_refine.ls_R_factor_R_work                       0.200 
_refine.ls_R_factor_R_free                       0.249 
_refine.ls_R_factor_R_free_error                 ? 
_refine.ls_R_factor_R_free_error_details         ? 
_refine.ls_percent_reflns_R_free                 10.0 
_refine.ls_number_reflns_R_free                  ? 
_refine.ls_number_parameters                     ? 
_refine.ls_number_restraints                     ? 
_refine.occupancy_min                            ? 
_refine.occupancy_max                            ? 
_refine.correlation_coeff_Fo_to_Fc               ? 
_refine.correlation_coeff_Fo_to_Fc_free          ? 
_refine.B_iso_mean                               ? 
_refine.aniso_B[1][1]                            ? 
_refine.aniso_B[2][2]                            ? 
_refine.aniso_B[3][3]                            ? 
_refine.aniso_B[1][2]                            ? 
_refine.aniso_B[1][3]                            ? 
_refine.aniso_B[2][3]                            ? 
_refine.solvent_model_details                    ? 
_refine.solvent_model_param_ksol                 ? 
_refine.solvent_model_param_bsol                 ? 
_refine.pdbx_solvent_vdw_probe_radii             ? 
_refine.pdbx_solvent_ion_probe_radii             ? 
_refine.pdbx_solvent_shrinkage_radii             ? 
_refine.pdbx_ls_cross_valid_method               THROUGHOUT 
_refine.details                                  ? 
_refine.pdbx_starting_model                      'PDB ENTRY 1KOE' 
_refine.pdbx_method_to_determine_struct          'MOLECULAR REPLACEMENT' 
_refine.pdbx_isotropic_thermal_model             'INDIVIDUAL RESTRAINED' 
_refine.pdbx_stereochemistry_target_values       ? 
_refine.pdbx_stereochem_target_val_spec_case     ? 
_refine.pdbx_R_Free_selection_details            RANDOM 
_refine.pdbx_overall_ESU_R                       ? 
_refine.pdbx_overall_ESU_R_Free                  ? 
_refine.overall_SU_ML                            ? 
_refine.pdbx_overall_phase_error                 ? 
_refine.overall_SU_B                             ? 
_refine.overall_SU_R_Cruickshank_DPI             ? 
_refine.pdbx_overall_SU_R_free_Cruickshank_DPI   ? 
_refine.pdbx_overall_SU_R_Blow_DPI               ? 
_refine.pdbx_overall_SU_R_free_Blow_DPI          ? 
# 
_refine_hist.pdbx_refine_id                   'X-RAY DIFFRACTION' 
_refine_hist.cycle_id                         LAST 
_refine_hist.pdbx_number_atoms_protein        1318 
_refine_hist.pdbx_number_atoms_nucleic_acid   0 
_refine_hist.pdbx_number_atoms_ligand         5 
_refine_hist.number_atoms_solvent             45 
_refine_hist.number_atoms_total               1368 
_refine_hist.d_res_high                       2.00 
_refine_hist.d_res_low                        20.00 
# 
loop_
_refine_ls_restr.type 
_refine_ls_restr.dev_ideal 
_refine_ls_restr.dev_ideal_target 
_refine_ls_restr.weight 
_refine_ls_restr.number 
_refine_ls_restr.pdbx_refine_id 
_refine_ls_restr.pdbx_restraint_function 
x_bond_d                0.006 ?    ? ? 'X-RAY DIFFRACTION' ? 
x_bond_d_na             ?     ?    ? ? 'X-RAY DIFFRACTION' ? 
x_bond_d_prot           ?     ?    ? ? 'X-RAY DIFFRACTION' ? 
x_angle_d               ?     ?    ? ? 'X-RAY DIFFRACTION' ? 
x_angle_d_na            ?     ?    ? ? 'X-RAY DIFFRACTION' ? 
x_angle_d_prot          ?     ?    ? ? 'X-RAY DIFFRACTION' ? 
x_angle_deg             1.5   ?    ? ? 'X-RAY DIFFRACTION' ? 
x_angle_deg_na          ?     ?    ? ? 'X-RAY DIFFRACTION' ? 
x_angle_deg_prot        ?     ?    ? ? 'X-RAY DIFFRACTION' ? 
x_dihedral_angle_d      ?     ?    ? ? 'X-RAY DIFFRACTION' ? 
x_dihedral_angle_d_na   ?     ?    ? ? 'X-RAY DIFFRACTION' ? 
x_dihedral_angle_d_prot ?     ?    ? ? 'X-RAY DIFFRACTION' ? 
x_improper_angle_d      ?     ?    ? ? 'X-RAY DIFFRACTION' ? 
x_improper_angle_d_na   ?     ?    ? ? 'X-RAY DIFFRACTION' ? 
x_improper_angle_d_prot ?     ?    ? ? 'X-RAY DIFFRACTION' ? 
x_mcbond_it             1.30  1.00 ? ? 'X-RAY DIFFRACTION' ? 
x_mcangle_it            3.80  2.00 ? ? 'X-RAY DIFFRACTION' ? 
x_scbond_it             2.00  2.00 ? ? 'X-RAY DIFFRACTION' ? 
x_scangle_it            5.70  4.00 ? ? 'X-RAY DIFFRACTION' ? 
# 
_struct.entry_id                  1DY2 
_struct.title                     'Murine collagen alpha1(XV), endostatin domain' 
_struct.pdbx_model_details        ? 
_struct.pdbx_CASP_flag            ? 
_struct.pdbx_model_type_details   ? 
# 
_struct_keywords.entry_id        1DY2 
_struct_keywords.pdbx_keywords   'ANGIOGENESIS INHIBITOR' 
_struct_keywords.text            'ANGIOGENESIS INHIBITOR' 
# 
loop_
_struct_asym.id 
_struct_asym.pdbx_blank_PDB_chainid_flag 
_struct_asym.pdbx_modified 
_struct_asym.entity_id 
_struct_asym.details 
A N N 1 ? 
B N N 2 ? 
C N N 3 ? 
# 
loop_
_struct_ref.id 
_struct_ref.db_name 
_struct_ref.db_code 
_struct_ref.entity_id 
_struct_ref.pdbx_seq_one_letter_code 
_struct_ref.pdbx_align_begin 
_struct_ref.pdbx_db_accession 
_struct_ref.pdbx_db_isoform 
1 PDB 1DY2        1 ? ? 1DY2   ? 
2 UNP COFA1_MOUSE 1 ? ? O35206 ? 
# 
loop_
_struct_ref_seq.align_id 
_struct_ref_seq.ref_id 
_struct_ref_seq.pdbx_PDB_id_code 
_struct_ref_seq.pdbx_strand_id 
_struct_ref_seq.seq_align_beg 
_struct_ref_seq.pdbx_seq_align_beg_ins_code 
_struct_ref_seq.seq_align_end 
_struct_ref_seq.pdbx_seq_align_end_ins_code 
_struct_ref_seq.pdbx_db_accession 
_struct_ref_seq.db_align_beg 
_struct_ref_seq.pdbx_db_align_beg_ins_code 
_struct_ref_seq.db_align_end 
_struct_ref_seq.pdbx_db_align_end_ins_code 
_struct_ref_seq.pdbx_auth_seq_align_beg 
_struct_ref_seq.pdbx_auth_seq_align_end 
1 1 1DY2 A 1 ? 4   ? 1DY2   77   ? 80   ? 77 80  
2 2 1DY2 A 5 ? 180 ? O35206 1192 ? 1367 ? 81 256 
# 
_pdbx_struct_assembly.id                   1 
_pdbx_struct_assembly.details              software_defined_assembly 
_pdbx_struct_assembly.method_details       PQS 
_pdbx_struct_assembly.oligomeric_details   monomeric 
_pdbx_struct_assembly.oligomeric_count     1 
# 
_pdbx_struct_assembly_gen.assembly_id       1 
_pdbx_struct_assembly_gen.oper_expression   1 
_pdbx_struct_assembly_gen.asym_id_list      A,B,C 
# 
_pdbx_struct_oper_list.id                   1 
_pdbx_struct_oper_list.type                 'identity operation' 
_pdbx_struct_oper_list.name                 1_555 
_pdbx_struct_oper_list.symmetry_operation   x,y,z 
_pdbx_struct_oper_list.matrix[1][1]         1.0000000000 
_pdbx_struct_oper_list.matrix[1][2]         0.0000000000 
_pdbx_struct_oper_list.matrix[1][3]         0.0000000000 
_pdbx_struct_oper_list.vector[1]            0.0000000000 
_pdbx_struct_oper_list.matrix[2][1]         0.0000000000 
_pdbx_struct_oper_list.matrix[2][2]         1.0000000000 
_pdbx_struct_oper_list.matrix[2][3]         0.0000000000 
_pdbx_struct_oper_list.vector[2]            0.0000000000 
_pdbx_struct_oper_list.matrix[3][1]         0.0000000000 
_pdbx_struct_oper_list.matrix[3][2]         0.0000000000 
_pdbx_struct_oper_list.matrix[3][3]         1.0000000000 
_pdbx_struct_oper_list.vector[3]            0.0000000000 
# 
_struct_biol.id        1 
_struct_biol.details   'BIOLOGICAL UNIT IS A MONOMER' 
# 
loop_
_struct_conf.conf_type_id 
_struct_conf.id 
_struct_conf.pdbx_PDB_helix_id 
_struct_conf.beg_label_comp_id 
_struct_conf.beg_label_asym_id 
_struct_conf.beg_label_seq_id 
_struct_conf.pdbx_beg_PDB_ins_code 
_struct_conf.end_label_comp_id 
_struct_conf.end_label_asym_id 
_struct_conf.end_label_seq_id 
_struct_conf.pdbx_end_PDB_ins_code 
_struct_conf.beg_auth_comp_id 
_struct_conf.beg_auth_asym_id 
_struct_conf.beg_auth_seq_id 
_struct_conf.end_auth_comp_id 
_struct_conf.end_auth_asym_id 
_struct_conf.end_auth_seq_id 
_struct_conf.pdbx_PDB_helix_class 
_struct_conf.details 
_struct_conf.pdbx_PDB_helix_length 
HELX_P HELX_P1 1 ARG A 24  ? ALA A 36  ? ARG A 100 ALA A 112 1 ? 13 
HELX_P HELX_P2 2 ASP A 52  ? VAL A 56  ? ASP A 128 VAL A 132 5 ? 5  
HELX_P HELX_P3 3 ARG A 58  ? ARG A 62  ? ARG A 134 ARG A 138 5 ? 5  
HELX_P HELX_P4 4 TRP A 79  ? SER A 84  ? TRP A 155 SER A 160 5 ? 6  
HELX_P HELX_P5 5 TYR A 130 ? ARG A 135 ? TYR A 206 ARG A 211 1 ? 6  
HELX_P HELX_P6 6 SER A 149 ? GLY A 151 ? SER A 225 GLY A 227 5 ? 3  
# 
_struct_conf_type.id          HELX_P 
_struct_conf_type.criteria    ? 
_struct_conf_type.reference   ? 
# 
loop_
_struct_conn.id 
_struct_conn.conn_type_id 
_struct_conn.pdbx_leaving_atom_flag 
_struct_conn.pdbx_PDB_id 
_struct_conn.ptnr1_label_asym_id 
_struct_conn.ptnr1_label_comp_id 
_struct_conn.ptnr1_label_seq_id 
_struct_conn.ptnr1_label_atom_id 
_struct_conn.pdbx_ptnr1_label_alt_id 
_struct_conn.pdbx_ptnr1_PDB_ins_code 
_struct_conn.pdbx_ptnr1_standard_comp_id 
_struct_conn.ptnr1_symmetry 
_struct_conn.ptnr2_label_asym_id 
_struct_conn.ptnr2_label_comp_id 
_struct_conn.ptnr2_label_seq_id 
_struct_conn.ptnr2_label_atom_id 
_struct_conn.pdbx_ptnr2_label_alt_id 
_struct_conn.pdbx_ptnr2_PDB_ins_code 
_struct_conn.ptnr1_auth_asym_id 
_struct_conn.ptnr1_auth_comp_id 
_struct_conn.ptnr1_auth_seq_id 
_struct_conn.ptnr2_auth_asym_id 
_struct_conn.ptnr2_auth_comp_id 
_struct_conn.ptnr2_auth_seq_id 
_struct_conn.ptnr2_symmetry 
_struct_conn.pdbx_ptnr3_label_atom_id 
_struct_conn.pdbx_ptnr3_label_seq_id 
_struct_conn.pdbx_ptnr3_label_comp_id 
_struct_conn.pdbx_ptnr3_label_asym_id 
_struct_conn.pdbx_ptnr3_label_alt_id 
_struct_conn.pdbx_ptnr3_PDB_ins_code 
_struct_conn.details 
_struct_conn.pdbx_dist_value 
_struct_conn.pdbx_value_order 
_struct_conn.pdbx_role 
disulf1 disulf ? ? A CYS 29  SG ? ? ? 1_555 A CYS 169 SG ? ? A CYS 105 A CYS 245 1_555 ? ? ? ? ? ? ? 2.034 ? ? 
disulf2 disulf ? ? A CYS 131 SG ? ? ? 1_555 A CYS 161 SG ? ? A CYS 207 A CYS 237 1_555 ? ? ? ? ? ? ? 2.025 ? ? 
# 
_struct_conn_type.id          disulf 
_struct_conn_type.criteria    ? 
_struct_conn_type.reference   ? 
# 
loop_
_pdbx_modification_feature.ordinal 
_pdbx_modification_feature.label_comp_id 
_pdbx_modification_feature.label_asym_id 
_pdbx_modification_feature.label_seq_id 
_pdbx_modification_feature.label_alt_id 
_pdbx_modification_feature.modified_residue_label_comp_id 
_pdbx_modification_feature.modified_residue_label_asym_id 
_pdbx_modification_feature.modified_residue_label_seq_id 
_pdbx_modification_feature.modified_residue_label_alt_id 
_pdbx_modification_feature.auth_comp_id 
_pdbx_modification_feature.auth_asym_id 
_pdbx_modification_feature.auth_seq_id 
_pdbx_modification_feature.PDB_ins_code 
_pdbx_modification_feature.symmetry 
_pdbx_modification_feature.modified_residue_auth_comp_id 
_pdbx_modification_feature.modified_residue_auth_asym_id 
_pdbx_modification_feature.modified_residue_auth_seq_id 
_pdbx_modification_feature.modified_residue_PDB_ins_code 
_pdbx_modification_feature.modified_residue_symmetry 
_pdbx_modification_feature.comp_id_linking_atom 
_pdbx_modification_feature.modified_residue_id_linking_atom 
_pdbx_modification_feature.modified_residue_id 
_pdbx_modification_feature.ref_pcm_id 
_pdbx_modification_feature.ref_comp_id 
_pdbx_modification_feature.type 
_pdbx_modification_feature.category 
1 CYS A 29  ? CYS A 169 ? CYS A 105 ? 1_555 CYS A 245 ? 1_555 SG SG . . . None 'Disulfide bridge' 
2 CYS A 131 ? CYS A 161 ? CYS A 207 ? 1_555 CYS A 237 ? 1_555 SG SG . . . None 'Disulfide bridge' 
# 
loop_
_struct_sheet.id 
_struct_sheet.type 
_struct_sheet.number_strands 
_struct_sheet.details 
A ? 5 ? 
B ? 3 ? 
# 
loop_
_struct_sheet_order.sheet_id 
_struct_sheet_order.range_id_1 
_struct_sheet_order.range_id_2 
_struct_sheet_order.offset 
_struct_sheet_order.sense 
A 1 2 ? anti-parallel 
A 2 3 ? anti-parallel 
A 3 4 ? parallel      
A 4 5 ? anti-parallel 
B 1 2 ? anti-parallel 
B 2 3 ? anti-parallel 
# 
loop_
_struct_sheet_range.sheet_id 
_struct_sheet_range.id 
_struct_sheet_range.beg_label_comp_id 
_struct_sheet_range.beg_label_asym_id 
_struct_sheet_range.beg_label_seq_id 
_struct_sheet_range.pdbx_beg_PDB_ins_code 
_struct_sheet_range.end_label_comp_id 
_struct_sheet_range.end_label_asym_id 
_struct_sheet_range.end_label_seq_id 
_struct_sheet_range.pdbx_end_PDB_ins_code 
_struct_sheet_range.beg_auth_comp_id 
_struct_sheet_range.beg_auth_asym_id 
_struct_sheet_range.beg_auth_seq_id 
_struct_sheet_range.end_auth_comp_id 
_struct_sheet_range.end_auth_asym_id 
_struct_sheet_range.end_auth_seq_id 
A 1 PHE A 42  ? ALA A 44  ? PHE A 118 ALA A 120 
A 2 LEU A 168 ? GLU A 171 ? LEU A 244 GLU A 247 
A 3 LEU A 10  ? ALA A 14  ? LEU A 86  ALA A 90  
A 4 ILE A 67  ? VAL A 68  ? ILE A 143 VAL A 144 
A 5 VAL A 74  ? PHE A 76  ? VAL A 150 PHE A 152 
B 1 VAL A 114 ? TRP A 116 ? VAL A 190 TRP A 192 
B 2 THR A 142 ? PRO A 147 ? THR A 218 PRO A 223 
B 3 LYS A 157 ? SER A 160 ? LYS A 233 SER A 236 
# 
loop_
_pdbx_struct_sheet_hbond.sheet_id 
_pdbx_struct_sheet_hbond.range_id_1 
_pdbx_struct_sheet_hbond.range_id_2 
_pdbx_struct_sheet_hbond.range_1_label_atom_id 
_pdbx_struct_sheet_hbond.range_1_label_comp_id 
_pdbx_struct_sheet_hbond.range_1_label_asym_id 
_pdbx_struct_sheet_hbond.range_1_label_seq_id 
_pdbx_struct_sheet_hbond.range_1_PDB_ins_code 
_pdbx_struct_sheet_hbond.range_1_auth_atom_id 
_pdbx_struct_sheet_hbond.range_1_auth_comp_id 
_pdbx_struct_sheet_hbond.range_1_auth_asym_id 
_pdbx_struct_sheet_hbond.range_1_auth_seq_id 
_pdbx_struct_sheet_hbond.range_2_label_atom_id 
_pdbx_struct_sheet_hbond.range_2_label_comp_id 
_pdbx_struct_sheet_hbond.range_2_label_asym_id 
_pdbx_struct_sheet_hbond.range_2_label_seq_id 
_pdbx_struct_sheet_hbond.range_2_PDB_ins_code 
_pdbx_struct_sheet_hbond.range_2_auth_atom_id 
_pdbx_struct_sheet_hbond.range_2_auth_comp_id 
_pdbx_struct_sheet_hbond.range_2_auth_asym_id 
_pdbx_struct_sheet_hbond.range_2_auth_seq_id 
A 1 2 N ARG A 43  ? N ARG A 119 O ILE A 170 ? O ILE A 246 
A 2 3 N GLU A 171 ? N GLU A 247 O HIS A 11  ? O HIS A 87  
A 3 4 N LEU A 12  ? N LEU A 88  O VAL A 68  ? O VAL A 144 
A 4 5 O ILE A 67  ? O ILE A 143 N LEU A 75  ? N LEU A 151 
B 1 2 N VAL A 115 ? N VAL A 191 O SER A 146 ? O SER A 222 
B 2 3 N ALA A 145 ? N ALA A 221 O LYS A 157 ? O LYS A 233 
# 
_struct_site.id                   AC1 
_struct_site.pdbx_evidence_code   Software 
_struct_site.pdbx_auth_asym_id    A 
_struct_site.pdbx_auth_comp_id    SO4 
_struct_site.pdbx_auth_seq_id     401 
_struct_site.pdbx_auth_ins_code   ? 
_struct_site.pdbx_num_residues    4 
_struct_site.details              'BINDING SITE FOR RESIDUE SO4 A 401' 
# 
loop_
_struct_site_gen.id 
_struct_site_gen.site_id 
_struct_site_gen.pdbx_num_res 
_struct_site_gen.label_comp_id 
_struct_site_gen.label_asym_id 
_struct_site_gen.label_seq_id 
_struct_site_gen.pdbx_auth_ins_code 
_struct_site_gen.auth_comp_id 
_struct_site_gen.auth_asym_id 
_struct_site_gen.auth_seq_id 
_struct_site_gen.label_atom_id 
_struct_site_gen.label_alt_id 
_struct_site_gen.symmetry 
_struct_site_gen.details 
1 AC1 4 ARG A 24 ? ARG A 100  . ? 1_555 ? 
2 AC1 4 ARG A 58 ? ARG A 134  . ? 1_555 ? 
3 AC1 4 LYS A 59 ? LYS A 135  . ? 1_555 ? 
4 AC1 4 HOH C .  ? HOH A 2045 . ? 1_555 ? 
# 
_pdbx_entry_details.entry_id                   1DY2 
_pdbx_entry_details.compound_details           ? 
_pdbx_entry_details.source_details             ? 
_pdbx_entry_details.nonpolymer_details         ? 
_pdbx_entry_details.sequence_details           'N-TERMINAL APLA' 
_pdbx_entry_details.has_ligand_of_interest     ? 
_pdbx_entry_details.has_protein_modification   Y 
# 
loop_
_pdbx_validate_rmsd_bond.id 
_pdbx_validate_rmsd_bond.PDB_model_num 
_pdbx_validate_rmsd_bond.auth_atom_id_1 
_pdbx_validate_rmsd_bond.auth_asym_id_1 
_pdbx_validate_rmsd_bond.auth_comp_id_1 
_pdbx_validate_rmsd_bond.auth_seq_id_1 
_pdbx_validate_rmsd_bond.PDB_ins_code_1 
_pdbx_validate_rmsd_bond.label_alt_id_1 
_pdbx_validate_rmsd_bond.auth_atom_id_2 
_pdbx_validate_rmsd_bond.auth_asym_id_2 
_pdbx_validate_rmsd_bond.auth_comp_id_2 
_pdbx_validate_rmsd_bond.auth_seq_id_2 
_pdbx_validate_rmsd_bond.PDB_ins_code_2 
_pdbx_validate_rmsd_bond.label_alt_id_2 
_pdbx_validate_rmsd_bond.bond_value 
_pdbx_validate_rmsd_bond.bond_target_value 
_pdbx_validate_rmsd_bond.bond_deviation 
_pdbx_validate_rmsd_bond.bond_standard_deviation 
_pdbx_validate_rmsd_bond.linker_flag 
1 1 CD1 A TYR 173 ? ? CE1 A TYR 173 ? ? 2.771 1.389 1.382 0.015 N 
2 1 CE2 A TYR 173 ? ? CD2 A TYR 173 ? ? 2.774 1.389 1.385 0.015 N 
# 
loop_
_pdbx_validate_rmsd_angle.id 
_pdbx_validate_rmsd_angle.PDB_model_num 
_pdbx_validate_rmsd_angle.auth_atom_id_1 
_pdbx_validate_rmsd_angle.auth_asym_id_1 
_pdbx_validate_rmsd_angle.auth_comp_id_1 
_pdbx_validate_rmsd_angle.auth_seq_id_1 
_pdbx_validate_rmsd_angle.PDB_ins_code_1 
_pdbx_validate_rmsd_angle.label_alt_id_1 
_pdbx_validate_rmsd_angle.auth_atom_id_2 
_pdbx_validate_rmsd_angle.auth_asym_id_2 
_pdbx_validate_rmsd_angle.auth_comp_id_2 
_pdbx_validate_rmsd_angle.auth_seq_id_2 
_pdbx_validate_rmsd_angle.PDB_ins_code_2 
_pdbx_validate_rmsd_angle.label_alt_id_2 
_pdbx_validate_rmsd_angle.auth_atom_id_3 
_pdbx_validate_rmsd_angle.auth_asym_id_3 
_pdbx_validate_rmsd_angle.auth_comp_id_3 
_pdbx_validate_rmsd_angle.auth_seq_id_3 
_pdbx_validate_rmsd_angle.PDB_ins_code_3 
_pdbx_validate_rmsd_angle.label_alt_id_3 
_pdbx_validate_rmsd_angle.angle_value 
_pdbx_validate_rmsd_angle.angle_target_value 
_pdbx_validate_rmsd_angle.angle_deviation 
_pdbx_validate_rmsd_angle.angle_standard_deviation 
_pdbx_validate_rmsd_angle.linker_flag 
1 1 C   A ARG 83  ? ? N   A PRO 84  ? ? CA  A PRO 84  ? ? 130.79 119.30 11.49  1.50 Y 
2 1 CG  A TYR 173 ? ? CD1 A TYR 173 ? ? CE1 A TYR 173 ? ? 61.05  121.30 -60.25 0.80 N 
3 1 CG  A TYR 173 ? ? CD2 A TYR 173 ? ? CE2 A TYR 173 ? ? 61.08  121.30 -60.22 0.80 N 
4 1 CD1 A TYR 173 ? ? CE1 A TYR 173 ? ? CZ  A TYR 173 ? ? 59.90  119.80 -59.90 0.90 N 
5 1 CZ  A TYR 173 ? ? CE2 A TYR 173 ? ? CD2 A TYR 173 ? ? 59.89  119.80 -59.91 0.90 N 
# 
loop_
_pdbx_validate_torsion.id 
_pdbx_validate_torsion.PDB_model_num 
_pdbx_validate_torsion.auth_comp_id 
_pdbx_validate_torsion.auth_asym_id 
_pdbx_validate_torsion.auth_seq_id 
_pdbx_validate_torsion.PDB_ins_code 
_pdbx_validate_torsion.label_alt_id 
_pdbx_validate_torsion.phi 
_pdbx_validate_torsion.psi 
1 1 ARG A 100 ? ? -102.78 66.52  
2 1 HIS A 193 ? ? -151.96 -33.20 
# 
loop_
_pdbx_unobs_or_zero_occ_residues.id 
_pdbx_unobs_or_zero_occ_residues.PDB_model_num 
_pdbx_unobs_or_zero_occ_residues.polymer_flag 
_pdbx_unobs_or_zero_occ_residues.occupancy_flag 
_pdbx_unobs_or_zero_occ_residues.auth_asym_id 
_pdbx_unobs_or_zero_occ_residues.auth_comp_id 
_pdbx_unobs_or_zero_occ_residues.auth_seq_id 
_pdbx_unobs_or_zero_occ_residues.PDB_ins_code 
_pdbx_unobs_or_zero_occ_residues.label_asym_id 
_pdbx_unobs_or_zero_occ_residues.label_comp_id 
_pdbx_unobs_or_zero_occ_residues.label_seq_id 
1  1 Y 1 A ALA 77  ? A ALA 1   
2  1 Y 1 A PRO 78  ? A PRO 2   
3  1 Y 1 A LEU 79  ? A LEU 3   
4  1 Y 1 A ALA 80  ? A ALA 4   
5  1 Y 1 A TYR 81  ? A TYR 5   
6  1 Y 1 A GLU 82  ? A GLU 6   
7  1 Y 1 A MET 251 ? A MET 175 
8  1 Y 1 A THR 252 ? A THR 176 
9  1 Y 1 A ASP 253 ? A ASP 177 
10 1 Y 1 A THR 254 ? A THR 178 
11 1 Y 1 A ARG 255 ? A ARG 179 
12 1 Y 1 A LYS 256 ? A LYS 180 
# 
loop_
_chem_comp_atom.comp_id 
_chem_comp_atom.atom_id 
_chem_comp_atom.type_symbol 
_chem_comp_atom.pdbx_aromatic_flag 
_chem_comp_atom.pdbx_stereo_config 
_chem_comp_atom.pdbx_ordinal 
ALA N    N N N 1   
ALA CA   C N S 2   
ALA C    C N N 3   
ALA O    O N N 4   
ALA CB   C N N 5   
ALA OXT  O N N 6   
ALA H    H N N 7   
ALA H2   H N N 8   
ALA HA   H N N 9   
ALA HB1  H N N 10  
ALA HB2  H N N 11  
ALA HB3  H N N 12  
ALA HXT  H N N 13  
ARG N    N N N 14  
ARG CA   C N S 15  
ARG C    C N N 16  
ARG O    O N N 17  
ARG CB   C N N 18  
ARG CG   C N N 19  
ARG CD   C N N 20  
ARG NE   N N N 21  
ARG CZ   C N N 22  
ARG NH1  N N N 23  
ARG NH2  N N N 24  
ARG OXT  O N N 25  
ARG H    H N N 26  
ARG H2   H N N 27  
ARG HA   H N N 28  
ARG HB2  H N N 29  
ARG HB3  H N N 30  
ARG HG2  H N N 31  
ARG HG3  H N N 32  
ARG HD2  H N N 33  
ARG HD3  H N N 34  
ARG HE   H N N 35  
ARG HH11 H N N 36  
ARG HH12 H N N 37  
ARG HH21 H N N 38  
ARG HH22 H N N 39  
ARG HXT  H N N 40  
ASN N    N N N 41  
ASN CA   C N S 42  
ASN C    C N N 43  
ASN O    O N N 44  
ASN CB   C N N 45  
ASN CG   C N N 46  
ASN OD1  O N N 47  
ASN ND2  N N N 48  
ASN OXT  O N N 49  
ASN H    H N N 50  
ASN H2   H N N 51  
ASN HA   H N N 52  
ASN HB2  H N N 53  
ASN HB3  H N N 54  
ASN HD21 H N N 55  
ASN HD22 H N N 56  
ASN HXT  H N N 57  
ASP N    N N N 58  
ASP CA   C N S 59  
ASP C    C N N 60  
ASP O    O N N 61  
ASP CB   C N N 62  
ASP CG   C N N 63  
ASP OD1  O N N 64  
ASP OD2  O N N 65  
ASP OXT  O N N 66  
ASP H    H N N 67  
ASP H2   H N N 68  
ASP HA   H N N 69  
ASP HB2  H N N 70  
ASP HB3  H N N 71  
ASP HD2  H N N 72  
ASP HXT  H N N 73  
CYS N    N N N 74  
CYS CA   C N R 75  
CYS C    C N N 76  
CYS O    O N N 77  
CYS CB   C N N 78  
CYS SG   S N N 79  
CYS OXT  O N N 80  
CYS H    H N N 81  
CYS H2   H N N 82  
CYS HA   H N N 83  
CYS HB2  H N N 84  
CYS HB3  H N N 85  
CYS HG   H N N 86  
CYS HXT  H N N 87  
GLN N    N N N 88  
GLN CA   C N S 89  
GLN C    C N N 90  
GLN O    O N N 91  
GLN CB   C N N 92  
GLN CG   C N N 93  
GLN CD   C N N 94  
GLN OE1  O N N 95  
GLN NE2  N N N 96  
GLN OXT  O N N 97  
GLN H    H N N 98  
GLN H2   H N N 99  
GLN HA   H N N 100 
GLN HB2  H N N 101 
GLN HB3  H N N 102 
GLN HG2  H N N 103 
GLN HG3  H N N 104 
GLN HE21 H N N 105 
GLN HE22 H N N 106 
GLN HXT  H N N 107 
GLU N    N N N 108 
GLU CA   C N S 109 
GLU C    C N N 110 
GLU O    O N N 111 
GLU CB   C N N 112 
GLU CG   C N N 113 
GLU CD   C N N 114 
GLU OE1  O N N 115 
GLU OE2  O N N 116 
GLU OXT  O N N 117 
GLU H    H N N 118 
GLU H2   H N N 119 
GLU HA   H N N 120 
GLU HB2  H N N 121 
GLU HB3  H N N 122 
GLU HG2  H N N 123 
GLU HG3  H N N 124 
GLU HE2  H N N 125 
GLU HXT  H N N 126 
GLY N    N N N 127 
GLY CA   C N N 128 
GLY C    C N N 129 
GLY O    O N N 130 
GLY OXT  O N N 131 
GLY H    H N N 132 
GLY H2   H N N 133 
GLY HA2  H N N 134 
GLY HA3  H N N 135 
GLY HXT  H N N 136 
HIS N    N N N 137 
HIS CA   C N S 138 
HIS C    C N N 139 
HIS O    O N N 140 
HIS CB   C N N 141 
HIS CG   C Y N 142 
HIS ND1  N Y N 143 
HIS CD2  C Y N 144 
HIS CE1  C Y N 145 
HIS NE2  N Y N 146 
HIS OXT  O N N 147 
HIS H    H N N 148 
HIS H2   H N N 149 
HIS HA   H N N 150 
HIS HB2  H N N 151 
HIS HB3  H N N 152 
HIS HD1  H N N 153 
HIS HD2  H N N 154 
HIS HE1  H N N 155 
HIS HE2  H N N 156 
HIS HXT  H N N 157 
HOH O    O N N 158 
HOH H1   H N N 159 
HOH H2   H N N 160 
ILE N    N N N 161 
ILE CA   C N S 162 
ILE C    C N N 163 
ILE O    O N N 164 
ILE CB   C N S 165 
ILE CG1  C N N 166 
ILE CG2  C N N 167 
ILE CD1  C N N 168 
ILE OXT  O N N 169 
ILE H    H N N 170 
ILE H2   H N N 171 
ILE HA   H N N 172 
ILE HB   H N N 173 
ILE HG12 H N N 174 
ILE HG13 H N N 175 
ILE HG21 H N N 176 
ILE HG22 H N N 177 
ILE HG23 H N N 178 
ILE HD11 H N N 179 
ILE HD12 H N N 180 
ILE HD13 H N N 181 
ILE HXT  H N N 182 
LEU N    N N N 183 
LEU CA   C N S 184 
LEU C    C N N 185 
LEU O    O N N 186 
LEU CB   C N N 187 
LEU CG   C N N 188 
LEU CD1  C N N 189 
LEU CD2  C N N 190 
LEU OXT  O N N 191 
LEU H    H N N 192 
LEU H2   H N N 193 
LEU HA   H N N 194 
LEU HB2  H N N 195 
LEU HB3  H N N 196 
LEU HG   H N N 197 
LEU HD11 H N N 198 
LEU HD12 H N N 199 
LEU HD13 H N N 200 
LEU HD21 H N N 201 
LEU HD22 H N N 202 
LEU HD23 H N N 203 
LEU HXT  H N N 204 
LYS N    N N N 205 
LYS CA   C N S 206 
LYS C    C N N 207 
LYS O    O N N 208 
LYS CB   C N N 209 
LYS CG   C N N 210 
LYS CD   C N N 211 
LYS CE   C N N 212 
LYS NZ   N N N 213 
LYS OXT  O N N 214 
LYS H    H N N 215 
LYS H2   H N N 216 
LYS HA   H N N 217 
LYS HB2  H N N 218 
LYS HB3  H N N 219 
LYS HG2  H N N 220 
LYS HG3  H N N 221 
LYS HD2  H N N 222 
LYS HD3  H N N 223 
LYS HE2  H N N 224 
LYS HE3  H N N 225 
LYS HZ1  H N N 226 
LYS HZ2  H N N 227 
LYS HZ3  H N N 228 
LYS HXT  H N N 229 
MET N    N N N 230 
MET CA   C N S 231 
MET C    C N N 232 
MET O    O N N 233 
MET CB   C N N 234 
MET CG   C N N 235 
MET SD   S N N 236 
MET CE   C N N 237 
MET OXT  O N N 238 
MET H    H N N 239 
MET H2   H N N 240 
MET HA   H N N 241 
MET HB2  H N N 242 
MET HB3  H N N 243 
MET HG2  H N N 244 
MET HG3  H N N 245 
MET HE1  H N N 246 
MET HE2  H N N 247 
MET HE3  H N N 248 
MET HXT  H N N 249 
PHE N    N N N 250 
PHE CA   C N S 251 
PHE C    C N N 252 
PHE O    O N N 253 
PHE CB   C N N 254 
PHE CG   C Y N 255 
PHE CD1  C Y N 256 
PHE CD2  C Y N 257 
PHE CE1  C Y N 258 
PHE CE2  C Y N 259 
PHE CZ   C Y N 260 
PHE OXT  O N N 261 
PHE H    H N N 262 
PHE H2   H N N 263 
PHE HA   H N N 264 
PHE HB2  H N N 265 
PHE HB3  H N N 266 
PHE HD1  H N N 267 
PHE HD2  H N N 268 
PHE HE1  H N N 269 
PHE HE2  H N N 270 
PHE HZ   H N N 271 
PHE HXT  H N N 272 
PRO N    N N N 273 
PRO CA   C N S 274 
PRO C    C N N 275 
PRO O    O N N 276 
PRO CB   C N N 277 
PRO CG   C N N 278 
PRO CD   C N N 279 
PRO OXT  O N N 280 
PRO H    H N N 281 
PRO HA   H N N 282 
PRO HB2  H N N 283 
PRO HB3  H N N 284 
PRO HG2  H N N 285 
PRO HG3  H N N 286 
PRO HD2  H N N 287 
PRO HD3  H N N 288 
PRO HXT  H N N 289 
SER N    N N N 290 
SER CA   C N S 291 
SER C    C N N 292 
SER O    O N N 293 
SER CB   C N N 294 
SER OG   O N N 295 
SER OXT  O N N 296 
SER H    H N N 297 
SER H2   H N N 298 
SER HA   H N N 299 
SER HB2  H N N 300 
SER HB3  H N N 301 
SER HG   H N N 302 
SER HXT  H N N 303 
SO4 S    S N N 304 
SO4 O1   O N N 305 
SO4 O2   O N N 306 
SO4 O3   O N N 307 
SO4 O4   O N N 308 
THR N    N N N 309 
THR CA   C N S 310 
THR C    C N N 311 
THR O    O N N 312 
THR CB   C N R 313 
THR OG1  O N N 314 
THR CG2  C N N 315 
THR OXT  O N N 316 
THR H    H N N 317 
THR H2   H N N 318 
THR HA   H N N 319 
THR HB   H N N 320 
THR HG1  H N N 321 
THR HG21 H N N 322 
THR HG22 H N N 323 
THR HG23 H N N 324 
THR HXT  H N N 325 
TRP N    N N N 326 
TRP CA   C N S 327 
TRP C    C N N 328 
TRP O    O N N 329 
TRP CB   C N N 330 
TRP CG   C Y N 331 
TRP CD1  C Y N 332 
TRP CD2  C Y N 333 
TRP NE1  N Y N 334 
TRP CE2  C Y N 335 
TRP CE3  C Y N 336 
TRP CZ2  C Y N 337 
TRP CZ3  C Y N 338 
TRP CH2  C Y N 339 
TRP OXT  O N N 340 
TRP H    H N N 341 
TRP H2   H N N 342 
TRP HA   H N N 343 
TRP HB2  H N N 344 
TRP HB3  H N N 345 
TRP HD1  H N N 346 
TRP HE1  H N N 347 
TRP HE3  H N N 348 
TRP HZ2  H N N 349 
TRP HZ3  H N N 350 
TRP HH2  H N N 351 
TRP HXT  H N N 352 
TYR N    N N N 353 
TYR CA   C N S 354 
TYR C    C N N 355 
TYR O    O N N 356 
TYR CB   C N N 357 
TYR CG   C Y N 358 
TYR CD1  C Y N 359 
TYR CD2  C Y N 360 
TYR CE1  C Y N 361 
TYR CE2  C Y N 362 
TYR CZ   C Y N 363 
TYR OH   O N N 364 
TYR OXT  O N N 365 
TYR H    H N N 366 
TYR H2   H N N 367 
TYR HA   H N N 368 
TYR HB2  H N N 369 
TYR HB3  H N N 370 
TYR HD1  H N N 371 
TYR HD2  H N N 372 
TYR HE1  H N N 373 
TYR HE2  H N N 374 
TYR HH   H N N 375 
TYR HXT  H N N 376 
VAL N    N N N 377 
VAL CA   C N S 378 
VAL C    C N N 379 
VAL O    O N N 380 
VAL CB   C N N 381 
VAL CG1  C N N 382 
VAL CG2  C N N 383 
VAL OXT  O N N 384 
VAL H    H N N 385 
VAL H2   H N N 386 
VAL HA   H N N 387 
VAL HB   H N N 388 
VAL HG11 H N N 389 
VAL HG12 H N N 390 
VAL HG13 H N N 391 
VAL HG21 H N N 392 
VAL HG22 H N N 393 
VAL HG23 H N N 394 
VAL HXT  H N N 395 
# 
loop_
_chem_comp_bond.comp_id 
_chem_comp_bond.atom_id_1 
_chem_comp_bond.atom_id_2 
_chem_comp_bond.value_order 
_chem_comp_bond.pdbx_aromatic_flag 
_chem_comp_bond.pdbx_stereo_config 
_chem_comp_bond.pdbx_ordinal 
ALA N   CA   sing N N 1   
ALA N   H    sing N N 2   
ALA N   H2   sing N N 3   
ALA CA  C    sing N N 4   
ALA CA  CB   sing N N 5   
ALA CA  HA   sing N N 6   
ALA C   O    doub N N 7   
ALA C   OXT  sing N N 8   
ALA CB  HB1  sing N N 9   
ALA CB  HB2  sing N N 10  
ALA CB  HB3  sing N N 11  
ALA OXT HXT  sing N N 12  
ARG N   CA   sing N N 13  
ARG N   H    sing N N 14  
ARG N   H2   sing N N 15  
ARG CA  C    sing N N 16  
ARG CA  CB   sing N N 17  
ARG CA  HA   sing N N 18  
ARG C   O    doub N N 19  
ARG C   OXT  sing N N 20  
ARG CB  CG   sing N N 21  
ARG CB  HB2  sing N N 22  
ARG CB  HB3  sing N N 23  
ARG CG  CD   sing N N 24  
ARG CG  HG2  sing N N 25  
ARG CG  HG3  sing N N 26  
ARG CD  NE   sing N N 27  
ARG CD  HD2  sing N N 28  
ARG CD  HD3  sing N N 29  
ARG NE  CZ   sing N N 30  
ARG NE  HE   sing N N 31  
ARG CZ  NH1  sing N N 32  
ARG CZ  NH2  doub N N 33  
ARG NH1 HH11 sing N N 34  
ARG NH1 HH12 sing N N 35  
ARG NH2 HH21 sing N N 36  
ARG NH2 HH22 sing N N 37  
ARG OXT HXT  sing N N 38  
ASN N   CA   sing N N 39  
ASN N   H    sing N N 40  
ASN N   H2   sing N N 41  
ASN CA  C    sing N N 42  
ASN CA  CB   sing N N 43  
ASN CA  HA   sing N N 44  
ASN C   O    doub N N 45  
ASN C   OXT  sing N N 46  
ASN CB  CG   sing N N 47  
ASN CB  HB2  sing N N 48  
ASN CB  HB3  sing N N 49  
ASN CG  OD1  doub N N 50  
ASN CG  ND2  sing N N 51  
ASN ND2 HD21 sing N N 52  
ASN ND2 HD22 sing N N 53  
ASN OXT HXT  sing N N 54  
ASP N   CA   sing N N 55  
ASP N   H    sing N N 56  
ASP N   H2   sing N N 57  
ASP CA  C    sing N N 58  
ASP CA  CB   sing N N 59  
ASP CA  HA   sing N N 60  
ASP C   O    doub N N 61  
ASP C   OXT  sing N N 62  
ASP CB  CG   sing N N 63  
ASP CB  HB2  sing N N 64  
ASP CB  HB3  sing N N 65  
ASP CG  OD1  doub N N 66  
ASP CG  OD2  sing N N 67  
ASP OD2 HD2  sing N N 68  
ASP OXT HXT  sing N N 69  
CYS N   CA   sing N N 70  
CYS N   H    sing N N 71  
CYS N   H2   sing N N 72  
CYS CA  C    sing N N 73  
CYS CA  CB   sing N N 74  
CYS CA  HA   sing N N 75  
CYS C   O    doub N N 76  
CYS C   OXT  sing N N 77  
CYS CB  SG   sing N N 78  
CYS CB  HB2  sing N N 79  
CYS CB  HB3  sing N N 80  
CYS SG  HG   sing N N 81  
CYS OXT HXT  sing N N 82  
GLN N   CA   sing N N 83  
GLN N   H    sing N N 84  
GLN N   H2   sing N N 85  
GLN CA  C    sing N N 86  
GLN CA  CB   sing N N 87  
GLN CA  HA   sing N N 88  
GLN C   O    doub N N 89  
GLN C   OXT  sing N N 90  
GLN CB  CG   sing N N 91  
GLN CB  HB2  sing N N 92  
GLN CB  HB3  sing N N 93  
GLN CG  CD   sing N N 94  
GLN CG  HG2  sing N N 95  
GLN CG  HG3  sing N N 96  
GLN CD  OE1  doub N N 97  
GLN CD  NE2  sing N N 98  
GLN NE2 HE21 sing N N 99  
GLN NE2 HE22 sing N N 100 
GLN OXT HXT  sing N N 101 
GLU N   CA   sing N N 102 
GLU N   H    sing N N 103 
GLU N   H2   sing N N 104 
GLU CA  C    sing N N 105 
GLU CA  CB   sing N N 106 
GLU CA  HA   sing N N 107 
GLU C   O    doub N N 108 
GLU C   OXT  sing N N 109 
GLU CB  CG   sing N N 110 
GLU CB  HB2  sing N N 111 
GLU CB  HB3  sing N N 112 
GLU CG  CD   sing N N 113 
GLU CG  HG2  sing N N 114 
GLU CG  HG3  sing N N 115 
GLU CD  OE1  doub N N 116 
GLU CD  OE2  sing N N 117 
GLU OE2 HE2  sing N N 118 
GLU OXT HXT  sing N N 119 
GLY N   CA   sing N N 120 
GLY N   H    sing N N 121 
GLY N   H2   sing N N 122 
GLY CA  C    sing N N 123 
GLY CA  HA2  sing N N 124 
GLY CA  HA3  sing N N 125 
GLY C   O    doub N N 126 
GLY C   OXT  sing N N 127 
GLY OXT HXT  sing N N 128 
HIS N   CA   sing N N 129 
HIS N   H    sing N N 130 
HIS N   H2   sing N N 131 
HIS CA  C    sing N N 132 
HIS CA  CB   sing N N 133 
HIS CA  HA   sing N N 134 
HIS C   O    doub N N 135 
HIS C   OXT  sing N N 136 
HIS CB  CG   sing N N 137 
HIS CB  HB2  sing N N 138 
HIS CB  HB3  sing N N 139 
HIS CG  ND1  sing Y N 140 
HIS CG  CD2  doub Y N 141 
HIS ND1 CE1  doub Y N 142 
HIS ND1 HD1  sing N N 143 
HIS CD2 NE2  sing Y N 144 
HIS CD2 HD2  sing N N 145 
HIS CE1 NE2  sing Y N 146 
HIS CE1 HE1  sing N N 147 
HIS NE2 HE2  sing N N 148 
HIS OXT HXT  sing N N 149 
HOH O   H1   sing N N 150 
HOH O   H2   sing N N 151 
ILE N   CA   sing N N 152 
ILE N   H    sing N N 153 
ILE N   H2   sing N N 154 
ILE CA  C    sing N N 155 
ILE CA  CB   sing N N 156 
ILE CA  HA   sing N N 157 
ILE C   O    doub N N 158 
ILE C   OXT  sing N N 159 
ILE CB  CG1  sing N N 160 
ILE CB  CG2  sing N N 161 
ILE CB  HB   sing N N 162 
ILE CG1 CD1  sing N N 163 
ILE CG1 HG12 sing N N 164 
ILE CG1 HG13 sing N N 165 
ILE CG2 HG21 sing N N 166 
ILE CG2 HG22 sing N N 167 
ILE CG2 HG23 sing N N 168 
ILE CD1 HD11 sing N N 169 
ILE CD1 HD12 sing N N 170 
ILE CD1 HD13 sing N N 171 
ILE OXT HXT  sing N N 172 
LEU N   CA   sing N N 173 
LEU N   H    sing N N 174 
LEU N   H2   sing N N 175 
LEU CA  C    sing N N 176 
LEU CA  CB   sing N N 177 
LEU CA  HA   sing N N 178 
LEU C   O    doub N N 179 
LEU C   OXT  sing N N 180 
LEU CB  CG   sing N N 181 
LEU CB  HB2  sing N N 182 
LEU CB  HB3  sing N N 183 
LEU CG  CD1  sing N N 184 
LEU CG  CD2  sing N N 185 
LEU CG  HG   sing N N 186 
LEU CD1 HD11 sing N N 187 
LEU CD1 HD12 sing N N 188 
LEU CD1 HD13 sing N N 189 
LEU CD2 HD21 sing N N 190 
LEU CD2 HD22 sing N N 191 
LEU CD2 HD23 sing N N 192 
LEU OXT HXT  sing N N 193 
LYS N   CA   sing N N 194 
LYS N   H    sing N N 195 
LYS N   H2   sing N N 196 
LYS CA  C    sing N N 197 
LYS CA  CB   sing N N 198 
LYS CA  HA   sing N N 199 
LYS C   O    doub N N 200 
LYS C   OXT  sing N N 201 
LYS CB  CG   sing N N 202 
LYS CB  HB2  sing N N 203 
LYS CB  HB3  sing N N 204 
LYS CG  CD   sing N N 205 
LYS CG  HG2  sing N N 206 
LYS CG  HG3  sing N N 207 
LYS CD  CE   sing N N 208 
LYS CD  HD2  sing N N 209 
LYS CD  HD3  sing N N 210 
LYS CE  NZ   sing N N 211 
LYS CE  HE2  sing N N 212 
LYS CE  HE3  sing N N 213 
LYS NZ  HZ1  sing N N 214 
LYS NZ  HZ2  sing N N 215 
LYS NZ  HZ3  sing N N 216 
LYS OXT HXT  sing N N 217 
MET N   CA   sing N N 218 
MET N   H    sing N N 219 
MET N   H2   sing N N 220 
MET CA  C    sing N N 221 
MET CA  CB   sing N N 222 
MET CA  HA   sing N N 223 
MET C   O    doub N N 224 
MET C   OXT  sing N N 225 
MET CB  CG   sing N N 226 
MET CB  HB2  sing N N 227 
MET CB  HB3  sing N N 228 
MET CG  SD   sing N N 229 
MET CG  HG2  sing N N 230 
MET CG  HG3  sing N N 231 
MET SD  CE   sing N N 232 
MET CE  HE1  sing N N 233 
MET CE  HE2  sing N N 234 
MET CE  HE3  sing N N 235 
MET OXT HXT  sing N N 236 
PHE N   CA   sing N N 237 
PHE N   H    sing N N 238 
PHE N   H2   sing N N 239 
PHE CA  C    sing N N 240 
PHE CA  CB   sing N N 241 
PHE CA  HA   sing N N 242 
PHE C   O    doub N N 243 
PHE C   OXT  sing N N 244 
PHE CB  CG   sing N N 245 
PHE CB  HB2  sing N N 246 
PHE CB  HB3  sing N N 247 
PHE CG  CD1  doub Y N 248 
PHE CG  CD2  sing Y N 249 
PHE CD1 CE1  sing Y N 250 
PHE CD1 HD1  sing N N 251 
PHE CD2 CE2  doub Y N 252 
PHE CD2 HD2  sing N N 253 
PHE CE1 CZ   doub Y N 254 
PHE CE1 HE1  sing N N 255 
PHE CE2 CZ   sing Y N 256 
PHE CE2 HE2  sing N N 257 
PHE CZ  HZ   sing N N 258 
PHE OXT HXT  sing N N 259 
PRO N   CA   sing N N 260 
PRO N   CD   sing N N 261 
PRO N   H    sing N N 262 
PRO CA  C    sing N N 263 
PRO CA  CB   sing N N 264 
PRO CA  HA   sing N N 265 
PRO C   O    doub N N 266 
PRO C   OXT  sing N N 267 
PRO CB  CG   sing N N 268 
PRO CB  HB2  sing N N 269 
PRO CB  HB3  sing N N 270 
PRO CG  CD   sing N N 271 
PRO CG  HG2  sing N N 272 
PRO CG  HG3  sing N N 273 
PRO CD  HD2  sing N N 274 
PRO CD  HD3  sing N N 275 
PRO OXT HXT  sing N N 276 
SER N   CA   sing N N 277 
SER N   H    sing N N 278 
SER N   H2   sing N N 279 
SER CA  C    sing N N 280 
SER CA  CB   sing N N 281 
SER CA  HA   sing N N 282 
SER C   O    doub N N 283 
SER C   OXT  sing N N 284 
SER CB  OG   sing N N 285 
SER CB  HB2  sing N N 286 
SER CB  HB3  sing N N 287 
SER OG  HG   sing N N 288 
SER OXT HXT  sing N N 289 
SO4 S   O1   doub N N 290 
SO4 S   O2   doub N N 291 
SO4 S   O3   sing N N 292 
SO4 S   O4   sing N N 293 
THR N   CA   sing N N 294 
THR N   H    sing N N 295 
THR N   H2   sing N N 296 
THR CA  C    sing N N 297 
THR CA  CB   sing N N 298 
THR CA  HA   sing N N 299 
THR C   O    doub N N 300 
THR C   OXT  sing N N 301 
THR CB  OG1  sing N N 302 
THR CB  CG2  sing N N 303 
THR CB  HB   sing N N 304 
THR OG1 HG1  sing N N 305 
THR CG2 HG21 sing N N 306 
THR CG2 HG22 sing N N 307 
THR CG2 HG23 sing N N 308 
THR OXT HXT  sing N N 309 
TRP N   CA   sing N N 310 
TRP N   H    sing N N 311 
TRP N   H2   sing N N 312 
TRP CA  C    sing N N 313 
TRP CA  CB   sing N N 314 
TRP CA  HA   sing N N 315 
TRP C   O    doub N N 316 
TRP C   OXT  sing N N 317 
TRP CB  CG   sing N N 318 
TRP CB  HB2  sing N N 319 
TRP CB  HB3  sing N N 320 
TRP CG  CD1  doub Y N 321 
TRP CG  CD2  sing Y N 322 
TRP CD1 NE1  sing Y N 323 
TRP CD1 HD1  sing N N 324 
TRP CD2 CE2  doub Y N 325 
TRP CD2 CE3  sing Y N 326 
TRP NE1 CE2  sing Y N 327 
TRP NE1 HE1  sing N N 328 
TRP CE2 CZ2  sing Y N 329 
TRP CE3 CZ3  doub Y N 330 
TRP CE3 HE3  sing N N 331 
TRP CZ2 CH2  doub Y N 332 
TRP CZ2 HZ2  sing N N 333 
TRP CZ3 CH2  sing Y N 334 
TRP CZ3 HZ3  sing N N 335 
TRP CH2 HH2  sing N N 336 
TRP OXT HXT  sing N N 337 
TYR N   CA   sing N N 338 
TYR N   H    sing N N 339 
TYR N   H2   sing N N 340 
TYR CA  C    sing N N 341 
TYR CA  CB   sing N N 342 
TYR CA  HA   sing N N 343 
TYR C   O    doub N N 344 
TYR C   OXT  sing N N 345 
TYR CB  CG   sing N N 346 
TYR CB  HB2  sing N N 347 
TYR CB  HB3  sing N N 348 
TYR CG  CD1  doub Y N 349 
TYR CG  CD2  sing Y N 350 
TYR CD1 CE1  sing Y N 351 
TYR CD1 HD1  sing N N 352 
TYR CD2 CE2  doub Y N 353 
TYR CD2 HD2  sing N N 354 
TYR CE1 CZ   doub Y N 355 
TYR CE1 HE1  sing N N 356 
TYR CE2 CZ   sing Y N 357 
TYR CE2 HE2  sing N N 358 
TYR CZ  OH   sing N N 359 
TYR OH  HH   sing N N 360 
TYR OXT HXT  sing N N 361 
VAL N   CA   sing N N 362 
VAL N   H    sing N N 363 
VAL N   H2   sing N N 364 
VAL CA  C    sing N N 365 
VAL CA  CB   sing N N 366 
VAL CA  HA   sing N N 367 
VAL C   O    doub N N 368 
VAL C   OXT  sing N N 369 
VAL CB  CG1  sing N N 370 
VAL CB  CG2  sing N N 371 
VAL CB  HB   sing N N 372 
VAL CG1 HG11 sing N N 373 
VAL CG1 HG12 sing N N 374 
VAL CG1 HG13 sing N N 375 
VAL CG2 HG21 sing N N 376 
VAL CG2 HG22 sing N N 377 
VAL CG2 HG23 sing N N 378 
VAL OXT HXT  sing N N 379 
# 
_pdbx_initial_refinement_model.id               1 
_pdbx_initial_refinement_model.entity_id_list   ? 
_pdbx_initial_refinement_model.type             'experimental model' 
_pdbx_initial_refinement_model.source_name      PDB 
_pdbx_initial_refinement_model.accession_code   1KOE 
_pdbx_initial_refinement_model.details          'PDB ENTRY 1KOE' 
# 
_atom_sites.entry_id                    1DY2 
_atom_sites.fract_transf_matrix[1][1]   0.02423522 
_atom_sites.fract_transf_matrix[1][2]   -0.01627324 
_atom_sites.fract_transf_matrix[1][3]   0.00601941 
_atom_sites.fract_transf_matrix[2][1]   0.00588965 
_atom_sites.fract_transf_matrix[2][2]   0.00283396 
_atom_sites.fract_transf_matrix[2][3]   -0.01605130 
_atom_sites.fract_transf_matrix[3][1]   0.00659468 
_atom_sites.fract_transf_matrix[3][2]   0.01146505 
_atom_sites.fract_transf_matrix[3][3]   0.00444399 
_atom_sites.fract_transf_vector[1]      0.464873 
_atom_sites.fract_transf_vector[2]      0.484427 
_atom_sites.fract_transf_vector[3]      0.080782 
# 
loop_
_atom_type.symbol 
C 
N 
O 
S 
# 
loop_
_atom_site.group_PDB 
_atom_site.id 
_atom_site.type_symbol 
_atom_site.label_atom_id 
_atom_site.label_alt_id 
_atom_site.label_comp_id 
_atom_site.label_asym_id 
_atom_site.label_entity_id 
_atom_site.label_seq_id 
_atom_site.pdbx_PDB_ins_code 
_atom_site.Cartn_x 
_atom_site.Cartn_y 
_atom_site.Cartn_z 
_atom_site.occupancy 
_atom_site.B_iso_or_equiv 
_atom_site.pdbx_formal_charge 
_atom_site.auth_seq_id 
_atom_site.auth_comp_id 
_atom_site.auth_asym_id 
_atom_site.auth_atom_id 
_atom_site.pdbx_PDB_model_num 
ATOM   1    N N   . ARG A 1 7   ? -1.473  -21.780 -9.690  1.00 38.79 ? 83   ARG A N   1 
ATOM   2    C CA  . ARG A 1 7   ? -0.102  -21.222 -9.459  1.00 36.85 ? 83   ARG A CA  1 
ATOM   3    C C   . ARG A 1 7   ? -0.193  -19.930 -8.628  1.00 34.56 ? 83   ARG A C   1 
ATOM   4    O O   . ARG A 1 7   ? -0.462  -18.856 -9.161  1.00 34.81 ? 83   ARG A O   1 
ATOM   5    C CB  . ARG A 1 7   ? 0.599   -20.940 -10.793 1.00 38.27 ? 83   ARG A CB  1 
ATOM   6    C CG  . ARG A 1 7   ? 2.112   -20.865 -10.670 1.00 42.45 ? 83   ARG A CG  1 
ATOM   7    C CD  . ARG A 1 7   ? 2.782   -22.009 -11.419 1.00 44.57 ? 83   ARG A CD  1 
ATOM   8    N NE  . ARG A 1 7   ? 3.248   -21.592 -12.740 1.00 45.98 ? 83   ARG A NE  1 
ATOM   9    C CZ  . ARG A 1 7   ? 4.523   -21.602 -13.122 1.00 45.14 ? 83   ARG A CZ  1 
ATOM   10   N NH1 . ARG A 1 7   ? 5.466   -22.019 -12.284 1.00 44.90 ? 83   ARG A NH1 1 
ATOM   11   N NH2 . ARG A 1 7   ? 4.863   -21.153 -14.323 1.00 45.72 ? 83   ARG A NH2 1 
ATOM   12   N N   . PRO A 1 8   ? 0.062   -20.030 -7.310  1.00 31.58 ? 84   PRO A N   1 
ATOM   13   C CA  . PRO A 1 8   ? 0.051   -19.012 -6.248  1.00 26.42 ? 84   PRO A CA  1 
ATOM   14   C C   . PRO A 1 8   ? 0.783   -17.667 -6.401  1.00 20.35 ? 84   PRO A C   1 
ATOM   15   O O   . PRO A 1 8   ? 1.992   -17.615 -6.619  1.00 18.88 ? 84   PRO A O   1 
ATOM   16   C CB  . PRO A 1 8   ? 0.577   -19.793 -5.044  1.00 27.69 ? 84   PRO A CB  1 
ATOM   17   C CG  . PRO A 1 8   ? 0.111   -21.180 -5.310  1.00 30.93 ? 84   PRO A CG  1 
ATOM   18   C CD  . PRO A 1 8   ? 0.476   -21.329 -6.755  1.00 31.23 ? 84   PRO A CD  1 
ATOM   19   N N   . VAL A 1 9   ? 0.025   -16.589 -6.157  1.00 16.10 ? 85   VAL A N   1 
ATOM   20   C CA  . VAL A 1 9   ? 0.503   -15.201 -6.188  1.00 14.16 ? 85   VAL A CA  1 
ATOM   21   C C   . VAL A 1 9   ? -0.449  -14.386 -5.332  1.00 11.35 ? 85   VAL A C   1 
ATOM   22   O O   . VAL A 1 9   ? -1.544  -14.834 -5.024  1.00 12.26 ? 85   VAL A O   1 
ATOM   23   C CB  . VAL A 1 9   ? 0.508   -14.570 -7.606  1.00 13.18 ? 85   VAL A CB  1 
ATOM   24   C CG1 . VAL A 1 9   ? 1.577   -15.218 -8.456  1.00 11.40 ? 85   VAL A CG1 1 
ATOM   25   C CG2 . VAL A 1 9   ? -0.859  -14.692 -8.267  1.00 10.82 ? 85   VAL A CG2 1 
ATOM   26   N N   . LEU A 1 10  ? -0.014  -13.208 -4.904  1.00 8.47  ? 86   LEU A N   1 
ATOM   27   C CA  . LEU A 1 10  ? -0.857  -12.338 -4.110  1.00 8.80  ? 86   LEU A CA  1 
ATOM   28   C C   . LEU A 1 10  ? -0.906  -11.036 -4.889  1.00 8.00  ? 86   LEU A C   1 
ATOM   29   O O   . LEU A 1 10  ? 0.121   -10.577 -5.385  1.00 7.25  ? 86   LEU A O   1 
ATOM   30   C CB  . LEU A 1 10  ? -0.241  -12.113 -2.731  1.00 10.32 ? 86   LEU A CB  1 
ATOM   31   C CG  . LEU A 1 10  ? -0.108  -13.313 -1.787  1.00 9.76  ? 86   LEU A CG  1 
ATOM   32   C CD1 . LEU A 1 10  ? 0.616   -12.862 -0.535  1.00 8.25  ? 86   LEU A CD1 1 
ATOM   33   C CD2 . LEU A 1 10  ? -1.475  -13.888 -1.431  1.00 7.49  ? 86   LEU A CD2 1 
ATOM   34   N N   . HIS A 1 11  ? -2.087  -10.438 -5.001  1.00 7.51  ? 87   HIS A N   1 
ATOM   35   C CA  . HIS A 1 11  ? -2.241  -9.196  -5.755  1.00 6.46  ? 87   HIS A CA  1 
ATOM   36   C C   . HIS A 1 11  ? -2.195  -7.927  -4.911  1.00 5.68  ? 87   HIS A C   1 
ATOM   37   O O   . HIS A 1 11  ? -2.787  -7.855  -3.828  1.00 7.95  ? 87   HIS A O   1 
ATOM   38   C CB  . HIS A 1 11  ? -3.539  -9.216  -6.565  1.00 6.89  ? 87   HIS A CB  1 
ATOM   39   C CG  . HIS A 1 11  ? -3.611  -10.329 -7.566  1.00 4.82  ? 87   HIS A CG  1 
ATOM   40   N ND1 . HIS A 1 11  ? -3.896  -11.632 -7.216  1.00 5.51  ? 87   HIS A ND1 1 
ATOM   41   C CD2 . HIS A 1 11  ? -3.423  -10.336 -8.907  1.00 7.00  ? 87   HIS A CD2 1 
ATOM   42   C CE1 . HIS A 1 11  ? -3.878  -12.394 -8.294  1.00 4.85  ? 87   HIS A CE1 1 
ATOM   43   N NE2 . HIS A 1 11  ? -3.594  -11.632 -9.335  1.00 7.51  ? 87   HIS A NE2 1 
ATOM   44   N N   . LEU A 1 12  ? -1.474  -6.931  -5.418  1.00 6.06  ? 88   LEU A N   1 
ATOM   45   C CA  . LEU A 1 12  ? -1.337  -5.628  -4.773  1.00 3.81  ? 88   LEU A CA  1 
ATOM   46   C C   . LEU A 1 12  ? -2.036  -4.665  -5.724  1.00 4.74  ? 88   LEU A C   1 
ATOM   47   O O   . LEU A 1 12  ? -1.619  -4.512  -6.881  1.00 5.44  ? 88   LEU A O   1 
ATOM   48   C CB  . LEU A 1 12  ? 0.144   -5.255  -4.623  1.00 2.00  ? 88   LEU A CB  1 
ATOM   49   C CG  . LEU A 1 12  ? 0.480   -3.939  -3.919  1.00 2.00  ? 88   LEU A CG  1 
ATOM   50   C CD1 . LEU A 1 12  ? 0.125   -4.023  -2.444  1.00 2.67  ? 88   LEU A CD1 1 
ATOM   51   C CD2 . LEU A 1 12  ? 1.963   -3.641  -4.092  1.00 4.31  ? 88   LEU A CD2 1 
ATOM   52   N N   . VAL A 1 13  ? -3.116  -4.051  -5.247  1.00 6.03  ? 89   VAL A N   1 
ATOM   53   C CA  . VAL A 1 13  ? -3.929  -3.142  -6.050  1.00 7.65  ? 89   VAL A CA  1 
ATOM   54   C C   . VAL A 1 13  ? -4.205  -1.822  -5.314  1.00 8.34  ? 89   VAL A C   1 
ATOM   55   O O   . VAL A 1 13  ? -4.373  -1.809  -4.092  1.00 10.01 ? 89   VAL A O   1 
ATOM   56   C CB  . VAL A 1 13  ? -5.271  -3.835  -6.416  1.00 9.14  ? 89   VAL A CB  1 
ATOM   57   C CG1 . VAL A 1 13  ? -6.100  -2.947  -7.310  1.00 9.31  ? 89   VAL A CG1 1 
ATOM   58   C CG2 . VAL A 1 13  ? -5.008  -5.163  -7.118  1.00 12.34 ? 89   VAL A CG2 1 
ATOM   59   N N   . ALA A 1 14  ? -4.259  -0.723  -6.061  1.00 5.48  ? 90   ALA A N   1 
ATOM   60   C CA  . ALA A 1 14  ? -4.501  0.596   -5.482  1.00 3.62  ? 90   ALA A CA  1 
ATOM   61   C C   . ALA A 1 14  ? -5.980  0.976   -5.379  1.00 5.07  ? 90   ALA A C   1 
ATOM   62   O O   . ALA A 1 14  ? -6.815  0.479   -6.148  1.00 3.74  ? 90   ALA A O   1 
ATOM   63   C CB  . ALA A 1 14  ? -3.766  1.655   -6.293  1.00 2.00  ? 90   ALA A CB  1 
ATOM   64   N N   . LEU A 1 15  ? -6.301  1.851   -4.424  1.00 4.59  ? 91   LEU A N   1 
ATOM   65   C CA  . LEU A 1 15  ? -7.671  2.347   -4.281  1.00 5.21  ? 91   LEU A CA  1 
ATOM   66   C C   . LEU A 1 15  ? -7.907  3.208   -5.520  1.00 6.88  ? 91   LEU A C   1 
ATOM   67   O O   . LEU A 1 15  ? -6.964  3.783   -6.073  1.00 6.75  ? 91   LEU A O   1 
ATOM   68   C CB  . LEU A 1 15  ? -7.844  3.196   -3.018  1.00 3.92  ? 91   LEU A CB  1 
ATOM   69   C CG  . LEU A 1 15  ? -7.839  2.486   -1.660  1.00 4.51  ? 91   LEU A CG  1 
ATOM   70   C CD1 . LEU A 1 15  ? -8.186  3.482   -0.561  1.00 4.33  ? 91   LEU A CD1 1 
ATOM   71   C CD2 . LEU A 1 15  ? -8.849  1.346   -1.664  1.00 5.36  ? 91   LEU A CD2 1 
ATOM   72   N N   . ASN A 1 16  ? -9.166  3.326   -5.925  1.00 7.32  ? 92   ASN A N   1 
ATOM   73   C CA  . ASN A 1 16  ? -9.546  4.065   -7.123  1.00 5.80  ? 92   ASN A CA  1 
ATOM   74   C C   . ASN A 1 16  ? -9.358  5.574   -7.105  1.00 7.36  ? 92   ASN A C   1 
ATOM   75   O O   . ASN A 1 16  ? -9.433  6.222   -8.155  1.00 6.76  ? 92   ASN A O   1 
ATOM   76   C CB  . ASN A 1 16  ? -10.977 3.704   -7.514  1.00 7.32  ? 92   ASN A CB  1 
ATOM   77   C CG  . ASN A 1 16  ? -11.123 2.240   -7.911  1.00 7.53  ? 92   ASN A CG  1 
ATOM   78   O OD1 . ASN A 1 16  ? -10.189 1.627   -8.434  1.00 9.92  ? 92   ASN A OD1 1 
ATOM   79   N ND2 . ASN A 1 16  ? -12.296 1.676   -7.670  1.00 7.87  ? 92   ASN A ND2 1 
ATOM   80   N N   . THR A 1 17  ? -9.138  6.143   -5.924  1.00 6.49  ? 93   THR A N   1 
ATOM   81   C CA  . THR A 1 17  ? -8.927  7.582   -5.811  1.00 6.84  ? 93   THR A CA  1 
ATOM   82   C C   . THR A 1 17  ? -7.861  7.828   -4.754  1.00 8.55  ? 93   THR A C   1 
ATOM   83   O O   . THR A 1 17  ? -7.601  6.958   -3.916  1.00 9.14  ? 93   THR A O   1 
ATOM   84   C CB  . THR A 1 17  ? -10.206 8.325   -5.330  1.00 8.95  ? 93   THR A CB  1 
ATOM   85   O OG1 . THR A 1 17  ? -10.442 8.025   -3.951  1.00 11.19 ? 93   THR A OG1 1 
ATOM   86   C CG2 . THR A 1 17  ? -11.428 7.934   -6.150  1.00 7.52  ? 93   THR A CG2 1 
ATOM   87   N N   . PRO A 1 18  ? -7.160  8.971   -4.838  1.00 8.57  ? 94   PRO A N   1 
ATOM   88   C CA  . PRO A 1 18  ? -6.132  9.292   -3.846  1.00 9.68  ? 94   PRO A CA  1 
ATOM   89   C C   . PRO A 1 18  ? -6.928  9.680   -2.597  1.00 11.74 ? 94   PRO A C   1 
ATOM   90   O O   . PRO A 1 18  ? -8.023  10.232  -2.721  1.00 11.77 ? 94   PRO A O   1 
ATOM   91   C CB  . PRO A 1 18  ? -5.455  10.527  -4.438  1.00 8.85  ? 94   PRO A CB  1 
ATOM   92   C CG  . PRO A 1 18  ? -5.725  10.435  -5.896  1.00 9.59  ? 94   PRO A CG  1 
ATOM   93   C CD  . PRO A 1 18  ? -7.140  9.938   -5.946  1.00 9.87  ? 94   PRO A CD  1 
ATOM   94   N N   . VAL A 1 19  ? -6.401  9.412   -1.408  1.00 11.28 ? 95   VAL A N   1 
ATOM   95   C CA  . VAL A 1 19  ? -7.120  9.736   -0.177  1.00 10.11 ? 95   VAL A CA  1 
ATOM   96   C C   . VAL A 1 19  ? -6.228  10.413  0.862   1.00 9.57  ? 95   VAL A C   1 
ATOM   97   O O   . VAL A 1 19  ? -5.009  10.186  0.894   1.00 7.04  ? 95   VAL A O   1 
ATOM   98   C CB  . VAL A 1 19  ? -7.745  8.463   0.455   1.00 12.05 ? 95   VAL A CB  1 
ATOM   99   C CG1 . VAL A 1 19  ? -8.756  7.830   -0.495  1.00 9.94  ? 95   VAL A CG1 1 
ATOM   100  C CG2 . VAL A 1 19  ? -6.660  7.459   0.807   1.00 11.49 ? 95   VAL A CG2 1 
ATOM   101  N N   . ALA A 1 20  ? -6.831  11.273  1.680   1.00 9.13  ? 96   ALA A N   1 
ATOM   102  C CA  . ALA A 1 20  ? -6.099  11.972  2.729   1.00 9.14  ? 96   ALA A CA  1 
ATOM   103  C C   . ALA A 1 20  ? -5.945  11.047  3.931   1.00 9.94  ? 96   ALA A C   1 
ATOM   104  O O   . ALA A 1 20  ? -6.397  9.905   3.906   1.00 10.44 ? 96   ALA A O   1 
ATOM   105  C CB  . ALA A 1 20  ? -6.812  13.255  3.125   1.00 10.66 ? 96   ALA A CB  1 
ATOM   106  N N   . GLY A 1 21  ? -5.351  11.571  4.997   1.00 10.77 ? 97   GLY A N   1 
ATOM   107  C CA  . GLY A 1 21  ? -5.098  10.790  6.195   1.00 11.56 ? 97   GLY A CA  1 
ATOM   108  C C   . GLY A 1 21  ? -6.248  10.234  7.007   1.00 13.14 ? 97   GLY A C   1 
ATOM   109  O O   . GLY A 1 21  ? -6.012  9.453   7.929   1.00 12.46 ? 97   GLY A O   1 
ATOM   110  N N   . ASP A 1 22  ? -7.473  10.660  6.722   1.00 13.12 ? 98   ASP A N   1 
ATOM   111  C CA  . ASP A 1 22  ? -8.636  10.170  7.449   1.00 14.43 ? 98   ASP A CA  1 
ATOM   112  C C   . ASP A 1 22  ? -9.255  9.094   6.564   1.00 15.41 ? 98   ASP A C   1 
ATOM   113  O O   . ASP A 1 22  ? -10.075 9.394   5.690   1.00 16.85 ? 98   ASP A O   1 
ATOM   114  C CB  . ASP A 1 22  ? -9.622  11.318  7.672   1.00 14.51 ? 98   ASP A CB  1 
ATOM   115  C CG  . ASP A 1 22  ? -10.640 11.021  8.754   1.00 17.07 ? 98   ASP A CG  1 
ATOM   116  O OD1 . ASP A 1 22  ? -10.930 9.836   9.024   1.00 12.02 ? 98   ASP A OD1 1 
ATOM   117  O OD2 . ASP A 1 22  ? -11.150 11.994  9.340   1.00 23.74 ? 98   ASP A OD2 1 
ATOM   118  N N   . ILE A 1 23  ? -8.834  7.848   6.757   1.00 15.02 ? 99   ILE A N   1 
ATOM   119  C CA  . ILE A 1 23  ? -9.326  6.749   5.932   1.00 15.80 ? 99   ILE A CA  1 
ATOM   120  C C   . ILE A 1 23  ? -9.784  5.527   6.696   1.00 16.15 ? 99   ILE A C   1 
ATOM   121  O O   . ILE A 1 23  ? -9.160  5.090   7.660   1.00 16.57 ? 99   ILE A O   1 
ATOM   122  C CB  . ILE A 1 23  ? -8.248  6.199   4.963   1.00 18.75 ? 99   ILE A CB  1 
ATOM   123  C CG1 . ILE A 1 23  ? -7.040  7.130   4.886   1.00 22.94 ? 99   ILE A CG1 1 
ATOM   124  C CG2 . ILE A 1 23  ? -8.861  5.936   3.595   1.00 18.79 ? 99   ILE A CG2 1 
ATOM   125  C CD1 . ILE A 1 23  ? -5.796  6.461   4.340   1.00 26.85 ? 99   ILE A CD1 1 
ATOM   126  N N   . ARG A 1 24  ? -10.824 4.914   6.156   1.00 15.27 ? 100  ARG A N   1 
ATOM   127  C CA  . ARG A 1 24  ? -11.393 3.688   6.682   1.00 15.13 ? 100  ARG A CA  1 
ATOM   128  C C   . ARG A 1 24  ? -10.814 2.683   5.676   1.00 12.50 ? 100  ARG A C   1 
ATOM   129  O O   . ARG A 1 24  ? -11.533 2.104   4.862   1.00 10.28 ? 100  ARG A O   1 
ATOM   130  C CB  . ARG A 1 24  ? -12.909 3.782   6.555   1.00 22.86 ? 100  ARG A CB  1 
ATOM   131  C CG  . ARG A 1 24  ? -13.673 2.619   7.111   1.00 31.86 ? 100  ARG A CG  1 
ATOM   132  C CD  . ARG A 1 24  ? -13.716 2.646   8.615   1.00 38.07 ? 100  ARG A CD  1 
ATOM   133  N NE  . ARG A 1 24  ? -14.685 1.676   9.117   1.00 43.64 ? 100  ARG A NE  1 
ATOM   134  C CZ  . ARG A 1 24  ? -14.932 1.481   10.408  1.00 46.47 ? 100  ARG A CZ  1 
ATOM   135  N NH1 . ARG A 1 24  ? -14.266 2.186   11.307  1.00 49.96 ? 100  ARG A NH1 1 
ATOM   136  N NH2 . ARG A 1 24  ? -15.847 0.601   10.799  1.00 45.65 ? 100  ARG A NH2 1 
ATOM   137  N N   . ALA A 1 25  ? -9.491  2.537   5.722   1.00 10.57 ? 101  ALA A N   1 
ATOM   138  C CA  . ALA A 1 25  ? -8.717  1.694   4.804   1.00 9.74  ? 101  ALA A CA  1 
ATOM   139  C C   . ALA A 1 25  ? -9.180  0.281   4.467   1.00 9.09  ? 101  ALA A C   1 
ATOM   140  O O   . ALA A 1 25  ? -9.421  -0.027  3.300   1.00 7.87  ? 101  ALA A O   1 
ATOM   141  C CB  . ALA A 1 25  ? -7.250  1.680   5.220   1.00 12.16 ? 101  ALA A CB  1 
ATOM   142  N N   . ASP A 1 26  ? -9.241  -0.602  5.456   1.00 9.65  ? 102  ASP A N   1 
ATOM   143  C CA  . ASP A 1 26  ? -9.672  -1.970  5.196   1.00 12.02 ? 102  ASP A CA  1 
ATOM   144  C C   . ASP A 1 26  ? -11.068 -2.029  4.573   1.00 10.92 ? 102  ASP A C   1 
ATOM   145  O O   . ASP A 1 26  ? -11.329 -2.857  3.703   1.00 10.14 ? 102  ASP A O   1 
ATOM   146  C CB  . ASP A 1 26  ? -9.636  -2.810  6.478   1.00 16.60 ? 102  ASP A CB  1 
ATOM   147  C CG  . ASP A 1 26  ? -8.216  -3.152  6.918   1.00 19.94 ? 102  ASP A CG  1 
ATOM   148  O OD1 . ASP A 1 26  ? -7.302  -3.116  6.072   1.00 13.12 ? 102  ASP A OD1 1 
ATOM   149  O OD2 . ASP A 1 26  ? -8.018  -3.475  8.110   1.00 24.40 ? 102  ASP A OD2 1 
ATOM   150  N N   . PHE A 1 27  ? -11.944 -1.119  4.983   1.00 9.23  ? 103  PHE A N   1 
ATOM   151  C CA  . PHE A 1 27  ? -13.308 -1.074  4.465   1.00 10.17 ? 103  PHE A CA  1 
ATOM   152  C C   . PHE A 1 27  ? -13.297 -0.678  2.983   1.00 7.96  ? 103  PHE A C   1 
ATOM   153  O O   . PHE A 1 27  ? -13.994 -1.282  2.167   1.00 9.22  ? 103  PHE A O   1 
ATOM   154  C CB  . PHE A 1 27  ? -14.146 -0.103  5.314   1.00 9.91  ? 103  PHE A CB  1 
ATOM   155  C CG  . PHE A 1 27  ? -15.442 0.347   4.667   1.00 13.93 ? 103  PHE A CG  1 
ATOM   156  C CD1 . PHE A 1 27  ? -16.625 -0.372  4.843   1.00 16.89 ? 103  PHE A CD1 1 
ATOM   157  C CD2 . PHE A 1 27  ? -15.484 1.532   3.934   1.00 13.77 ? 103  PHE A CD2 1 
ATOM   158  C CE1 . PHE A 1 27  ? -17.830 0.090   4.298   1.00 12.58 ? 103  PHE A CE1 1 
ATOM   159  C CE2 . PHE A 1 27  ? -16.679 1.997   3.389   1.00 12.72 ? 103  PHE A CE2 1 
ATOM   160  C CZ  . PHE A 1 27  ? -17.852 1.277   3.571   1.00 12.51 ? 103  PHE A CZ  1 
ATOM   161  N N   . GLN A 1 28  ? -12.487 0.320   2.647   1.00 7.15  ? 104  GLN A N   1 
ATOM   162  C CA  . GLN A 1 28  ? -12.375 0.790   1.272   1.00 6.07  ? 104  GLN A CA  1 
ATOM   163  C C   . GLN A 1 28  ? -11.822 -0.299  0.354   1.00 6.15  ? 104  GLN A C   1 
ATOM   164  O O   . GLN A 1 28  ? -12.334 -0.495  -0.742  1.00 6.18  ? 104  GLN A O   1 
ATOM   165  C CB  . GLN A 1 28  ? -11.516 2.054   1.204   1.00 8.11  ? 104  GLN A CB  1 
ATOM   166  C CG  . GLN A 1 28  ? -12.255 3.346   1.597   1.00 11.53 ? 104  GLN A CG  1 
ATOM   167  C CD  . GLN A 1 28  ? -13.372 3.724   0.620   1.00 15.29 ? 104  GLN A CD  1 
ATOM   168  O OE1 . GLN A 1 28  ? -13.362 3.335   -0.550  1.00 17.00 ? 104  GLN A OE1 1 
ATOM   169  N NE2 . GLN A 1 28  ? -14.337 4.491   1.103   1.00 16.30 ? 104  GLN A NE2 1 
ATOM   170  N N   . CYS A 1 29  ? -10.807 -1.027  0.820   1.00 4.94  ? 105  CYS A N   1 
ATOM   171  C CA  . CYS A 1 29  ? -10.207 -2.115  0.042   1.00 4.74  ? 105  CYS A CA  1 
ATOM   172  C C   . CYS A 1 29  ? -11.248 -3.200  -0.251  1.00 3.76  ? 105  CYS A C   1 
ATOM   173  O O   . CYS A 1 29  ? -11.361 -3.679  -1.379  1.00 4.45  ? 105  CYS A O   1 
ATOM   174  C CB  . CYS A 1 29  ? -9.022  -2.743  0.794   1.00 6.08  ? 105  CYS A CB  1 
ATOM   175  S SG  . CYS A 1 29  ? -7.501  -1.741  0.910   1.00 7.27  ? 105  CYS A SG  1 
ATOM   176  N N   . PHE A 1 30  ? -12.012 -3.569  0.775   1.00 4.06  ? 106  PHE A N   1 
ATOM   177  C CA  . PHE A 1 30  ? -13.053 -4.587  0.672   1.00 3.66  ? 106  PHE A CA  1 
ATOM   178  C C   . PHE A 1 30  ? -14.166 -4.184  -0.306  1.00 3.26  ? 106  PHE A C   1 
ATOM   179  O O   . PHE A 1 30  ? -14.559 -4.964  -1.182  1.00 2.00  ? 106  PHE A O   1 
ATOM   180  C CB  . PHE A 1 30  ? -13.632 -4.840  2.069   1.00 3.32  ? 106  PHE A CB  1 
ATOM   181  C CG  . PHE A 1 30  ? -14.853 -5.712  2.083   1.00 9.15  ? 106  PHE A CG  1 
ATOM   182  C CD1 . PHE A 1 30  ? -14.817 -6.998  1.560   1.00 12.26 ? 106  PHE A CD1 1 
ATOM   183  C CD2 . PHE A 1 30  ? -16.043 -5.249  2.636   1.00 11.28 ? 106  PHE A CD2 1 
ATOM   184  C CE1 . PHE A 1 30  ? -15.946 -7.811  1.589   1.00 12.02 ? 106  PHE A CE1 1 
ATOM   185  C CE2 . PHE A 1 30  ? -17.177 -6.060  2.667   1.00 13.60 ? 106  PHE A CE2 1 
ATOM   186  C CZ  . PHE A 1 30  ? -17.127 -7.342  2.143   1.00 10.88 ? 106  PHE A CZ  1 
ATOM   187  N N   . GLN A 1 31  ? -14.659 -2.961  -0.157  1.00 5.03  ? 107  GLN A N   1 
ATOM   188  C CA  . GLN A 1 31  ? -15.740 -2.462  -0.997  1.00 6.21  ? 107  GLN A CA  1 
ATOM   189  C C   . GLN A 1 31  ? -15.340 -2.323  -2.458  1.00 5.51  ? 107  GLN A C   1 
ATOM   190  O O   . GLN A 1 31  ? -16.056 -2.774  -3.348  1.00 7.52  ? 107  GLN A O   1 
ATOM   191  C CB  . GLN A 1 31  ? -16.268 -1.131  -0.448  1.00 6.43  ? 107  GLN A CB  1 
ATOM   192  C CG  . GLN A 1 31  ? -16.879 -1.224  0.946   1.00 4.57  ? 107  GLN A CG  1 
ATOM   193  C CD  . GLN A 1 31  ? -18.132 -2.084  1.006   1.00 12.98 ? 107  GLN A CD  1 
ATOM   194  O OE1 . GLN A 1 31  ? -18.739 -2.412  -0.015  1.00 13.32 ? 107  GLN A OE1 1 
ATOM   195  N NE2 . GLN A 1 31  ? -18.538 -2.436  2.219   1.00 12.35 ? 107  GLN A NE2 1 
ATOM   196  N N   . GLN A 1 32  ? -14.193 -1.705  -2.710  1.00 5.67  ? 108  GLN A N   1 
ATOM   197  C CA  . GLN A 1 32  ? -13.726 -1.532  -4.079  1.00 5.67  ? 108  GLN A CA  1 
ATOM   198  C C   . GLN A 1 32  ? -13.326 -2.868  -4.719  1.00 5.39  ? 108  GLN A C   1 
ATOM   199  O O   . GLN A 1 32  ? -13.503 -3.061  -5.924  1.00 5.36  ? 108  GLN A O   1 
ATOM   200  C CB  . GLN A 1 32  ? -12.593 -0.511  -4.127  1.00 3.24  ? 108  GLN A CB  1 
ATOM   201  C CG  . GLN A 1 32  ? -13.044 0.873   -3.690  1.00 3.69  ? 108  GLN A CG  1 
ATOM   202  C CD  . GLN A 1 32  ? -11.985 1.933   -3.889  1.00 6.81  ? 108  GLN A CD  1 
ATOM   203  O OE1 . GLN A 1 32  ? -11.065 1.770   -4.686  1.00 7.36  ? 108  GLN A OE1 1 
ATOM   204  N NE2 . GLN A 1 32  ? -12.122 3.042   -3.183  1.00 10.05 ? 108  GLN A NE2 1 
ATOM   205  N N   . ALA A 1 33  ? -12.816 -3.792  -3.913  1.00 4.38  ? 109  ALA A N   1 
ATOM   206  C CA  . ALA A 1 33  ? -12.445 -5.111  -4.414  1.00 4.91  ? 109  ALA A CA  1 
ATOM   207  C C   . ALA A 1 33  ? -13.708 -5.807  -4.898  1.00 4.51  ? 109  ALA A C   1 
ATOM   208  O O   . ALA A 1 33  ? -13.731 -6.369  -5.992  1.00 5.66  ? 109  ALA A O   1 
ATOM   209  C CB  . ALA A 1 33  ? -11.792 -5.938  -3.310  1.00 4.21  ? 109  ALA A CB  1 
ATOM   210  N N   . ARG A 1 34  ? -14.758 -5.763  -4.081  1.00 6.70  ? 110  ARG A N   1 
ATOM   211  C CA  . ARG A 1 34  ? -16.028 -6.398  -4.430  1.00 8.90  ? 110  ARG A CA  1 
ATOM   212  C C   . ARG A 1 34  ? -16.693 -5.703  -5.616  1.00 8.70  ? 110  ARG A C   1 
ATOM   213  O O   . ARG A 1 34  ? -17.308 -6.360  -6.459  1.00 8.63  ? 110  ARG A O   1 
ATOM   214  C CB  . ARG A 1 34  ? -16.977 -6.429  -3.227  1.00 11.02 ? 110  ARG A CB  1 
ATOM   215  C CG  . ARG A 1 34  ? -16.508 -7.315  -2.072  1.00 15.97 ? 110  ARG A CG  1 
ATOM   216  C CD  . ARG A 1 34  ? -16.503 -8.792  -2.428  1.00 15.88 ? 110  ARG A CD  1 
ATOM   217  N NE  . ARG A 1 34  ? -16.250 -9.629  -1.248  1.00 25.41 ? 110  ARG A NE  1 
ATOM   218  C CZ  . ARG A 1 34  ? -15.040 -9.917  -0.756  1.00 32.37 ? 110  ARG A CZ  1 
ATOM   219  N NH1 . ARG A 1 34  ? -13.946 -9.442  -1.346  1.00 28.30 ? 110  ARG A NH1 1 
ATOM   220  N NH2 . ARG A 1 34  ? -14.924 -10.637 0.362   1.00 29.66 ? 110  ARG A NH2 1 
ATOM   221  N N   . ALA A 1 35  ? -16.552 -4.382  -5.688  1.00 10.01 ? 111  ALA A N   1 
ATOM   222  C CA  . ALA A 1 35  ? -17.126 -3.607  -6.790  1.00 9.81  ? 111  ALA A CA  1 
ATOM   223  C C   . ALA A 1 35  ? -16.473 -4.022  -8.105  1.00 9.85  ? 111  ALA A C   1 
ATOM   224  O O   . ALA A 1 35  ? -17.072 -3.894  -9.169  1.00 9.87  ? 111  ALA A O   1 
ATOM   225  C CB  . ALA A 1 35  ? -16.930 -2.111  -6.548  1.00 10.17 ? 111  ALA A CB  1 
ATOM   226  N N   . ALA A 1 36  ? -15.238 -4.514  -8.020  1.00 10.40 ? 112  ALA A N   1 
ATOM   227  C CA  . ALA A 1 36  ? -14.505 -4.961  -9.201  1.00 9.87  ? 112  ALA A CA  1 
ATOM   228  C C   . ALA A 1 36  ? -14.720 -6.458  -9.456  1.00 9.86  ? 112  ALA A C   1 
ATOM   229  O O   . ALA A 1 36  ? -14.124 -7.030  -10.365 1.00 12.25 ? 112  ALA A O   1 
ATOM   230  C CB  . ALA A 1 36  ? -13.019 -4.654  -9.043  1.00 9.41  ? 112  ALA A CB  1 
ATOM   231  N N   . GLY A 1 37  ? -15.566 -7.087  -8.646  1.00 7.59  ? 113  GLY A N   1 
ATOM   232  C CA  . GLY A 1 37  ? -15.848 -8.501  -8.811  1.00 6.21  ? 113  GLY A CA  1 
ATOM   233  C C   . GLY A 1 37  ? -14.867 -9.454  -8.154  1.00 6.01  ? 113  GLY A C   1 
ATOM   234  O O   . GLY A 1 37  ? -14.929 -10.657 -8.392  1.00 8.25  ? 113  GLY A O   1 
ATOM   235  N N   . LEU A 1 38  ? -13.970 -8.933  -7.322  1.00 6.63  ? 114  LEU A N   1 
ATOM   236  C CA  . LEU A 1 38  ? -12.977 -9.764  -6.641  1.00 7.17  ? 114  LEU A CA  1 
ATOM   237  C C   . LEU A 1 38  ? -13.527 -10.230 -5.301  1.00 8.23  ? 114  LEU A C   1 
ATOM   238  O O   . LEU A 1 38  ? -13.940 -9.416  -4.476  1.00 10.43 ? 114  LEU A O   1 
ATOM   239  C CB  . LEU A 1 38  ? -11.681 -8.975  -6.443  1.00 5.51  ? 114  LEU A CB  1 
ATOM   240  C CG  . LEU A 1 38  ? -11.116 -8.368  -7.733  1.00 6.05  ? 114  LEU A CG  1 
ATOM   241  C CD1 . LEU A 1 38  ? -9.878  -7.546  -7.449  1.00 5.05  ? 114  LEU A CD1 1 
ATOM   242  C CD2 . LEU A 1 38  ? -10.820 -9.478  -8.728  1.00 6.95  ? 114  LEU A CD2 1 
ATOM   243  N N   . LEU A 1 39  ? -13.522 -11.543 -5.085  1.00 9.04  ? 115  LEU A N   1 
ATOM   244  C CA  . LEU A 1 39  ? -14.036 -12.137 -3.854  1.00 10.30 ? 115  LEU A CA  1 
ATOM   245  C C   . LEU A 1 39  ? -12.969 -12.492 -2.809  1.00 11.81 ? 115  LEU A C   1 
ATOM   246  O O   . LEU A 1 39  ? -13.288 -13.000 -1.733  1.00 12.34 ? 115  LEU A O   1 
ATOM   247  C CB  . LEU A 1 39  ? -14.887 -13.371 -4.184  1.00 9.04  ? 115  LEU A CB  1 
ATOM   248  C CG  . LEU A 1 39  ? -16.085 -13.120 -5.110  1.00 14.29 ? 115  LEU A CG  1 
ATOM   249  C CD1 . LEU A 1 39  ? -16.790 -14.430 -5.407  1.00 14.40 ? 115  LEU A CD1 1 
ATOM   250  C CD2 . LEU A 1 39  ? -17.050 -12.128 -4.476  1.00 17.98 ? 115  LEU A CD2 1 
ATOM   251  N N   . SER A 1 40  ? -11.706 -12.230 -3.122  1.00 13.27 ? 116  SER A N   1 
ATOM   252  C CA  . SER A 1 40  ? -10.622 -12.528 -2.195  1.00 14.68 ? 116  SER A CA  1 
ATOM   253  C C   . SER A 1 40  ? -10.488 -11.459 -1.109  1.00 14.57 ? 116  SER A C   1 
ATOM   254  O O   . SER A 1 40  ? -11.039 -10.358 -1.234  1.00 13.70 ? 116  SER A O   1 
ATOM   255  C CB  . SER A 1 40  ? -9.310  -12.715 -2.957  1.00 16.96 ? 116  SER A CB  1 
ATOM   256  O OG  . SER A 1 40  ? -9.224  -11.828 -4.063  1.00 24.65 ? 116  SER A OG  1 
ATOM   257  N N   . THR A 1 41  ? -9.796  -11.803 -0.028  1.00 14.39 ? 117  THR A N   1 
ATOM   258  C CA  . THR A 1 41  ? -9.617  -10.890 1.091   1.00 13.59 ? 117  THR A CA  1 
ATOM   259  C C   . THR A 1 41  ? -8.490  -9.889  0.905   1.00 13.29 ? 117  THR A C   1 
ATOM   260  O O   . THR A 1 41  ? -7.306  -10.243 0.911   1.00 13.34 ? 117  THR A O   1 
ATOM   261  C CB  . THR A 1 41  ? -9.393  -11.656 2.402   1.00 14.79 ? 117  THR A CB  1 
ATOM   262  O OG1 . THR A 1 41  ? -10.426 -12.634 2.556   1.00 19.42 ? 117  THR A OG1 1 
ATOM   263  C CG2 . THR A 1 41  ? -9.433  -10.704 3.595   1.00 15.59 ? 117  THR A CG2 1 
ATOM   264  N N   . PHE A 1 42  ? -8.878  -8.633  0.744   1.00 12.48 ? 118  PHE A N   1 
ATOM   265  C CA  . PHE A 1 42  ? -7.933  -7.552  0.582   1.00 10.62 ? 118  PHE A CA  1 
ATOM   266  C C   . PHE A 1 42  ? -7.885  -6.746  1.873   1.00 11.65 ? 118  PHE A C   1 
ATOM   267  O O   . PHE A 1 42  ? -8.923  -6.471  2.479   1.00 10.94 ? 118  PHE A O   1 
ATOM   268  C CB  . PHE A 1 42  ? -8.344  -6.653  -0.586  1.00 7.04  ? 118  PHE A CB  1 
ATOM   269  C CG  . PHE A 1 42  ? -7.982  -7.205  -1.933  1.00 6.24  ? 118  PHE A CG  1 
ATOM   270  C CD1 . PHE A 1 42  ? -8.846  -8.064  -2.608  1.00 4.52  ? 118  PHE A CD1 1 
ATOM   271  C CD2 . PHE A 1 42  ? -6.772  -6.862  -2.533  1.00 4.44  ? 118  PHE A CD2 1 
ATOM   272  C CE1 . PHE A 1 42  ? -8.509  -8.569  -3.860  1.00 5.55  ? 118  PHE A CE1 1 
ATOM   273  C CE2 . PHE A 1 42  ? -6.426  -7.358  -3.783  1.00 3.08  ? 118  PHE A CE2 1 
ATOM   274  C CZ  . PHE A 1 42  ? -7.295  -8.214  -4.448  1.00 6.22  ? 118  PHE A CZ  1 
ATOM   275  N N   . ARG A 1 43  ? -6.674  -6.411  2.305   1.00 9.31  ? 119  ARG A N   1 
ATOM   276  C CA  . ARG A 1 43  ? -6.441  -5.620  3.512   1.00 8.25  ? 119  ARG A CA  1 
ATOM   277  C C   . ARG A 1 43  ? -5.568  -4.445  3.081   1.00 6.11  ? 119  ARG A C   1 
ATOM   278  O O   . ARG A 1 43  ? -4.900  -4.520  2.045   1.00 3.96  ? 119  ARG A O   1 
ATOM   279  C CB  . ARG A 1 43  ? -5.717  -6.460  4.573   1.00 12.02 ? 119  ARG A CB  1 
ATOM   280  C CG  . ARG A 1 43  ? -6.551  -7.597  5.161   1.00 15.68 ? 119  ARG A CG  1 
ATOM   281  C CD  . ARG A 1 43  ? -7.658  -7.076  6.067   1.00 17.44 ? 119  ARG A CD  1 
ATOM   282  N NE  . ARG A 1 43  ? -8.580  -8.142  6.459   1.00 29.69 ? 119  ARG A NE  1 
ATOM   283  C CZ  . ARG A 1 43  ? -9.758  -7.938  7.046   1.00 35.97 ? 119  ARG A CZ  1 
ATOM   284  N NH1 . ARG A 1 43  ? -10.167 -6.701  7.312   1.00 40.81 ? 119  ARG A NH1 1 
ATOM   285  N NH2 . ARG A 1 43  ? -10.529 -8.974  7.363   1.00 34.83 ? 119  ARG A NH2 1 
ATOM   286  N N   . ALA A 1 44  ? -5.587  -3.356  3.841   1.00 3.75  ? 120  ALA A N   1 
ATOM   287  C CA  . ALA A 1 44  ? -4.795  -2.181  3.494   1.00 5.47  ? 120  ALA A CA  1 
ATOM   288  C C   . ALA A 1 44  ? -3.307  -2.377  3.703   1.00 5.21  ? 120  ALA A C   1 
ATOM   289  O O   . ALA A 1 44  ? -2.879  -2.956  4.695   1.00 6.12  ? 120  ALA A O   1 
ATOM   290  C CB  . ALA A 1 44  ? -5.266  -0.965  4.277   1.00 6.06  ? 120  ALA A CB  1 
ATOM   291  N N   . PHE A 1 45  ? -2.526  -1.862  2.763   1.00 3.92  ? 121  PHE A N   1 
ATOM   292  C CA  . PHE A 1 45  ? -1.069  -1.926  2.818   1.00 5.69  ? 121  PHE A CA  1 
ATOM   293  C C   . PHE A 1 45  ? -0.636  -0.737  3.690   1.00 5.81  ? 121  PHE A C   1 
ATOM   294  O O   . PHE A 1 45  ? -0.084  0.252   3.200   1.00 4.72  ? 121  PHE A O   1 
ATOM   295  C CB  . PHE A 1 45  ? -0.508  -1.792  1.402   1.00 3.88  ? 121  PHE A CB  1 
ATOM   296  C CG  . PHE A 1 45  ? 0.972   -2.008  1.304   1.00 8.29  ? 121  PHE A CG  1 
ATOM   297  C CD1 . PHE A 1 45  ? 1.493   -3.297  1.242   1.00 10.54 ? 121  PHE A CD1 1 
ATOM   298  C CD2 . PHE A 1 45  ? 1.847   -0.928  1.240   1.00 9.77  ? 121  PHE A CD2 1 
ATOM   299  C CE1 . PHE A 1 45  ? 2.859   -3.507  1.117   1.00 7.96  ? 121  PHE A CE1 1 
ATOM   300  C CE2 . PHE A 1 45  ? 3.221   -1.131  1.114   1.00 11.73 ? 121  PHE A CE2 1 
ATOM   301  C CZ  . PHE A 1 45  ? 3.723   -2.425  1.052   1.00 9.47  ? 121  PHE A CZ  1 
ATOM   302  N N   . LEU A 1 46  ? -0.918  -0.834  4.985   1.00 6.19  ? 122  LEU A N   1 
ATOM   303  C CA  . LEU A 1 46  ? -0.596  0.232   5.926   1.00 5.90  ? 122  LEU A CA  1 
ATOM   304  C C   . LEU A 1 46  ? -0.341  -0.312  7.322   1.00 6.94  ? 122  LEU A C   1 
ATOM   305  O O   . LEU A 1 46  ? -0.761  -1.415  7.648   1.00 8.46  ? 122  LEU A O   1 
ATOM   306  C CB  . LEU A 1 46  ? -1.788  1.191   6.043   1.00 7.99  ? 122  LEU A CB  1 
ATOM   307  C CG  . LEU A 1 46  ? -2.240  2.073   4.884   1.00 12.02 ? 122  LEU A CG  1 
ATOM   308  C CD1 . LEU A 1 46  ? -3.633  2.624   5.173   1.00 13.61 ? 122  LEU A CD1 1 
ATOM   309  C CD2 . LEU A 1 46  ? -1.243  3.202   4.701   1.00 8.21  ? 122  LEU A CD2 1 
ATOM   310  N N   . SER A 1 47  ? 0.374   0.464   8.127   1.00 6.90  ? 123  SER A N   1 
ATOM   311  C CA  . SER A 1 47  ? 0.613   0.124   9.520   1.00 6.77  ? 123  SER A CA  1 
ATOM   312  C C   . SER A 1 47  ? -0.430  0.996   10.221  1.00 9.43  ? 123  SER A C   1 
ATOM   313  O O   . SER A 1 47  ? -0.755  2.086   9.735   1.00 8.98  ? 123  SER A O   1 
ATOM   314  C CB  . SER A 1 47  ? 2.014   0.549   9.974   1.00 5.74  ? 123  SER A CB  1 
ATOM   315  O OG  . SER A 1 47  ? 2.980   -0.478  9.782   1.00 6.43  ? 123  SER A OG  1 
ATOM   316  N N   . SER A 1 48  ? -0.987  0.520   11.327  1.00 11.13 ? 124  SER A N   1 
ATOM   317  C CA  . SER A 1 48  ? -1.976  1.304   12.051  1.00 12.53 ? 124  SER A CA  1 
ATOM   318  C C   . SER A 1 48  ? -1.957  0.980   13.533  1.00 12.68 ? 124  SER A C   1 
ATOM   319  O O   . SER A 1 48  ? -0.982  0.425   14.041  1.00 12.51 ? 124  SER A O   1 
ATOM   320  C CB  . SER A 1 48  ? -3.376  1.105   11.458  1.00 18.17 ? 124  SER A CB  1 
ATOM   321  O OG  . SER A 1 48  ? -3.659  -0.268  11.257  1.00 27.18 ? 124  SER A OG  1 
ATOM   322  N N   . HIS A 1 49  ? -3.007  1.384   14.235  1.00 13.15 ? 125  HIS A N   1 
ATOM   323  C CA  . HIS A 1 49  ? -3.103  1.138   15.665  1.00 12.06 ? 125  HIS A CA  1 
ATOM   324  C C   . HIS A 1 49  ? -2.875  -0.341  15.957  1.00 10.19 ? 125  HIS A C   1 
ATOM   325  O O   . HIS A 1 49  ? -3.645  -1.190  15.516  1.00 8.80  ? 125  HIS A O   1 
ATOM   326  C CB  . HIS A 1 49  ? -4.484  1.561   16.180  1.00 10.60 ? 125  HIS A CB  1 
ATOM   327  C CG  . HIS A 1 49  ? -4.633  1.446   17.664  1.00 13.80 ? 125  HIS A CG  1 
ATOM   328  N ND1 . HIS A 1 49  ? -4.212  2.431   18.531  1.00 15.70 ? 125  HIS A ND1 1 
ATOM   329  C CD2 . HIS A 1 49  ? -5.151  0.462   18.436  1.00 12.75 ? 125  HIS A CD2 1 
ATOM   330  C CE1 . HIS A 1 49  ? -4.465  2.061   19.773  1.00 17.01 ? 125  HIS A CE1 1 
ATOM   331  N NE2 . HIS A 1 49  ? -5.035  0.871   19.741  1.00 15.47 ? 125  HIS A NE2 1 
ATOM   332  N N   . LEU A 1 50  ? -1.799  -0.639  16.679  1.00 10.16 ? 126  LEU A N   1 
ATOM   333  C CA  . LEU A 1 50  ? -1.467  -2.014  17.044  1.00 11.96 ? 126  LEU A CA  1 
ATOM   334  C C   . LEU A 1 50  ? -1.472  -2.986  15.868  1.00 12.37 ? 126  LEU A C   1 
ATOM   335  O O   . LEU A 1 50  ? -1.921  -4.121  15.997  1.00 13.59 ? 126  LEU A O   1 
ATOM   336  C CB  . LEU A 1 50  ? -2.414  -2.523  18.139  1.00 10.80 ? 126  LEU A CB  1 
ATOM   337  C CG  . LEU A 1 50  ? -2.374  -1.802  19.489  1.00 7.92  ? 126  LEU A CG  1 
ATOM   338  C CD1 . LEU A 1 50  ? -3.265  -2.537  20.469  1.00 7.70  ? 126  LEU A CD1 1 
ATOM   339  C CD2 . LEU A 1 50  ? -0.951  -1.736  20.021  1.00 8.85  ? 126  LEU A CD2 1 
ATOM   340  N N   . GLN A 1 51  ? -0.963  -2.541  14.726  1.00 12.02 ? 127  GLN A N   1 
ATOM   341  C CA  . GLN A 1 51  ? -0.912  -3.386  13.546  1.00 12.59 ? 127  GLN A CA  1 
ATOM   342  C C   . GLN A 1 51  ? 0.281   -2.997  12.698  1.00 12.65 ? 127  GLN A C   1 
ATOM   343  O O   . GLN A 1 51  ? 0.337   -1.886  12.163  1.00 13.59 ? 127  GLN A O   1 
ATOM   344  C CB  . GLN A 1 51  ? -2.200  -3.242  12.730  1.00 13.69 ? 127  GLN A CB  1 
ATOM   345  C CG  . GLN A 1 51  ? -2.289  -4.164  11.519  1.00 21.93 ? 127  GLN A CG  1 
ATOM   346  C CD  . GLN A 1 51  ? -2.428  -5.637  11.886  1.00 34.65 ? 127  GLN A CD  1 
ATOM   347  O OE1 . GLN A 1 51  ? -3.219  -6.005  12.760  1.00 40.35 ? 127  GLN A OE1 1 
ATOM   348  N NE2 . GLN A 1 51  ? -1.679  -6.488  11.198  1.00 34.50 ? 127  GLN A NE2 1 
ATOM   349  N N   . ASP A 1 52  ? 1.276   -3.878  12.655  1.00 11.60 ? 128  ASP A N   1 
ATOM   350  C CA  . ASP A 1 52  ? 2.468   -3.635  11.852  1.00 8.80  ? 128  ASP A CA  1 
ATOM   351  C C   . ASP A 1 52  ? 2.125   -4.054  10.438  1.00 6.05  ? 128  ASP A C   1 
ATOM   352  O O   . ASP A 1 52  ? 1.421   -5.046  10.234  1.00 6.38  ? 128  ASP A O   1 
ATOM   353  C CB  . ASP A 1 52  ? 3.655   -4.468  12.347  1.00 8.55  ? 128  ASP A CB  1 
ATOM   354  C CG  . ASP A 1 52  ? 4.258   -3.940  13.640  1.00 6.39  ? 128  ASP A CG  1 
ATOM   355  O OD1 . ASP A 1 52  ? 4.078   -2.749  13.974  1.00 7.00  ? 128  ASP A OD1 1 
ATOM   356  O OD2 . ASP A 1 52  ? 4.919   -4.733  14.337  1.00 11.65 ? 128  ASP A OD2 1 
ATOM   357  N N   . LEU A 1 53  ? 2.616   -3.304  9.464   1.00 7.65  ? 129  LEU A N   1 
ATOM   358  C CA  . LEU A 1 53  ? 2.365   -3.609  8.060   1.00 8.44  ? 129  LEU A CA  1 
ATOM   359  C C   . LEU A 1 53  ? 2.894   -4.990  7.664   1.00 9.21  ? 129  LEU A C   1 
ATOM   360  O O   . LEU A 1 53  ? 2.221   -5.742  6.960   1.00 8.69  ? 129  LEU A O   1 
ATOM   361  C CB  . LEU A 1 53  ? 2.985   -2.525  7.167   1.00 7.54  ? 129  LEU A CB  1 
ATOM   362  C CG  . LEU A 1 53  ? 3.076   -2.779  5.657   1.00 10.03 ? 129  LEU A CG  1 
ATOM   363  C CD1 . LEU A 1 53  ? 1.716   -3.141  5.088   1.00 8.45  ? 129  LEU A CD1 1 
ATOM   364  C CD2 . LEU A 1 53  ? 3.644   -1.557  4.956   1.00 11.78 ? 129  LEU A CD2 1 
ATOM   365  N N   . SER A 1 54  ? 4.073   -5.346  8.159   1.00 10.12 ? 130  SER A N   1 
ATOM   366  C CA  . SER A 1 54  ? 4.686   -6.632  7.822   1.00 10.08 ? 130  SER A CA  1 
ATOM   367  C C   . SER A 1 54  ? 3.874   -7.850  8.249   1.00 8.54  ? 130  SER A C   1 
ATOM   368  O O   . SER A 1 54  ? 4.054   -8.941  7.707   1.00 9.91  ? 130  SER A O   1 
ATOM   369  C CB  . SER A 1 54  ? 6.087   -6.712  8.417   1.00 13.90 ? 130  SER A CB  1 
ATOM   370  O OG  . SER A 1 54  ? 6.042   -6.589  9.826   1.00 23.06 ? 130  SER A OG  1 
ATOM   371  N N   . THR A 1 55  ? 2.965   -7.662  9.197   1.00 6.31  ? 131  THR A N   1 
ATOM   372  C CA  . THR A 1 55  ? 2.148   -8.758  9.692   1.00 6.47  ? 131  THR A CA  1 
ATOM   373  C C   . THR A 1 55  ? 0.798   -8.910  9.002   1.00 8.28  ? 131  THR A C   1 
ATOM   374  O O   . THR A 1 55  ? 0.059   -9.855  9.300   1.00 8.93  ? 131  THR A O   1 
ATOM   375  C CB  . THR A 1 55  ? 1.893   -8.620  11.207  1.00 10.20 ? 131  THR A CB  1 
ATOM   376  O OG1 . THR A 1 55  ? 1.165   -7.414  11.468  1.00 16.07 ? 131  THR A OG1 1 
ATOM   377  C CG2 . THR A 1 55  ? 3.211   -8.568  11.959  1.00 13.97 ? 131  THR A CG2 1 
ATOM   378  N N   . VAL A 1 56  ? 0.485   -8.006  8.072   1.00 7.49  ? 132  VAL A N   1 
ATOM   379  C CA  . VAL A 1 56  ? -0.796  -8.039  7.365   1.00 7.18  ? 132  VAL A CA  1 
ATOM   380  C C   . VAL A 1 56  ? -1.049  -9.344  6.615   1.00 9.09  ? 132  VAL A C   1 
ATOM   381  O O   . VAL A 1 56  ? -2.135  -9.920  6.716   1.00 10.11 ? 132  VAL A O   1 
ATOM   382  C CB  . VAL A 1 56  ? -0.963  -6.812  6.430   1.00 8.89  ? 132  VAL A CB  1 
ATOM   383  C CG1 . VAL A 1 56  ? -2.249  -6.923  5.626   1.00 12.43 ? 132  VAL A CG1 1 
ATOM   384  C CG2 . VAL A 1 56  ? -0.996  -5.534  7.262   1.00 7.13  ? 132  VAL A CG2 1 
ATOM   385  N N   . VAL A 1 57  ? -0.061  -9.808  5.859   1.00 10.16 ? 133  VAL A N   1 
ATOM   386  C CA  . VAL A 1 57  ? -0.206  -11.058 5.119   1.00 9.69  ? 133  VAL A CA  1 
ATOM   387  C C   . VAL A 1 57  ? 0.010   -12.213 6.091   1.00 10.75 ? 133  VAL A C   1 
ATOM   388  O O   . VAL A 1 57  ? 0.826   -12.110 7.014   1.00 11.01 ? 133  VAL A O   1 
ATOM   389  C CB  . VAL A 1 57  ? 0.815   -11.148 3.959   1.00 8.96  ? 133  VAL A CB  1 
ATOM   390  C CG1 . VAL A 1 57  ? 0.836   -12.547 3.368   1.00 9.51  ? 133  VAL A CG1 1 
ATOM   391  C CG2 . VAL A 1 57  ? 0.453   -10.150 2.871   1.00 7.87  ? 133  VAL A CG2 1 
ATOM   392  N N   . ARG A 1 58  ? -0.743  -13.292 5.904   1.00 11.40 ? 134  ARG A N   1 
ATOM   393  C CA  . ARG A 1 58  ? -0.627  -14.461 6.763   1.00 12.81 ? 134  ARG A CA  1 
ATOM   394  C C   . ARG A 1 58  ? 0.763   -15.074 6.663   1.00 13.26 ? 134  ARG A C   1 
ATOM   395  O O   . ARG A 1 58  ? 1.401   -15.034 5.604   1.00 11.92 ? 134  ARG A O   1 
ATOM   396  C CB  . ARG A 1 58  ? -1.688  -15.501 6.421   1.00 15.84 ? 134  ARG A CB  1 
ATOM   397  C CG  . ARG A 1 58  ? -3.101  -15.018 6.631   1.00 23.77 ? 134  ARG A CG  1 
ATOM   398  C CD  . ARG A 1 58  ? -4.010  -16.162 7.024   1.00 29.40 ? 134  ARG A CD  1 
ATOM   399  N NE  . ARG A 1 58  ? -5.301  -15.692 7.515   1.00 33.54 ? 134  ARG A NE  1 
ATOM   400  C CZ  . ARG A 1 58  ? -6.375  -16.463 7.654   1.00 35.93 ? 134  ARG A CZ  1 
ATOM   401  N NH1 . ARG A 1 58  ? -6.308  -17.750 7.335   1.00 35.60 ? 134  ARG A NH1 1 
ATOM   402  N NH2 . ARG A 1 58  ? -7.514  -15.951 8.106   1.00 38.11 ? 134  ARG A NH2 1 
ATOM   403  N N   . LYS A 1 59  ? 1.216   -15.650 7.774   1.00 13.31 ? 135  LYS A N   1 
ATOM   404  C CA  . LYS A 1 59  ? 2.538   -16.249 7.859   1.00 12.92 ? 135  LYS A CA  1 
ATOM   405  C C   . LYS A 1 59  ? 2.789   -17.299 6.788   1.00 10.83 ? 135  LYS A C   1 
ATOM   406  O O   . LYS A 1 59  ? 3.863   -17.334 6.184   1.00 9.99  ? 135  LYS A O   1 
ATOM   407  C CB  . LYS A 1 59  ? 2.767   -16.823 9.264   1.00 18.33 ? 135  LYS A CB  1 
ATOM   408  C CG  . LYS A 1 59  ? 4.076   -16.353 9.893   1.00 32.62 ? 135  LYS A CG  1 
ATOM   409  C CD  . LYS A 1 59  ? 4.220   -16.772 11.351  1.00 39.33 ? 135  LYS A CD  1 
ATOM   410  C CE  . LYS A 1 59  ? 5.502   -16.190 11.956  1.00 44.24 ? 135  LYS A CE  1 
ATOM   411  N NZ  . LYS A 1 59  ? 5.669   -16.504 13.406  1.00 48.43 ? 135  LYS A NZ  1 
ATOM   412  N N   . ALA A 1 60  ? 1.765   -18.094 6.503   1.00 8.85  ? 136  ALA A N   1 
ATOM   413  C CA  . ALA A 1 60  ? 1.857   -19.152 5.513   1.00 9.09  ? 136  ALA A CA  1 
ATOM   414  C C   . ALA A 1 60  ? 2.105   -18.665 4.083   1.00 9.19  ? 136  ALA A C   1 
ATOM   415  O O   . ALA A 1 60  ? 2.646   -19.411 3.260   1.00 11.06 ? 136  ALA A O   1 
ATOM   416  C CB  . ALA A 1 60  ? 0.601   -20.006 5.566   1.00 8.15  ? 136  ALA A CB  1 
ATOM   417  N N   . GLU A 1 61  ? 1.754   -17.416 3.793   1.00 9.24  ? 137  GLU A N   1 
ATOM   418  C CA  . GLU A 1 61  ? 1.926   -16.871 2.448   1.00 10.03 ? 137  GLU A CA  1 
ATOM   419  C C   . GLU A 1 61  ? 3.033   -15.834 2.331   1.00 10.75 ? 137  GLU A C   1 
ATOM   420  O O   . GLU A 1 61  ? 3.140   -15.162 1.309   1.00 12.80 ? 137  GLU A O   1 
ATOM   421  C CB  . GLU A 1 61  ? 0.616   -16.243 1.950   1.00 9.13  ? 137  GLU A CB  1 
ATOM   422  C CG  . GLU A 1 61  ? -0.505  -17.237 1.635   1.00 14.25 ? 137  GLU A CG  1 
ATOM   423  C CD  . GLU A 1 61  ? -1.426  -17.508 2.813   1.00 15.78 ? 137  GLU A CD  1 
ATOM   424  O OE1 . GLU A 1 61  ? -1.089  -17.145 3.959   1.00 17.91 ? 137  GLU A OE1 1 
ATOM   425  O OE2 . GLU A 1 61  ? -2.504  -18.089 2.590   1.00 15.23 ? 137  GLU A OE2 1 
ATOM   426  N N   . ARG A 1 62  ? 3.891   -15.733 3.338   1.00 9.73  ? 138  ARG A N   1 
ATOM   427  C CA  . ARG A 1 62  ? 4.941   -14.725 3.304   1.00 8.74  ? 138  ARG A CA  1 
ATOM   428  C C   . ARG A 1 62  ? 6.238   -15.035 2.566   1.00 8.88  ? 138  ARG A C   1 
ATOM   429  O O   . ARG A 1 62  ? 7.018   -14.116 2.298   1.00 7.72  ? 138  ARG A O   1 
ATOM   430  C CB  . ARG A 1 62  ? 5.270   -14.273 4.724   1.00 9.99  ? 138  ARG A CB  1 
ATOM   431  C CG  . ARG A 1 62  ? 4.087   -13.705 5.465   1.00 14.65 ? 138  ARG A CG  1 
ATOM   432  C CD  . ARG A 1 62  ? 4.500   -13.174 6.819   1.00 14.40 ? 138  ARG A CD  1 
ATOM   433  N NE  . ARG A 1 62  ? 3.344   -12.994 7.693   1.00 16.21 ? 138  ARG A NE  1 
ATOM   434  C CZ  . ARG A 1 62  ? 3.424   -12.791 9.003   1.00 16.77 ? 138  ARG A CZ  1 
ATOM   435  N NH1 . ARG A 1 62  ? 4.615   -12.733 9.587   1.00 20.47 ? 138  ARG A NH1 1 
ATOM   436  N NH2 . ARG A 1 62  ? 2.320   -12.682 9.729   1.00 21.00 ? 138  ARG A NH2 1 
ATOM   437  N N   . PHE A 1 63  ? 6.465   -16.294 2.203   1.00 9.89  ? 139  PHE A N   1 
ATOM   438  C CA  . PHE A 1 63  ? 7.726   -16.649 1.558   1.00 11.52 ? 139  PHE A CA  1 
ATOM   439  C C   . PHE A 1 63  ? 7.724   -17.193 0.138   1.00 11.98 ? 139  PHE A C   1 
ATOM   440  O O   . PHE A 1 63  ? 8.704   -17.022 -0.585  1.00 11.47 ? 139  PHE A O   1 
ATOM   441  C CB  . PHE A 1 63  ? 8.495   -17.634 2.452   1.00 9.91  ? 139  PHE A CB  1 
ATOM   442  C CG  . PHE A 1 63  ? 8.889   -17.062 3.776   1.00 9.50  ? 139  PHE A CG  1 
ATOM   443  C CD1 . PHE A 1 63  ? 8.023   -17.129 4.864   1.00 9.90  ? 139  PHE A CD1 1 
ATOM   444  C CD2 . PHE A 1 63  ? 10.116  -16.422 3.930   1.00 10.35 ? 139  PHE A CD2 1 
ATOM   445  C CE1 . PHE A 1 63  ? 8.372   -16.566 6.084   1.00 11.67 ? 139  PHE A CE1 1 
ATOM   446  C CE2 . PHE A 1 63  ? 10.477  -15.857 5.143   1.00 13.50 ? 139  PHE A CE2 1 
ATOM   447  C CZ  . PHE A 1 63  ? 9.602   -15.925 6.226   1.00 11.85 ? 139  PHE A CZ  1 
ATOM   448  N N   . GLY A 1 64  ? 6.661   -17.873 -0.261  1.00 12.60 ? 140  GLY A N   1 
ATOM   449  C CA  . GLY A 1 64  ? 6.669   -18.457 -1.589  1.00 11.79 ? 140  GLY A CA  1 
ATOM   450  C C   . GLY A 1 64  ? 5.724   -17.898 -2.620  1.00 11.81 ? 140  GLY A C   1 
ATOM   451  O O   . GLY A 1 64  ? 5.627   -18.451 -3.715  1.00 11.11 ? 140  GLY A O   1 
ATOM   452  N N   . LEU A 1 65  ? 5.026   -16.816 -2.293  1.00 11.30 ? 141  LEU A N   1 
ATOM   453  C CA  . LEU A 1 65  ? 4.086   -16.247 -3.250  1.00 10.59 ? 141  LEU A CA  1 
ATOM   454  C C   . LEU A 1 65  ? 4.527   -14.894 -3.769  1.00 9.75  ? 141  LEU A C   1 
ATOM   455  O O   . LEU A 1 65  ? 4.652   -13.940 -3.000  1.00 10.14 ? 141  LEU A O   1 
ATOM   456  C CB  . LEU A 1 65  ? 2.693   -16.099 -2.631  1.00 12.66 ? 141  LEU A CB  1 
ATOM   457  C CG  . LEU A 1 65  ? 1.998   -17.290 -1.976  1.00 16.64 ? 141  LEU A CG  1 
ATOM   458  C CD1 . LEU A 1 65  ? 0.499   -17.082 -2.082  1.00 18.26 ? 141  LEU A CD1 1 
ATOM   459  C CD2 . LEU A 1 65  ? 2.380   -18.567 -2.660  1.00 20.87 ? 141  LEU A CD2 1 
ATOM   460  N N   . PRO A 1 66  ? 4.809   -14.798 -5.076  1.00 7.03  ? 142  PRO A N   1 
ATOM   461  C CA  . PRO A 1 66  ? 5.227   -13.512 -5.635  1.00 7.44  ? 142  PRO A CA  1 
ATOM   462  C C   . PRO A 1 66  ? 4.080   -12.496 -5.578  1.00 7.93  ? 142  PRO A C   1 
ATOM   463  O O   . PRO A 1 66  ? 2.902   -12.859 -5.687  1.00 6.83  ? 142  PRO A O   1 
ATOM   464  C CB  . PRO A 1 66  ? 5.631   -13.865 -7.070  1.00 7.97  ? 142  PRO A CB  1 
ATOM   465  C CG  . PRO A 1 66  ? 4.875   -15.131 -7.358  1.00 11.15 ? 142  PRO A CG  1 
ATOM   466  C CD  . PRO A 1 66  ? 4.944   -15.881 -6.062  1.00 4.05  ? 142  PRO A CD  1 
ATOM   467  N N   . ILE A 1 67  ? 4.430   -11.239 -5.316  1.00 7.73  ? 143  ILE A N   1 
ATOM   468  C CA  . ILE A 1 67  ? 3.458   -10.153 -5.230  1.00 8.18  ? 143  ILE A CA  1 
ATOM   469  C C   . ILE A 1 67  ? 3.325   -9.555  -6.627  1.00 8.22  ? 143  ILE A C   1 
ATOM   470  O O   . ILE A 1 67  ? 4.281   -8.985  -7.158  1.00 7.62  ? 143  ILE A O   1 
ATOM   471  C CB  . ILE A 1 67  ? 3.934   -9.052  -4.255  1.00 8.83  ? 143  ILE A CB  1 
ATOM   472  C CG1 . ILE A 1 67  ? 4.376   -9.660  -2.915  1.00 7.67  ? 143  ILE A CG1 1 
ATOM   473  C CG2 . ILE A 1 67  ? 2.843   -7.999  -4.071  1.00 11.50 ? 143  ILE A CG2 1 
ATOM   474  C CD1 . ILE A 1 67  ? 3.355   -10.556 -2.248  1.00 5.82  ? 143  ILE A CD1 1 
ATOM   475  N N   . VAL A 1 68  ? 2.141   -9.681  -7.212  1.00 8.40  ? 144  VAL A N   1 
ATOM   476  C CA  . VAL A 1 68  ? 1.877   -9.197  -8.565  1.00 6.35  ? 144  VAL A CA  1 
ATOM   477  C C   . VAL A 1 68  ? 0.854   -8.054  -8.631  1.00 8.08  ? 144  VAL A C   1 
ATOM   478  O O   . VAL A 1 68  ? 0.114   -7.805  -7.675  1.00 6.05  ? 144  VAL A O   1 
ATOM   479  C CB  . VAL A 1 68  ? 1.344   -10.345 -9.448  1.00 6.11  ? 144  VAL A CB  1 
ATOM   480  C CG1 . VAL A 1 68  ? 2.376   -11.452 -9.575  1.00 4.95  ? 144  VAL A CG1 1 
ATOM   481  C CG2 . VAL A 1 68  ? 0.032   -10.887 -8.881  1.00 5.11  ? 144  VAL A CG2 1 
ATOM   482  N N   . ASN A 1 69  ? 0.831   -7.344  -9.753  1.00 7.72  ? 145  ASN A N   1 
ATOM   483  C CA  . ASN A 1 69  ? -0.145  -6.280  -9.924  1.00 8.81  ? 145  ASN A CA  1 
ATOM   484  C C   . ASN A 1 69  ? -1.456  -6.914  -10.428 1.00 10.05 ? 145  ASN A C   1 
ATOM   485  O O   . ASN A 1 69  ? -1.554  -8.144  -10.559 1.00 10.90 ? 145  ASN A O   1 
ATOM   486  C CB  . ASN A 1 69  ? 0.380   -5.168  -10.855 1.00 8.15  ? 145  ASN A CB  1 
ATOM   487  C CG  . ASN A 1 69  ? 0.499   -5.604  -12.316 1.00 5.15  ? 145  ASN A CG  1 
ATOM   488  O OD1 . ASN A 1 69  ? 0.162   -6.729  -12.688 1.00 5.51  ? 145  ASN A OD1 1 
ATOM   489  N ND2 . ASN A 1 69  ? 0.997   -4.703  -13.147 1.00 2.00  ? 145  ASN A ND2 1 
ATOM   490  N N   . LEU A 1 70  ? -2.465  -6.098  -10.695 1.00 10.25 ? 146  LEU A N   1 
ATOM   491  C CA  . LEU A 1 70  ? -3.749  -6.613  -11.150 1.00 10.45 ? 146  LEU A CA  1 
ATOM   492  C C   . LEU A 1 70  ? -3.633  -7.513  -12.382 1.00 10.94 ? 146  LEU A C   1 
ATOM   493  O O   . LEU A 1 70  ? -4.377  -8.487  -12.520 1.00 9.05  ? 146  LEU A O   1 
ATOM   494  C CB  . LEU A 1 70  ? -4.704  -5.449  -11.436 1.00 12.80 ? 146  LEU A CB  1 
ATOM   495  C CG  . LEU A 1 70  ? -6.155  -5.767  -11.802 1.00 12.77 ? 146  LEU A CG  1 
ATOM   496  C CD1 . LEU A 1 70  ? -6.865  -6.427  -10.631 1.00 11.30 ? 146  LEU A CD1 1 
ATOM   497  C CD2 . LEU A 1 70  ? -6.865  -4.480  -12.188 1.00 15.44 ? 146  LEU A CD2 1 
ATOM   498  N N   . LYS A 1 71  ? -2.671  -7.209  -13.252 1.00 12.29 ? 147  LYS A N   1 
ATOM   499  C CA  . LYS A 1 71  ? -2.476  -7.974  -14.483 1.00 13.53 ? 147  LYS A CA  1 
ATOM   500  C C   . LYS A 1 71  ? -1.551  -9.182  -14.372 1.00 12.38 ? 147  LYS A C   1 
ATOM   501  O O   . LYS A 1 71  ? -1.228  -9.807  -15.387 1.00 14.30 ? 147  LYS A O   1 
ATOM   502  C CB  . LYS A 1 71  ? -1.992  -7.052  -15.599 1.00 16.63 ? 147  LYS A CB  1 
ATOM   503  C CG  . LYS A 1 71  ? -2.954  -5.926  -15.915 1.00 21.95 ? 147  LYS A CG  1 
ATOM   504  C CD  . LYS A 1 71  ? -4.310  -6.461  -16.326 1.00 28.85 ? 147  LYS A CD  1 
ATOM   505  C CE  . LYS A 1 71  ? -4.231  -7.141  -17.680 1.00 33.11 ? 147  LYS A CE  1 
ATOM   506  N NZ  . LYS A 1 71  ? -5.432  -7.975  -17.924 1.00 35.80 ? 147  LYS A NZ  1 
ATOM   507  N N   . GLY A 1 72  ? -1.113  -9.500  -13.158 1.00 11.10 ? 148  GLY A N   1 
ATOM   508  C CA  . GLY A 1 72  ? -0.239  -10.644 -12.968 1.00 10.21 ? 148  GLY A CA  1 
ATOM   509  C C   . GLY A 1 72  ? 1.252   -10.374 -13.095 1.00 9.85  ? 148  GLY A C   1 
ATOM   510  O O   . GLY A 1 72  ? 2.057   -11.291 -12.929 1.00 8.98  ? 148  GLY A O   1 
ATOM   511  N N   . GLN A 1 73  ? 1.621   -9.134  -13.404 1.00 9.76  ? 149  GLN A N   1 
ATOM   512  C CA  . GLN A 1 73  ? 3.026   -8.760  -13.534 1.00 9.35  ? 149  GLN A CA  1 
ATOM   513  C C   . GLN A 1 73  ? 3.685   -8.653  -12.151 1.00 10.40 ? 149  GLN A C   1 
ATOM   514  O O   . GLN A 1 73  ? 3.192   -7.952  -11.264 1.00 10.32 ? 149  GLN A O   1 
ATOM   515  C CB  . GLN A 1 73  ? 3.154   -7.449  -14.317 1.00 10.60 ? 149  GLN A CB  1 
ATOM   516  C CG  . GLN A 1 73  ? 2.563   -7.521  -15.716 1.00 11.78 ? 149  GLN A CG  1 
ATOM   517  C CD  . GLN A 1 73  ? 2.716   -6.228  -16.490 1.00 16.34 ? 149  GLN A CD  1 
ATOM   518  O OE1 . GLN A 1 73  ? 2.595   -5.132  -15.938 1.00 20.46 ? 149  GLN A OE1 1 
ATOM   519  N NE2 . GLN A 1 73  ? 2.916   -6.351  -17.796 1.00 24.12 ? 149  GLN A NE2 1 
ATOM   520  N N   . VAL A 1 74  ? 4.791   -9.369  -11.975 1.00 10.47 ? 150  VAL A N   1 
ATOM   521  C CA  . VAL A 1 74  ? 5.514   -9.410  -10.706 1.00 10.31 ? 150  VAL A CA  1 
ATOM   522  C C   . VAL A 1 74  ? 6.155   -8.102  -10.236 1.00 9.98  ? 150  VAL A C   1 
ATOM   523  O O   . VAL A 1 74  ? 6.871   -7.432  -10.978 1.00 9.58  ? 150  VAL A O   1 
ATOM   524  C CB  . VAL A 1 74  ? 6.580   -10.554 -10.702 1.00 13.12 ? 150  VAL A CB  1 
ATOM   525  C CG1 . VAL A 1 74  ? 7.295   -10.626 -9.353  1.00 12.65 ? 150  VAL A CG1 1 
ATOM   526  C CG2 . VAL A 1 74  ? 5.921   -11.896 -11.005 1.00 8.45  ? 150  VAL A CG2 1 
ATOM   527  N N   . LEU A 1 75  ? 5.871   -7.753  -8.985  1.00 11.17 ? 151  LEU A N   1 
ATOM   528  C CA  . LEU A 1 75  ? 6.408   -6.555  -8.339  1.00 11.38 ? 151  LEU A CA  1 
ATOM   529  C C   . LEU A 1 75  ? 7.509   -6.933  -7.345  1.00 12.40 ? 151  LEU A C   1 
ATOM   530  O O   . LEU A 1 75  ? 8.567   -6.299  -7.307  1.00 14.70 ? 151  LEU A O   1 
ATOM   531  C CB  . LEU A 1 75  ? 5.295   -5.792  -7.610  1.00 11.02 ? 151  LEU A CB  1 
ATOM   532  C CG  . LEU A 1 75  ? 4.285   -4.992  -8.437  1.00 12.04 ? 151  LEU A CG  1 
ATOM   533  C CD1 . LEU A 1 75  ? 3.129   -4.516  -7.567  1.00 9.31  ? 151  LEU A CD1 1 
ATOM   534  C CD2 . LEU A 1 75  ? 4.970   -3.804  -9.059  1.00 10.09 ? 151  LEU A CD2 1 
ATOM   535  N N   . PHE A 1 76  ? 7.226   -7.908  -6.485  1.00 10.93 ? 152  PHE A N   1 
ATOM   536  C CA  . PHE A 1 76  ? 8.203   -8.397  -5.501  1.00 11.53 ? 152  PHE A CA  1 
ATOM   537  C C   . PHE A 1 76  ? 8.147   -9.930  -5.597  1.00 11.05 ? 152  PHE A C   1 
ATOM   538  O O   . PHE A 1 76  ? 7.107   -10.473 -5.929  1.00 9.58  ? 152  PHE A O   1 
ATOM   539  C CB  . PHE A 1 76  ? 7.852   -7.970  -4.069  1.00 12.28 ? 152  PHE A CB  1 
ATOM   540  C CG  . PHE A 1 76  ? 7.433   -6.529  -3.928  1.00 14.06 ? 152  PHE A CG  1 
ATOM   541  C CD1 . PHE A 1 76  ? 8.362   -5.525  -3.667  1.00 15.62 ? 152  PHE A CD1 1 
ATOM   542  C CD2 . PHE A 1 76  ? 6.087   -6.180  -4.033  1.00 17.26 ? 152  PHE A CD2 1 
ATOM   543  C CE1 . PHE A 1 76  ? 7.953   -4.187  -3.513  1.00 17.74 ? 152  PHE A CE1 1 
ATOM   544  C CE2 . PHE A 1 76  ? 5.667   -4.857  -3.884  1.00 18.48 ? 152  PHE A CE2 1 
ATOM   545  C CZ  . PHE A 1 76  ? 6.599   -3.857  -3.624  1.00 16.25 ? 152  PHE A CZ  1 
ATOM   546  N N   . ASN A 1 77  ? 9.245   -10.607 -5.276  1.00 10.86 ? 153  ASN A N   1 
ATOM   547  C CA  . ASN A 1 77  ? 9.263   -12.063 -5.369  1.00 11.43 ? 153  ASN A CA  1 
ATOM   548  C C   . ASN A 1 77  ? 8.504   -12.759 -4.263  1.00 9.80  ? 153  ASN A C   1 
ATOM   549  O O   . ASN A 1 77  ? 8.127   -13.903 -4.409  1.00 10.67 ? 153  ASN A O   1 
ATOM   550  C CB  . ASN A 1 77  ? 10.689  -12.580 -5.501  1.00 20.73 ? 153  ASN A CB  1 
ATOM   551  C CG  . ASN A 1 77  ? 11.304  -12.218 -6.842  1.00 29.02 ? 153  ASN A CG  1 
ATOM   552  O OD1 . ASN A 1 77  ? 10.628  -12.242 -7.872  1.00 36.45 ? 153  ASN A OD1 1 
ATOM   553  N ND2 . ASN A 1 77  ? 12.571  -11.858 -6.835  1.00 32.03 ? 153  ASN A ND2 1 
ATOM   554  N N   . ASN A 1 78  ? 8.283   -12.033 -3.166  1.00 11.23 ? 154  ASN A N   1 
ATOM   555  C CA  . ASN A 1 78  ? 7.526   -12.540 -2.018  1.00 10.71 ? 154  ASN A CA  1 
ATOM   556  C C   . ASN A 1 78  ? 7.335   -11.421 -0.996  1.00 9.20  ? 154  ASN A C   1 
ATOM   557  O O   . ASN A 1 78  ? 7.972   -10.360 -1.098  1.00 9.36  ? 154  ASN A O   1 
ATOM   558  C CB  . ASN A 1 78  ? 8.146   -13.807 -1.406  1.00 12.65 ? 154  ASN A CB  1 
ATOM   559  C CG  . ASN A 1 78  ? 9.445   -13.547 -0.654  1.00 11.53 ? 154  ASN A CG  1 
ATOM   560  O OD1 . ASN A 1 78  ? 9.910   -12.420 -0.525  1.00 16.01 ? 154  ASN A OD1 1 
ATOM   561  N ND2 . ASN A 1 78  ? 10.034  -14.610 -0.149  1.00 24.64 ? 154  ASN A ND2 1 
ATOM   562  N N   . TRP A 1 79  ? 6.449   -11.641 -0.032  1.00 8.03  ? 155  TRP A N   1 
ATOM   563  C CA  . TRP A 1 79  ? 6.142   -10.658 0.996   1.00 8.27  ? 155  TRP A CA  1 
ATOM   564  C C   . TRP A 1 79  ? 7.323   -10.298 1.903   1.00 10.25 ? 155  TRP A C   1 
ATOM   565  O O   . TRP A 1 79  ? 7.661   -9.119  2.058   1.00 9.29  ? 155  TRP A O   1 
ATOM   566  C CB  . TRP A 1 79  ? 4.948   -11.143 1.832   1.00 6.72  ? 155  TRP A CB  1 
ATOM   567  C CG  . TRP A 1 79  ? 4.469   -10.168 2.895   1.00 9.35  ? 155  TRP A CG  1 
ATOM   568  C CD1 . TRP A 1 79  ? 4.591   -10.306 4.250   1.00 6.49  ? 155  TRP A CD1 1 
ATOM   569  C CD2 . TRP A 1 79  ? 3.754   -8.936  2.683   1.00 12.33 ? 155  TRP A CD2 1 
ATOM   570  N NE1 . TRP A 1 79  ? 3.998   -9.248  4.891   1.00 7.84  ? 155  TRP A NE1 1 
ATOM   571  C CE2 . TRP A 1 79  ? 3.476   -8.392  3.960   1.00 12.74 ? 155  TRP A CE2 1 
ATOM   572  C CE3 . TRP A 1 79  ? 3.323   -8.243  1.541   1.00 9.87  ? 155  TRP A CE3 1 
ATOM   573  C CZ2 . TRP A 1 79  ? 2.781   -7.185  4.128   1.00 12.09 ? 155  TRP A CZ2 1 
ATOM   574  C CZ3 . TRP A 1 79  ? 2.629   -7.038  1.710   1.00 11.08 ? 155  TRP A CZ3 1 
ATOM   575  C CH2 . TRP A 1 79  ? 2.366   -6.525  2.996   1.00 10.84 ? 155  TRP A CH2 1 
ATOM   576  N N   . ASP A 1 80  ? 7.941   -11.307 2.509   1.00 11.00 ? 156  ASP A N   1 
ATOM   577  C CA  . ASP A 1 80  ? 9.053   -11.092 3.428   1.00 10.78 ? 156  ASP A CA  1 
ATOM   578  C C   . ASP A 1 80  ? 10.194  -10.223 2.878   1.00 11.69 ? 156  ASP A C   1 
ATOM   579  O O   . ASP A 1 80  ? 10.709  -9.346  3.585   1.00 11.39 ? 156  ASP A O   1 
ATOM   580  C CB  . ASP A 1 80  ? 9.593   -12.442 3.922   1.00 9.92  ? 156  ASP A CB  1 
ATOM   581  C CG  . ASP A 1 80  ? 10.539  -12.299 5.099   1.00 12.40 ? 156  ASP A CG  1 
ATOM   582  O OD1 . ASP A 1 80  ? 10.056  -12.135 6.240   1.00 12.87 ? 156  ASP A OD1 1 
ATOM   583  O OD2 . ASP A 1 80  ? 11.766  -12.357 4.880   1.00 15.02 ? 156  ASP A OD2 1 
ATOM   584  N N   . SER A 1 81  ? 10.543  -10.414 1.604   1.00 11.22 ? 157  SER A N   1 
ATOM   585  C CA  . SER A 1 81  ? 11.637  -9.659  0.992   1.00 10.94 ? 157  SER A CA  1 
ATOM   586  C C   . SER A 1 81  ? 11.443  -8.143  0.964   1.00 10.44 ? 157  SER A C   1 
ATOM   587  O O   . SER A 1 81  ? 12.418  -7.393  0.900   1.00 11.38 ? 157  SER A O   1 
ATOM   588  C CB  . SER A 1 81  ? 11.945  -10.183 -0.414  1.00 12.38 ? 157  SER A CB  1 
ATOM   589  O OG  . SER A 1 81  ? 10.850  -9.990  -1.293  1.00 20.73 ? 157  SER A OG  1 
ATOM   590  N N   . ILE A 1 82  ? 10.192  -7.693  1.022   1.00 9.33  ? 158  ILE A N   1 
ATOM   591  C CA  . ILE A 1 82  ? 9.892   -6.264  1.011   1.00 8.87  ? 158  ILE A CA  1 
ATOM   592  C C   . ILE A 1 82  ? 10.459  -5.548  2.240   1.00 8.67  ? 158  ILE A C   1 
ATOM   593  O O   . ILE A 1 82  ? 10.843  -4.380  2.166   1.00 9.96  ? 158  ILE A O   1 
ATOM   594  C CB  . ILE A 1 82  ? 8.354   -6.001  1.004   1.00 8.40  ? 158  ILE A CB  1 
ATOM   595  C CG1 . ILE A 1 82  ? 7.685   -6.707  -0.175  1.00 9.12  ? 158  ILE A CG1 1 
ATOM   596  C CG2 . ILE A 1 82  ? 8.065   -4.503  0.947   1.00 8.66  ? 158  ILE A CG2 1 
ATOM   597  C CD1 . ILE A 1 82  ? 6.173   -6.589  -0.156  1.00 7.85  ? 158  ILE A CD1 1 
ATOM   598  N N   . PHE A 1 83  ? 10.529  -6.258  3.360   1.00 9.18  ? 159  PHE A N   1 
ATOM   599  C CA  . PHE A 1 83  ? 10.969  -5.664  4.617   1.00 10.52 ? 159  PHE A CA  1 
ATOM   600  C C   . PHE A 1 83  ? 12.413  -5.913  5.051   1.00 11.96 ? 159  PHE A C   1 
ATOM   601  O O   . PHE A 1 83  ? 12.753  -5.739  6.225   1.00 12.84 ? 159  PHE A O   1 
ATOM   602  C CB  . PHE A 1 83  ? 9.973   -6.076  5.711   1.00 9.11  ? 159  PHE A CB  1 
ATOM   603  C CG  . PHE A 1 83  ? 8.526   -5.956  5.277   1.00 9.07  ? 159  PHE A CG  1 
ATOM   604  C CD1 . PHE A 1 83  ? 7.910   -4.709  5.204   1.00 9.60  ? 159  PHE A CD1 1 
ATOM   605  C CD2 . PHE A 1 83  ? 7.813   -7.079  4.861   1.00 9.95  ? 159  PHE A CD2 1 
ATOM   606  C CE1 . PHE A 1 83  ? 6.611   -4.573  4.718   1.00 8.35  ? 159  PHE A CE1 1 
ATOM   607  C CE2 . PHE A 1 83  ? 6.510   -6.956  4.373   1.00 11.73 ? 159  PHE A CE2 1 
ATOM   608  C CZ  . PHE A 1 83  ? 5.909   -5.699  4.300   1.00 9.09  ? 159  PHE A CZ  1 
ATOM   609  N N   . SER A 1 84  ? 13.282  -6.198  4.089   1.00 13.43 ? 160  SER A N   1 
ATOM   610  C CA  . SER A 1 84  ? 14.685  -6.477  4.381   1.00 16.62 ? 160  SER A CA  1 
ATOM   611  C C   . SER A 1 84  ? 15.449  -5.264  4.920   1.00 17.23 ? 160  SER A C   1 
ATOM   612  O O   . SER A 1 84  ? 16.422  -5.413  5.665   1.00 19.77 ? 160  SER A O   1 
ATOM   613  C CB  . SER A 1 84  ? 15.380  -7.046  3.137   1.00 19.69 ? 160  SER A CB  1 
ATOM   614  O OG  . SER A 1 84  ? 15.402  -6.114  2.065   1.00 18.59 ? 160  SER A OG  1 
ATOM   615  N N   . GLY A 1 85  ? 15.008  -4.065  4.551   1.00 17.21 ? 161  GLY A N   1 
ATOM   616  C CA  . GLY A 1 85  ? 15.668  -2.861  5.017   1.00 15.05 ? 161  GLY A CA  1 
ATOM   617  C C   . GLY A 1 85  ? 16.092  -1.925  3.900   1.00 15.08 ? 161  GLY A C   1 
ATOM   618  O O   . GLY A 1 85  ? 16.525  -0.806  4.173   1.00 16.87 ? 161  GLY A O   1 
ATOM   619  N N   . ASP A 1 86  ? 15.983  -2.372  2.652   1.00 13.66 ? 162  ASP A N   1 
ATOM   620  C CA  . ASP A 1 86  ? 16.350  -1.548  1.499   1.00 15.21 ? 162  ASP A CA  1 
ATOM   621  C C   . ASP A 1 86  ? 15.277  -0.522  1.158   1.00 16.92 ? 162  ASP A C   1 
ATOM   622  O O   . ASP A 1 86  ? 15.530  0.439   0.423   1.00 18.01 ? 162  ASP A O   1 
ATOM   623  C CB  . ASP A 1 86  ? 16.612  -2.420  0.269   1.00 16.77 ? 162  ASP A CB  1 
ATOM   624  C CG  . ASP A 1 86  ? 15.393  -3.218  -0.169  1.00 21.28 ? 162  ASP A CG  1 
ATOM   625  O OD1 . ASP A 1 86  ? 14.508  -3.511  0.666   1.00 21.35 ? 162  ASP A OD1 1 
ATOM   626  O OD2 . ASP A 1 86  ? 15.331  -3.564  -1.366  1.00 27.35 ? 162  ASP A OD2 1 
ATOM   627  N N   . GLY A 1 87  ? 14.075  -0.736  1.683   1.00 16.62 ? 163  GLY A N   1 
ATOM   628  C CA  . GLY A 1 87  ? 12.975  0.170   1.416   1.00 15.21 ? 163  GLY A CA  1 
ATOM   629  C C   . GLY A 1 87  ? 11.941  -0.419  0.473   1.00 14.32 ? 163  GLY A C   1 
ATOM   630  O O   . GLY A 1 87  ? 11.112  0.319   -0.065  1.00 15.21 ? 163  GLY A O   1 
ATOM   631  N N   . GLY A 1 88  ? 11.985  -1.733  0.258   1.00 13.39 ? 164  GLY A N   1 
ATOM   632  C CA  . GLY A 1 88  ? 11.020  -2.377  -0.619  1.00 16.26 ? 164  GLY A CA  1 
ATOM   633  C C   . GLY A 1 88  ? 11.183  -1.939  -2.063  1.00 17.67 ? 164  GLY A C   1 
ATOM   634  O O   . GLY A 1 88  ? 10.244  -1.461  -2.707  1.00 17.04 ? 164  GLY A O   1 
ATOM   635  N N   . GLN A 1 89  ? 12.408  -2.063  -2.544  1.00 17.16 ? 165  GLN A N   1 
ATOM   636  C CA  . GLN A 1 89  ? 12.779  -1.705  -3.896  1.00 17.33 ? 165  GLN A CA  1 
ATOM   637  C C   . GLN A 1 89  ? 12.034  -2.565  -4.929  1.00 17.36 ? 165  GLN A C   1 
ATOM   638  O O   . GLN A 1 89  ? 12.104  -3.793  -4.897  1.00 17.78 ? 165  GLN A O   1 
ATOM   639  C CB  . GLN A 1 89  ? 14.289  -1.875  -4.010  1.00 19.96 ? 165  GLN A CB  1 
ATOM   640  C CG  . GLN A 1 89  ? 14.890  -1.773  -5.383  1.00 34.71 ? 165  GLN A CG  1 
ATOM   641  C CD  . GLN A 1 89  ? 16.364  -2.131  -5.359  1.00 42.94 ? 165  GLN A CD  1 
ATOM   642  O OE1 . GLN A 1 89  ? 17.111  -1.669  -4.494  1.00 44.04 ? 165  GLN A OE1 1 
ATOM   643  N NE2 . GLN A 1 89  ? 16.790  -2.964  -6.302  1.00 44.60 ? 165  GLN A NE2 1 
ATOM   644  N N   . PHE A 1 90  ? 11.272  -1.915  -5.804  1.00 16.57 ? 166  PHE A N   1 
ATOM   645  C CA  . PHE A 1 90  ? 10.510  -2.621  -6.835  1.00 16.77 ? 166  PHE A CA  1 
ATOM   646  C C   . PHE A 1 90  ? 10.883  -2.045  -8.205  1.00 18.52 ? 166  PHE A C   1 
ATOM   647  O O   . PHE A 1 90  ? 11.667  -1.095  -8.295  1.00 19.41 ? 166  PHE A O   1 
ATOM   648  C CB  . PHE A 1 90  ? 8.999   -2.477  -6.579  1.00 12.19 ? 166  PHE A CB  1 
ATOM   649  C CG  . PHE A 1 90  ? 8.476   -1.087  -6.815  1.00 9.99  ? 166  PHE A CG  1 
ATOM   650  C CD1 . PHE A 1 90  ? 8.676   -0.085  -5.873  1.00 13.99 ? 166  PHE A CD1 1 
ATOM   651  C CD2 . PHE A 1 90  ? 7.844   -0.763  -8.008  1.00 8.66  ? 166  PHE A CD2 1 
ATOM   652  C CE1 . PHE A 1 90  ? 8.266   1.223   -6.116  1.00 11.50 ? 166  PHE A CE1 1 
ATOM   653  C CE2 . PHE A 1 90  ? 7.428   0.543   -8.265  1.00 14.84 ? 166  PHE A CE2 1 
ATOM   654  C CZ  . PHE A 1 90  ? 7.643   1.539   -7.315  1.00 10.93 ? 166  PHE A CZ  1 
ATOM   655  N N   . ASN A 1 91  ? 10.288  -2.572  -9.269  1.00 21.04 ? 167  ASN A N   1 
ATOM   656  C CA  . ASN A 1 91  ? 10.589  -2.081  -10.620 1.00 23.64 ? 167  ASN A CA  1 
ATOM   657  C C   . ASN A 1 91  ? 9.598   -1.010  -11.079 1.00 24.38 ? 167  ASN A C   1 
ATOM   658  O O   . ASN A 1 91  ? 8.466   -1.325  -11.412 1.00 23.16 ? 167  ASN A O   1 
ATOM   659  C CB  . ASN A 1 91  ? 10.589  -3.235  -11.619 1.00 28.21 ? 167  ASN A CB  1 
ATOM   660  C CG  . ASN A 1 91  ? 10.759  -2.749  -13.054 1.00 33.90 ? 167  ASN A CG  1 
ATOM   661  O OD1 . ASN A 1 91  ? 9.811   -2.763  -13.838 1.00 41.24 ? 167  ASN A OD1 1 
ATOM   662  N ND2 . ASN A 1 91  ? 11.944  -2.283  -13.391 1.00 35.23 ? 167  ASN A ND2 1 
ATOM   663  N N   . THR A 1 92  ? 10.040  0.243   -11.132 1.00 25.03 ? 168  THR A N   1 
ATOM   664  C CA  . THR A 1 92  ? 9.166   1.341   -11.565 1.00 26.76 ? 168  THR A CA  1 
ATOM   665  C C   . THR A 1 92  ? 8.665   1.288   -13.007 1.00 25.99 ? 168  THR A C   1 
ATOM   666  O O   . THR A 1 92  ? 7.874   2.142   -13.411 1.00 27.25 ? 168  THR A O   1 
ATOM   667  C CB  . THR A 1 92  ? 9.801   2.720   -11.325 1.00 27.86 ? 168  THR A CB  1 
ATOM   668  O OG1 . THR A 1 92  ? 11.227  2.592   -11.295 1.00 34.64 ? 168  THR A OG1 1 
ATOM   669  C CG2 . THR A 1 92  ? 9.316   3.335   -10.019 1.00 30.81 ? 168  THR A CG2 1 
ATOM   670  N N   . HIS A 1 93  ? 9.126   0.317   -13.792 1.00 23.83 ? 169  HIS A N   1 
ATOM   671  C CA  . HIS A 1 93  ? 8.674   0.234   -15.179 1.00 23.06 ? 169  HIS A CA  1 
ATOM   672  C C   . HIS A 1 93  ? 7.446   -0.656  -15.294 1.00 21.96 ? 169  HIS A C   1 
ATOM   673  O O   . HIS A 1 93  ? 6.951   -0.901  -16.391 1.00 21.68 ? 169  HIS A O   1 
ATOM   674  C CB  . HIS A 1 93  ? 9.789   -0.266  -16.109 1.00 25.48 ? 169  HIS A CB  1 
ATOM   675  C CG  . HIS A 1 93  ? 11.012  0.594   -16.102 1.00 30.98 ? 169  HIS A CG  1 
ATOM   676  N ND1 . HIS A 1 93  ? 10.964  1.963   -16.238 1.00 34.40 ? 169  HIS A ND1 1 
ATOM   677  C CD2 . HIS A 1 93  ? 12.321  0.280   -15.946 1.00 35.43 ? 169  HIS A CD2 1 
ATOM   678  C CE1 . HIS A 1 93  ? 12.185  2.458   -16.168 1.00 36.73 ? 169  HIS A CE1 1 
ATOM   679  N NE2 . HIS A 1 93  ? 13.026  1.457   -15.989 1.00 38.76 ? 169  HIS A NE2 1 
ATOM   680  N N   . ILE A 1 94  ? 6.967   -1.146  -14.157 1.00 20.35 ? 170  ILE A N   1 
ATOM   681  C CA  . ILE A 1 94  ? 5.790   -1.991  -14.154 1.00 19.24 ? 170  ILE A CA  1 
ATOM   682  C C   . ILE A 1 94  ? 4.596   -1.185  -13.629 1.00 17.66 ? 170  ILE A C   1 
ATOM   683  O O   . ILE A 1 94  ? 4.697   -0.475  -12.620 1.00 17.51 ? 170  ILE A O   1 
ATOM   684  C CB  . ILE A 1 94  ? 6.006   -3.259  -13.303 1.00 21.74 ? 170  ILE A CB  1 
ATOM   685  C CG1 . ILE A 1 94  ? 4.794   -4.177  -13.403 1.00 21.89 ? 170  ILE A CG1 1 
ATOM   686  C CG2 . ILE A 1 94  ? 6.223   -2.893  -11.860 1.00 29.42 ? 170  ILE A CG2 1 
ATOM   687  C CD1 . ILE A 1 94  ? 4.868   -5.363  -12.488 1.00 25.11 ? 170  ILE A CD1 1 
ATOM   688  N N   . PRO A 1 95  ? 3.459   -1.266  -14.330 1.00 15.17 ? 171  PRO A N   1 
ATOM   689  C CA  . PRO A 1 95  ? 2.244   -0.548  -13.941 1.00 15.22 ? 171  PRO A CA  1 
ATOM   690  C C   . PRO A 1 95  ? 1.670   -0.993  -12.599 1.00 13.43 ? 171  PRO A C   1 
ATOM   691  O O   . PRO A 1 95  ? 1.727   -2.173  -12.239 1.00 12.74 ? 171  PRO A O   1 
ATOM   692  C CB  . PRO A 1 95  ? 1.266   -0.910  -15.061 1.00 15.13 ? 171  PRO A CB  1 
ATOM   693  C CG  . PRO A 1 95  ? 2.156   -1.178  -16.237 1.00 17.38 ? 171  PRO A CG  1 
ATOM   694  C CD  . PRO A 1 95  ? 3.259   -1.975  -15.606 1.00 16.77 ? 171  PRO A CD  1 
ATOM   695  N N   . ILE A 1 96  ? 1.144   -0.041  -11.842 1.00 12.19 ? 172  ILE A N   1 
ATOM   696  C CA  . ILE A 1 96  ? 0.497   -0.353  -10.575 1.00 10.80 ? 172  ILE A CA  1 
ATOM   697  C C   . ILE A 1 96  ? -0.961  0.049   -10.779 1.00 9.44  ? 172  ILE A C   1 
ATOM   698  O O   . ILE A 1 96  ? -1.301  1.235   -10.747 1.00 10.23 ? 172  ILE A O   1 
ATOM   699  C CB  . ILE A 1 96  ? 1.113   0.413   -9.399  1.00 13.07 ? 172  ILE A CB  1 
ATOM   700  C CG1 . ILE A 1 96  ? 2.537   -0.093  -9.152  1.00 10.94 ? 172  ILE A CG1 1 
ATOM   701  C CG2 . ILE A 1 96  ? 0.264   0.228   -8.137  1.00 9.28  ? 172  ILE A CG2 1 
ATOM   702  C CD1 . ILE A 1 96  ? 3.223   0.625   -8.040  1.00 13.22 ? 172  ILE A CD1 1 
ATOM   703  N N   . TYR A 1 97  ? -1.807  -0.946  -11.011 1.00 6.82  ? 173  TYR A N   1 
ATOM   704  C CA  . TYR A 1 97  ? -3.223  -0.720  -11.274 1.00 6.68  ? 173  TYR A CA  1 
ATOM   705  C C   . TYR A 1 97  ? -4.151  -0.601  -10.070 1.00 7.15  ? 173  TYR A C   1 
ATOM   706  O O   . TYR A 1 97  ? -3.945  -1.239  -9.026  1.00 5.72  ? 173  TYR A O   1 
ATOM   707  C CB  . TYR A 1 97  ? -3.767  -1.832  -12.169 1.00 9.14  ? 173  TYR A CB  1 
ATOM   708  C CG  . TYR A 1 97  ? -3.156  -1.895  -13.543 1.00 12.22 ? 173  TYR A CG  1 
ATOM   709  C CD1 . TYR A 1 97  ? -3.483  -0.951  -14.516 1.00 12.98 ? 173  TYR A CD1 1 
ATOM   710  C CD2 . TYR A 1 97  ? -2.281  -2.921  -13.889 1.00 9.41  ? 173  TYR A CD2 1 
ATOM   711  C CE1 . TYR A 1 97  ? -1.750  -3.011  -15.174 1.00 12.35 ? 173  TYR A CE1 1 
ATOM   712  C CE2 . TYR A 1 97  ? -2.961  -1.035  -15.806 1.00 13.16 ? 173  TYR A CE2 1 
ATOM   713  C CZ  . TYR A 1 97  ? -2.098  -2.067  -16.124 1.00 11.98 ? 173  TYR A CZ  1 
ATOM   714  O OH  . TYR A 1 97  ? -1.610  -2.178  -17.402 1.00 16.97 ? 173  TYR A OH  1 
ATOM   715  N N   . SER A 1 98  ? -5.190  0.208   -10.246 1.00 5.00  ? 174  SER A N   1 
ATOM   716  C CA  . SER A 1 98  ? -6.223  0.402   -9.237  1.00 4.72  ? 174  SER A CA  1 
ATOM   717  C C   . SER A 1 98  ? -7.273  -0.661  -9.538  1.00 4.87  ? 174  SER A C   1 
ATOM   718  O O   . SER A 1 98  ? -7.199  -1.327  -10.577 1.00 5.70  ? 174  SER A O   1 
ATOM   719  C CB  . SER A 1 98  ? -6.840  1.795   -9.381  1.00 7.37  ? 174  SER A CB  1 
ATOM   720  O OG  . SER A 1 98  ? -7.304  2.006   -10.705 1.00 10.33 ? 174  SER A OG  1 
ATOM   721  N N   . PHE A 1 99  ? -8.242  -0.835  -8.644  1.00 6.08  ? 175  PHE A N   1 
ATOM   722  C CA  . PHE A 1 99  ? -9.292  -1.829  -8.856  1.00 6.98  ? 175  PHE A CA  1 
ATOM   723  C C   . PHE A 1 99  ? -10.029 -1.641  -10.180 1.00 10.10 ? 175  PHE A C   1 
ATOM   724  O O   . PHE A 1 99  ? -10.412 -2.624  -10.812 1.00 9.64  ? 175  PHE A O   1 
ATOM   725  C CB  . PHE A 1 99  ? -10.286 -1.850  -7.683  1.00 5.11  ? 175  PHE A CB  1 
ATOM   726  C CG  . PHE A 1 99  ? -9.744  -2.511  -6.443  1.00 2.00  ? 175  PHE A CG  1 
ATOM   727  C CD1 . PHE A 1 99  ? -9.575  -3.892  -6.394  1.00 2.00  ? 175  PHE A CD1 1 
ATOM   728  C CD2 . PHE A 1 99  ? -9.375  -1.752  -5.337  1.00 4.15  ? 175  PHE A CD2 1 
ATOM   729  C CE1 . PHE A 1 99  ? -9.039  -4.510  -5.261  1.00 2.90  ? 175  PHE A CE1 1 
ATOM   730  C CE2 . PHE A 1 99  ? -8.837  -2.361  -4.198  1.00 8.05  ? 175  PHE A CE2 1 
ATOM   731  C CZ  . PHE A 1 99  ? -8.670  -3.740  -4.162  1.00 3.05  ? 175  PHE A CZ  1 
ATOM   732  N N   . ASP A 1 100 ? -10.214 -0.391  -10.607 1.00 13.29 ? 176  ASP A N   1 
ATOM   733  C CA  . ASP A 1 100 ? -10.906 -0.128  -11.868 1.00 16.07 ? 176  ASP A CA  1 
ATOM   734  C C   . ASP A 1 100 ? -10.041 -0.170  -13.132 1.00 16.49 ? 176  ASP A C   1 
ATOM   735  O O   . ASP A 1 100 ? -10.496 0.208   -14.214 1.00 17.81 ? 176  ASP A O   1 
ATOM   736  C CB  . ASP A 1 100 ? -11.767 1.154   -11.810 1.00 16.52 ? 176  ASP A CB  1 
ATOM   737  C CG  . ASP A 1 100 ? -10.981 2.402   -11.422 1.00 19.39 ? 176  ASP A CG  1 
ATOM   738  O OD1 . ASP A 1 100 ? -9.763  2.487   -11.679 1.00 21.15 ? 176  ASP A OD1 1 
ATOM   739  O OD2 . ASP A 1 100 ? -11.605 3.334   -10.866 1.00 20.90 ? 176  ASP A OD2 1 
ATOM   740  N N   . GLY A 1 101 ? -8.799  -0.637  -12.991 1.00 15.10 ? 177  GLY A N   1 
ATOM   741  C CA  . GLY A 1 101 ? -7.908  -0.771  -14.136 1.00 11.18 ? 177  GLY A CA  1 
ATOM   742  C C   . GLY A 1 101 ? -7.012  0.374   -14.573 1.00 11.14 ? 177  GLY A C   1 
ATOM   743  O O   . GLY A 1 101 ? -6.384  0.272   -15.628 1.00 13.19 ? 177  GLY A O   1 
ATOM   744  N N   . ARG A 1 102 ? -6.918  1.445   -13.792 1.00 9.74  ? 178  ARG A N   1 
ATOM   745  C CA  . ARG A 1 102 ? -6.063  2.579   -14.161 1.00 8.52  ? 178  ARG A CA  1 
ATOM   746  C C   . ARG A 1 102 ? -4.667  2.474   -13.558 1.00 8.06  ? 178  ARG A C   1 
ATOM   747  O O   . ARG A 1 102 ? -4.500  2.005   -12.429 1.00 8.54  ? 178  ARG A O   1 
ATOM   748  C CB  . ARG A 1 102 ? -6.699  3.907   -13.736 1.00 10.17 ? 178  ARG A CB  1 
ATOM   749  C CG  . ARG A 1 102 ? -7.896  4.346   -14.590 1.00 11.16 ? 178  ARG A CG  1 
ATOM   750  C CD  . ARG A 1 102 ? -8.575  5.568   -13.991 1.00 10.09 ? 178  ARG A CD  1 
ATOM   751  N NE  . ARG A 1 102 ? -9.225  5.254   -12.718 1.00 11.65 ? 178  ARG A NE  1 
ATOM   752  C CZ  . ARG A 1 102 ? -9.572  6.157   -11.806 1.00 18.52 ? 178  ARG A CZ  1 
ATOM   753  N NH1 . ARG A 1 102 ? -9.335  7.450   -12.014 1.00 19.96 ? 178  ARG A NH1 1 
ATOM   754  N NH2 . ARG A 1 102 ? -10.162 5.761   -10.688 1.00 23.41 ? 178  ARG A NH2 1 
ATOM   755  N N   . ASP A 1 103 ? -3.664  2.908   -14.313 1.00 7.06  ? 179  ASP A N   1 
ATOM   756  C CA  . ASP A 1 103 ? -2.297  2.860   -13.828 1.00 8.58  ? 179  ASP A CA  1 
ATOM   757  C C   . ASP A 1 103 ? -1.958  4.094   -13.018 1.00 8.63  ? 179  ASP A C   1 
ATOM   758  O O   . ASP A 1 103 ? -1.738  5.184   -13.557 1.00 8.23  ? 179  ASP A O   1 
ATOM   759  C CB  . ASP A 1 103 ? -1.292  2.688   -14.969 1.00 9.25  ? 179  ASP A CB  1 
ATOM   760  C CG  . ASP A 1 103 ? 0.153   2.656   -14.483 1.00 10.31 ? 179  ASP A CG  1 
ATOM   761  O OD1 . ASP A 1 103 ? 0.410   2.546   -13.263 1.00 14.09 ? 179  ASP A OD1 1 
ATOM   762  O OD2 . ASP A 1 103 ? 1.052   2.740   -15.332 1.00 14.92 ? 179  ASP A OD2 1 
ATOM   763  N N   . VAL A 1 104 ? -1.877  3.887   -11.713 1.00 9.41  ? 180  VAL A N   1 
ATOM   764  C CA  . VAL A 1 104 ? -1.549  4.915   -10.741 1.00 10.12 ? 180  VAL A CA  1 
ATOM   765  C C   . VAL A 1 104 ? -0.294  5.704   -11.133 1.00 12.34 ? 180  VAL A C   1 
ATOM   766  O O   . VAL A 1 104 ? -0.201  6.916   -10.894 1.00 10.85 ? 180  VAL A O   1 
ATOM   767  C CB  . VAL A 1 104 ? -1.353  4.232   -9.363  1.00 13.85 ? 180  VAL A CB  1 
ATOM   768  C CG1 . VAL A 1 104 ? -0.210  4.840   -8.589  1.00 13.25 ? 180  VAL A CG1 1 
ATOM   769  C CG2 . VAL A 1 104 ? -2.639  4.288   -8.576  1.00 13.57 ? 180  VAL A CG2 1 
ATOM   770  N N   . MET A 1 105 ? 0.656   5.013   -11.754 1.00 14.34 ? 181  MET A N   1 
ATOM   771  C CA  . MET A 1 105 ? 1.921   5.611   -12.167 1.00 16.15 ? 181  MET A CA  1 
ATOM   772  C C   . MET A 1 105 ? 1.814   6.658   -13.269 1.00 16.44 ? 181  MET A C   1 
ATOM   773  O O   . MET A 1 105 ? 2.526   7.663   -13.233 1.00 17.88 ? 181  MET A O   1 
ATOM   774  C CB  . MET A 1 105 ? 2.908   4.522   -12.605 1.00 17.64 ? 181  MET A CB  1 
ATOM   775  C CG  . MET A 1 105 ? 3.294   3.520   -11.522 1.00 28.47 ? 181  MET A CG  1 
ATOM   776  S SD  . MET A 1 105 ? 4.070   4.289   -10.084 1.00 42.57 ? 181  MET A SD  1 
ATOM   777  C CE  . MET A 1 105 ? 5.643   4.832   -10.774 1.00 35.38 ? 181  MET A CE  1 
ATOM   778  N N   . THR A 1 106 ? 0.917   6.450   -14.225 1.00 14.97 ? 182  THR A N   1 
ATOM   779  C CA  . THR A 1 106 ? 0.780   7.382   -15.343 1.00 15.30 ? 182  THR A CA  1 
ATOM   780  C C   . THR A 1 106 ? -0.479  8.255   -15.370 1.00 16.56 ? 182  THR A C   1 
ATOM   781  O O   . THR A 1 106 ? -0.442  9.393   -15.847 1.00 16.36 ? 182  THR A O   1 
ATOM   782  C CB  . THR A 1 106 ? 0.893   6.627   -16.684 1.00 13.41 ? 182  THR A CB  1 
ATOM   783  O OG1 . THR A 1 106 ? -0.124  5.622   -16.760 1.00 12.86 ? 182  THR A OG1 1 
ATOM   784  C CG2 . THR A 1 106 ? 2.258   5.964   -16.808 1.00 15.54 ? 182  THR A CG2 1 
ATOM   785  N N   . ASP A 1 107 ? -1.580  7.734   -14.836 1.00 15.96 ? 183  ASP A N   1 
ATOM   786  C CA  . ASP A 1 107 ? -2.856  8.444   -14.824 1.00 14.53 ? 183  ASP A CA  1 
ATOM   787  C C   . ASP A 1 107 ? -2.812  9.765   -14.047 1.00 16.77 ? 183  ASP A C   1 
ATOM   788  O O   . ASP A 1 107 ? -2.383  9.795   -12.888 1.00 17.27 ? 183  ASP A O   1 
ATOM   789  C CB  . ASP A 1 107 ? -3.926  7.535   -14.227 1.00 12.64 ? 183  ASP A CB  1 
ATOM   790  C CG  . ASP A 1 107 ? -5.317  7.931   -14.635 1.00 7.74  ? 183  ASP A CG  1 
ATOM   791  O OD1 . ASP A 1 107 ? -5.773  9.013   -14.223 1.00 10.02 ? 183  ASP A OD1 1 
ATOM   792  O OD2 . ASP A 1 107 ? -5.957  7.150   -15.356 1.00 7.74  ? 183  ASP A OD2 1 
ATOM   793  N N   . PRO A 1 108 ? -3.253  10.873  -14.678 1.00 16.51 ? 184  PRO A N   1 
ATOM   794  C CA  . PRO A 1 108 ? -3.271  12.199  -14.049 1.00 14.90 ? 184  PRO A CA  1 
ATOM   795  C C   . PRO A 1 108 ? -4.289  12.366  -12.911 1.00 14.09 ? 184  PRO A C   1 
ATOM   796  O O   . PRO A 1 108 ? -4.313  13.410  -12.258 1.00 15.32 ? 184  PRO A O   1 
ATOM   797  C CB  . PRO A 1 108 ? -3.553  13.135  -15.226 1.00 17.61 ? 184  PRO A CB  1 
ATOM   798  C CG  . PRO A 1 108 ? -4.356  12.280  -16.152 1.00 16.40 ? 184  PRO A CG  1 
ATOM   799  C CD  . PRO A 1 108 ? -3.619  10.968  -16.102 1.00 15.29 ? 184  PRO A CD  1 
ATOM   800  N N   . SER A 1 109 ? -5.116  11.345  -12.675 1.00 14.19 ? 185  SER A N   1 
ATOM   801  C CA  . SER A 1 109 ? -6.112  11.377  -11.593 1.00 16.06 ? 185  SER A CA  1 
ATOM   802  C C   . SER A 1 109 ? -5.431  11.344  -10.220 1.00 16.48 ? 185  SER A C   1 
ATOM   803  O O   . SER A 1 109 ? -6.046  11.689  -9.200  1.00 17.05 ? 185  SER A O   1 
ATOM   804  C CB  . SER A 1 109 ? -7.099  10.207  -11.706 1.00 19.64 ? 185  SER A CB  1 
ATOM   805  O OG  . SER A 1 109 ? -7.887  10.294  -12.884 1.00 28.43 ? 185  SER A OG  1 
ATOM   806  N N   . TRP A 1 110 ? -4.188  10.859  -10.201 1.00 15.82 ? 186  TRP A N   1 
ATOM   807  C CA  . TRP A 1 110 ? -3.364  10.793  -8.992  1.00 12.48 ? 186  TRP A CA  1 
ATOM   808  C C   . TRP A 1 110 ? -2.244  11.808  -9.223  1.00 11.66 ? 186  TRP A C   1 
ATOM   809  O O   . TRP A 1 110 ? -1.222  11.479  -9.833  1.00 12.17 ? 186  TRP A O   1 
ATOM   810  C CB  . TRP A 1 110 ? -2.744  9.392   -8.821  1.00 9.11  ? 186  TRP A CB  1 
ATOM   811  C CG  . TRP A 1 110 ? -3.689  8.320   -8.367  1.00 9.19  ? 186  TRP A CG  1 
ATOM   812  C CD1 . TRP A 1 110 ? -3.915  7.914   -7.081  1.00 10.03 ? 186  TRP A CD1 1 
ATOM   813  C CD2 . TRP A 1 110 ? -4.518  7.493   -9.198  1.00 9.86  ? 186  TRP A CD2 1 
ATOM   814  N NE1 . TRP A 1 110 ? -4.830  6.888   -7.058  1.00 6.30  ? 186  TRP A NE1 1 
ATOM   815  C CE2 . TRP A 1 110 ? -5.218  6.611   -8.344  1.00 8.04  ? 186  TRP A CE2 1 
ATOM   816  C CE3 . TRP A 1 110 ? -4.738  7.415   -10.578 1.00 7.33  ? 186  TRP A CE3 1 
ATOM   817  C CZ2 . TRP A 1 110 ? -6.120  5.662   -8.825  1.00 5.31  ? 186  TRP A CZ2 1 
ATOM   818  C CZ3 . TRP A 1 110 ? -5.633  6.472   -11.055 1.00 9.63  ? 186  TRP A CZ3 1 
ATOM   819  C CH2 . TRP A 1 110 ? -6.316  5.607   -10.180 1.00 8.34  ? 186  TRP A CH2 1 
ATOM   820  N N   . PRO A 1 111 ? -2.438  13.069  -8.791  1.00 10.70 ? 187  PRO A N   1 
ATOM   821  C CA  . PRO A 1 111 ? -1.434  14.126  -8.965  1.00 11.52 ? 187  PRO A CA  1 
ATOM   822  C C   . PRO A 1 111 ? -0.118  13.886  -8.214  1.00 12.56 ? 187  PRO A C   1 
ATOM   823  O O   . PRO A 1 111 ? 0.932   14.405  -8.602  1.00 13.04 ? 187  PRO A O   1 
ATOM   824  C CB  . PRO A 1 111 ? -2.159  15.378  -8.464  1.00 9.78  ? 187  PRO A CB  1 
ATOM   825  C CG  . PRO A 1 111 ? -3.106  14.841  -7.455  1.00 13.14 ? 187  PRO A CG  1 
ATOM   826  C CD  . PRO A 1 111 ? -3.636  13.593  -8.114  1.00 7.42  ? 187  PRO A CD  1 
ATOM   827  N N   . GLN A 1 112 ? -0.181  13.132  -7.123  1.00 11.36 ? 188  GLN A N   1 
ATOM   828  C CA  . GLN A 1 112 ? 1.011   12.831  -6.341  1.00 12.08 ? 188  GLN A CA  1 
ATOM   829  C C   . GLN A 1 112 ? 1.277   11.328  -6.381  1.00 10.16 ? 188  GLN A C   1 
ATOM   830  O O   . GLN A 1 112 ? 0.466   10.545  -5.898  1.00 8.84  ? 188  GLN A O   1 
ATOM   831  C CB  . GLN A 1 112 ? 0.832   13.296  -4.893  1.00 15.11 ? 188  GLN A CB  1 
ATOM   832  C CG  . GLN A 1 112 ? 0.851   14.807  -4.717  1.00 20.86 ? 188  GLN A CG  1 
ATOM   833  C CD  . GLN A 1 112 ? 2.228   15.406  -4.913  1.00 26.03 ? 188  GLN A CD  1 
ATOM   834  O OE1 . GLN A 1 112 ? 3.194   14.706  -5.227  1.00 29.67 ? 188  GLN A OE1 1 
ATOM   835  N NE2 . GLN A 1 112 ? 2.338   16.706  -4.680  1.00 32.27 ? 188  GLN A NE2 1 
ATOM   836  N N   . LYS A 1 113 ? 2.392   10.923  -6.984  1.00 9.61  ? 189  LYS A N   1 
ATOM   837  C CA  . LYS A 1 113 ? 2.737   9.500   -7.072  1.00 10.64 ? 189  LYS A CA  1 
ATOM   838  C C   . LYS A 1 113 ? 3.472   9.110   -5.784  1.00 9.79  ? 189  LYS A C   1 
ATOM   839  O O   . LYS A 1 113 ? 4.678   8.859   -5.797  1.00 9.43  ? 189  LYS A O   1 
ATOM   840  C CB  . LYS A 1 113 ? 3.630   9.237   -8.295  1.00 14.82 ? 189  LYS A CB  1 
ATOM   841  C CG  . LYS A 1 113 ? 3.189   9.940   -9.578  1.00 15.39 ? 189  LYS A CG  1 
ATOM   842  C CD  . LYS A 1 113 ? 1.820   9.490   -10.022 1.00 13.83 ? 189  LYS A CD  1 
ATOM   843  C CE  . LYS A 1 113 ? 1.416   10.182  -11.314 1.00 14.95 ? 189  LYS A CE  1 
ATOM   844  N NZ  . LYS A 1 113 ? 0.069   9.735   -11.747 1.00 13.03 ? 189  LYS A NZ  1 
ATOM   845  N N   . VAL A 1 114 ? 2.744   9.121   -4.670  1.00 10.79 ? 190  VAL A N   1 
ATOM   846  C CA  . VAL A 1 114 ? 3.290   8.805   -3.352  1.00 9.29  ? 190  VAL A CA  1 
ATOM   847  C C   . VAL A 1 114 ? 2.309   7.850   -2.657  1.00 10.20 ? 190  VAL A C   1 
ATOM   848  O O   . VAL A 1 114 ? 1.094   7.992   -2.808  1.00 11.14 ? 190  VAL A O   1 
ATOM   849  C CB  . VAL A 1 114 ? 3.468   10.105  -2.513  1.00 5.84  ? 190  VAL A CB  1 
ATOM   850  C CG1 . VAL A 1 114 ? 4.187   9.808   -1.224  1.00 4.94  ? 190  VAL A CG1 1 
ATOM   851  C CG2 . VAL A 1 114 ? 4.245   11.170  -3.308  1.00 6.11  ? 190  VAL A CG2 1 
ATOM   852  N N   . VAL A 1 115 ? 2.833   6.879   -1.915  1.00 11.25 ? 191  VAL A N   1 
ATOM   853  C CA  . VAL A 1 115 ? 2.012   5.881   -1.221  1.00 10.60 ? 191  VAL A CA  1 
ATOM   854  C C   . VAL A 1 115 ? 2.072   5.989   0.305   1.00 9.68  ? 191  VAL A C   1 
ATOM   855  O O   . VAL A 1 115 ? 3.161   6.027   0.881   1.00 9.30  ? 191  VAL A O   1 
ATOM   856  C CB  . VAL A 1 115 ? 2.463   4.448   -1.612  1.00 12.87 ? 191  VAL A CB  1 
ATOM   857  C CG1 . VAL A 1 115 ? 1.667   3.398   -0.841  1.00 11.78 ? 191  VAL A CG1 1 
ATOM   858  C CG2 . VAL A 1 115 ? 2.305   4.243   -3.106  1.00 13.09 ? 191  VAL A CG2 1 
ATOM   859  N N   . TRP A 1 116 ? 0.910   6.042   0.956   1.00 9.11  ? 192  TRP A N   1 
ATOM   860  C CA  . TRP A 1 116 ? 0.855   6.107   2.419   1.00 8.16  ? 192  TRP A CA  1 
ATOM   861  C C   . TRP A 1 116 ? 1.287   4.734   2.943   1.00 9.28  ? 192  TRP A C   1 
ATOM   862  O O   . TRP A 1 116 ? 0.993   3.709   2.318   1.00 8.75  ? 192  TRP A O   1 
ATOM   863  C CB  . TRP A 1 116 ? -0.581  6.340   2.925   1.00 5.38  ? 192  TRP A CB  1 
ATOM   864  C CG  . TRP A 1 116 ? -1.131  7.738   2.843   1.00 6.58  ? 192  TRP A CG  1 
ATOM   865  C CD1 . TRP A 1 116 ? -2.269  8.133   2.179   1.00 7.55  ? 192  TRP A CD1 1 
ATOM   866  C CD2 . TRP A 1 116 ? -0.623  8.920   3.485   1.00 2.06  ? 192  TRP A CD2 1 
ATOM   867  N NE1 . TRP A 1 116 ? -2.492  9.472   2.372   1.00 4.39  ? 192  TRP A NE1 1 
ATOM   868  C CE2 . TRP A 1 116 ? -1.499  9.980   3.166   1.00 3.48  ? 192  TRP A CE2 1 
ATOM   869  C CE3 . TRP A 1 116 ? 0.494   9.176   4.298   1.00 2.00  ? 192  TRP A CE3 1 
ATOM   870  C CZ2 . TRP A 1 116 ? -1.297  11.286  3.629   1.00 3.81  ? 192  TRP A CZ2 1 
ATOM   871  C CZ3 . TRP A 1 116 ? 0.691   10.477  4.761   1.00 4.69  ? 192  TRP A CZ3 1 
ATOM   872  C CH2 . TRP A 1 116 ? -0.202  11.513  4.422   1.00 6.85  ? 192  TRP A CH2 1 
ATOM   873  N N   . HIS A 1 117 ? 1.979   4.709   4.080   1.00 7.58  ? 193  HIS A N   1 
ATOM   874  C CA  . HIS A 1 117 ? 2.377   3.441   4.686   1.00 6.32  ? 193  HIS A CA  1 
ATOM   875  C C   . HIS A 1 117 ? 2.535   3.490   6.218   1.00 5.39  ? 193  HIS A C   1 
ATOM   876  O O   . HIS A 1 117 ? 2.211   2.519   6.899   1.00 4.58  ? 193  HIS A O   1 
ATOM   877  C CB  . HIS A 1 117 ? 3.591   2.806   3.976   1.00 3.16  ? 193  HIS A CB  1 
ATOM   878  C CG  . HIS A 1 117 ? 4.836   3.635   4.008   1.00 2.00  ? 193  HIS A CG  1 
ATOM   879  N ND1 . HIS A 1 117 ? 5.550   3.864   5.166   1.00 2.98  ? 193  HIS A ND1 1 
ATOM   880  C CD2 . HIS A 1 117 ? 5.535   4.238   3.017   1.00 2.00  ? 193  HIS A CD2 1 
ATOM   881  C CE1 . HIS A 1 117 ? 6.631   4.568   4.888   1.00 2.00  ? 193  HIS A CE1 1 
ATOM   882  N NE2 . HIS A 1 117 ? 6.647   4.809   3.589   1.00 2.00  ? 193  HIS A NE2 1 
ATOM   883  N N   . GLY A 1 118 ? 2.973   4.637   6.747   1.00 5.10  ? 194  GLY A N   1 
ATOM   884  C CA  . GLY A 1 118 ? 3.151   4.811   8.186   1.00 5.59  ? 194  GLY A CA  1 
ATOM   885  C C   . GLY A 1 118 ? 3.991   3.748   8.878   1.00 8.72  ? 194  GLY A C   1 
ATOM   886  O O   . GLY A 1 118 ? 3.752   3.418   10.043  1.00 8.27  ? 194  GLY A O   1 
ATOM   887  N N   . SER A 1 119 ? 5.014   3.258   8.184   1.00 8.60  ? 195  SER A N   1 
ATOM   888  C CA  . SER A 1 119 ? 5.875   2.215   8.715   1.00 7.41  ? 195  SER A CA  1 
ATOM   889  C C   . SER A 1 119 ? 7.357   2.517   8.487   1.00 8.64  ? 195  SER A C   1 
ATOM   890  O O   . SER A 1 119 ? 7.711   3.324   7.619   1.00 9.77  ? 195  SER A O   1 
ATOM   891  C CB  . SER A 1 119 ? 5.551   0.896   8.016   1.00 7.64  ? 195  SER A CB  1 
ATOM   892  O OG  . SER A 1 119 ? 4.162   0.754   7.780   1.00 6.99  ? 195  SER A OG  1 
ATOM   893  N N   . ASN A 1 120 ? 8.217   1.872   9.273   1.00 8.73  ? 196  ASN A N   1 
ATOM   894  C CA  . ASN A 1 120 ? 9.664   2.026   9.120   1.00 7.61  ? 196  ASN A CA  1 
ATOM   895  C C   . ASN A 1 120 ? 10.100  1.034   8.019   1.00 7.09  ? 196  ASN A C   1 
ATOM   896  O O   . ASN A 1 120 ? 9.266   0.298   7.485   1.00 7.85  ? 196  ASN A O   1 
ATOM   897  C CB  . ASN A 1 120 ? 10.393  1.794   10.464  1.00 6.07  ? 196  ASN A CB  1 
ATOM   898  C CG  . ASN A 1 120 ? 10.503  0.323   10.856  1.00 8.03  ? 196  ASN A CG  1 
ATOM   899  O OD1 . ASN A 1 120 ? 9.952   -0.571  10.207  1.00 6.91  ? 196  ASN A OD1 1 
ATOM   900  N ND2 . ASN A 1 120 ? 11.231  0.070   11.931  1.00 8.90  ? 196  ASN A ND2 1 
ATOM   901  N N   . PRO A 1 121 ? 11.398  0.995   7.660   1.00 7.97  ? 197  PRO A N   1 
ATOM   902  C CA  . PRO A 1 121 ? 11.873  0.077   6.612   1.00 7.93  ? 197  PRO A CA  1 
ATOM   903  C C   . PRO A 1 121 ? 11.641  -1.421  6.848   1.00 9.07  ? 197  PRO A C   1 
ATOM   904  O O   . PRO A 1 121 ? 11.822  -2.227  5.938   1.00 9.81  ? 197  PRO A O   1 
ATOM   905  C CB  . PRO A 1 121 ? 13.357  0.410   6.522   1.00 8.81  ? 197  PRO A CB  1 
ATOM   906  C CG  . PRO A 1 121 ? 13.389  1.863   6.871   1.00 7.77  ? 197  PRO A CG  1 
ATOM   907  C CD  . PRO A 1 121 ? 12.475  1.917   8.063   1.00 8.31  ? 197  PRO A CD  1 
ATOM   908  N N   . HIS A 1 122 ? 11.258  -1.796  8.063   1.00 8.59  ? 198  HIS A N   1 
ATOM   909  C CA  . HIS A 1 122 ? 10.992  -3.196  8.371   1.00 9.71  ? 198  HIS A CA  1 
ATOM   910  C C   . HIS A 1 122 ? 9.491   -3.486  8.453   1.00 9.75  ? 198  HIS A C   1 
ATOM   911  O O   . HIS A 1 122 ? 9.078   -4.565  8.882   1.00 9.20  ? 198  HIS A O   1 
ATOM   912  C CB  . HIS A 1 122 ? 11.706  -3.606  9.667   1.00 11.36 ? 198  HIS A CB  1 
ATOM   913  C CG  . HIS A 1 122 ? 13.197  -3.525  9.573   1.00 16.02 ? 198  HIS A CG  1 
ATOM   914  N ND1 . HIS A 1 122 ? 13.926  -4.271  8.671   1.00 16.63 ? 198  HIS A ND1 1 
ATOM   915  C CD2 . HIS A 1 122 ? 14.094  -2.740  10.215  1.00 17.14 ? 198  HIS A CD2 1 
ATOM   916  C CE1 . HIS A 1 122 ? 15.200  -3.943  8.751   1.00 16.60 ? 198  HIS A CE1 1 
ATOM   917  N NE2 . HIS A 1 122 ? 15.329  -3.015  9.686   1.00 19.58 ? 198  HIS A NE2 1 
ATOM   918  N N   . GLY A 1 123 ? 8.673   -2.532  8.022   1.00 8.89  ? 199  GLY A N   1 
ATOM   919  C CA  . GLY A 1 123 ? 7.236   -2.733  8.056   1.00 8.45  ? 199  GLY A CA  1 
ATOM   920  C C   . GLY A 1 123 ? 6.630   -2.656  9.448   1.00 8.10  ? 199  GLY A C   1 
ATOM   921  O O   . GLY A 1 123 ? 5.534   -3.176  9.689   1.00 6.86  ? 199  GLY A O   1 
ATOM   922  N N   . VAL A 1 124 ? 7.345   -2.001  10.355  1.00 8.03  ? 200  VAL A N   1 
ATOM   923  C CA  . VAL A 1 124 ? 6.890   -1.822  11.725  1.00 9.76  ? 200  VAL A CA  1 
ATOM   924  C C   . VAL A 1 124 ? 6.237   -0.444  11.845  1.00 8.50  ? 200  VAL A C   1 
ATOM   925  O O   . VAL A 1 124 ? 6.715   0.528   11.261  1.00 9.56  ? 200  VAL A O   1 
ATOM   926  C CB  . VAL A 1 124 ? 8.072   -1.962  12.724  1.00 12.56 ? 200  VAL A CB  1 
ATOM   927  C CG1 . VAL A 1 124 ? 7.665   -1.493  14.108  1.00 14.72 ? 200  VAL A CG1 1 
ATOM   928  C CG2 . VAL A 1 124 ? 8.524   -3.415  12.785  1.00 8.52  ? 200  VAL A CG2 1 
ATOM   929  N N   . ARG A 1 125 ? 5.136   -0.376  12.587  1.00 7.21  ? 201  ARG A N   1 
ATOM   930  C CA  . ARG A 1 125 ? 4.394   0.869   12.766  1.00 5.84  ? 201  ARG A CA  1 
ATOM   931  C C   . ARG A 1 125 ? 5.147   1.984   13.472  1.00 5.76  ? 201  ARG A C   1 
ATOM   932  O O   . ARG A 1 125 ? 5.896   1.750   14.421  1.00 5.10  ? 201  ARG A O   1 
ATOM   933  C CB  . ARG A 1 125 ? 3.089   0.597   13.523  1.00 8.42  ? 201  ARG A CB  1 
ATOM   934  C CG  . ARG A 1 125 ? 3.289   0.251   14.993  1.00 8.91  ? 201  ARG A CG  1 
ATOM   935  C CD  . ARG A 1 125 ? 2.026   -0.307  15.626  1.00 9.40  ? 201  ARG A CD  1 
ATOM   936  N NE  . ARG A 1 125 ? 2.240   -0.600  17.039  1.00 14.33 ? 201  ARG A NE  1 
ATOM   937  C CZ  . ARG A 1 125 ? 2.688   -1.760  17.512  1.00 11.34 ? 201  ARG A CZ  1 
ATOM   938  N NH1 . ARG A 1 125 ? 2.992   -2.750  16.681  1.00 10.51 ? 201  ARG A NH1 1 
ATOM   939  N NH2 . ARG A 1 125 ? 2.834   -1.923  18.826  1.00 9.16  ? 201  ARG A NH2 1 
ATOM   940  N N   . LEU A 1 126 ? 4.931   3.203   12.996  1.00 7.45  ? 202  LEU A N   1 
ATOM   941  C CA  . LEU A 1 126 ? 5.534   4.396   13.582  1.00 8.30  ? 202  LEU A CA  1 
ATOM   942  C C   . LEU A 1 126 ? 4.343   5.199   14.090  1.00 8.23  ? 202  LEU A C   1 
ATOM   943  O O   . LEU A 1 126 ? 3.727   5.953   13.335  1.00 7.60  ? 202  LEU A O   1 
ATOM   944  C CB  . LEU A 1 126 ? 6.303   5.189   12.523  1.00 8.62  ? 202  LEU A CB  1 
ATOM   945  C CG  . LEU A 1 126 ? 7.490   4.479   11.865  1.00 12.24 ? 202  LEU A CG  1 
ATOM   946  C CD1 . LEU A 1 126 ? 7.995   5.303   10.694  1.00 15.61 ? 202  LEU A CD1 1 
ATOM   947  C CD2 . LEU A 1 126 ? 8.595   4.237   12.885  1.00 8.04  ? 202  LEU A CD2 1 
ATOM   948  N N   . VAL A 1 127 ? 3.992   4.996   15.357  1.00 8.13  ? 203  VAL A N   1 
ATOM   949  C CA  . VAL A 1 127 ? 2.846   5.659   15.980  1.00 9.17  ? 203  VAL A CA  1 
ATOM   950  C C   . VAL A 1 127 ? 2.768   7.183   15.861  1.00 9.50  ? 203  VAL A C   1 
ATOM   951  O O   . VAL A 1 127 ? 1.697   7.758   15.951  1.00 11.89 ? 203  VAL A O   1 
ATOM   952  C CB  . VAL A 1 127 ? 2.677   5.234   17.458  1.00 7.97  ? 203  VAL A CB  1 
ATOM   953  C CG1 . VAL A 1 127 ? 2.467   3.743   17.541  1.00 11.57 ? 203  VAL A CG1 1 
ATOM   954  C CG2 . VAL A 1 127 ? 3.889   5.641   18.274  1.00 7.72  ? 203  VAL A CG2 1 
ATOM   955  N N   . ASP A 1 128 ? 3.899   7.836   15.650  1.00 9.07  ? 204  ASP A N   1 
ATOM   956  C CA  . ASP A 1 128 ? 3.898   9.291   15.526  1.00 9.51  ? 204  ASP A CA  1 
ATOM   957  C C   . ASP A 1 128 ? 4.009   9.690   14.052  1.00 8.33  ? 204  ASP A C   1 
ATOM   958  O O   . ASP A 1 128 ? 4.146   10.870  13.733  1.00 9.63  ? 204  ASP A O   1 
ATOM   959  C CB  . ASP A 1 128 ? 5.059   9.882   16.324  1.00 12.08 ? 204  ASP A CB  1 
ATOM   960  C CG  . ASP A 1 128 ? 6.430   9.538   15.710  1.00 18.40 ? 204  ASP A CG  1 
ATOM   961  O OD1 . ASP A 1 128 ? 6.610   8.348   15.284  1.00 28.47 ? 204  ASP A OD1 1 
ATOM   962  O OD2 . ASP A 1 128 ? 7.307   10.459  15.615  1.00 29.76 ? 204  ASP A OD2 1 
ATOM   963  N N   . LYS A 1 129 ? 3.894   8.713   13.160  1.00 7.74  ? 205  LYS A N   1 
ATOM   964  C CA  . LYS A 1 129 ? 3.997   8.984   11.729  1.00 8.82  ? 205  LYS A CA  1 
ATOM   965  C C   . LYS A 1 129 ? 2.936   8.267   10.910  1.00 7.69  ? 205  LYS A C   1 
ATOM   966  O O   . LYS A 1 129 ? 3.188   7.880   9.770   1.00 8.14  ? 205  LYS A O   1 
ATOM   967  C CB  . LYS A 1 129 ? 5.390   8.618   11.182  1.00 11.83 ? 205  LYS A CB  1 
ATOM   968  C CG  . LYS A 1 129 ? 6.529   9.351   11.836  1.00 14.59 ? 205  LYS A CG  1 
ATOM   969  C CD  . LYS A 1 129 ? 6.483   10.830  11.543  1.00 20.67 ? 205  LYS A CD  1 
ATOM   970  C CE  . LYS A 1 129 ? 7.603   11.522  12.287  1.00 23.91 ? 205  LYS A CE  1 
ATOM   971  N NZ  . LYS A 1 129 ? 7.819   12.907  11.822  1.00 28.08 ? 205  LYS A NZ  1 
ATOM   972  N N   . TYR A 1 130 ? 1.740   8.101   11.458  1.00 8.01  ? 206  TYR A N   1 
ATOM   973  C CA  . TYR A 1 130 ? 0.692   7.448   10.689  1.00 8.91  ? 206  TYR A CA  1 
ATOM   974  C C   . TYR A 1 130 ? -0.669  8.122   10.808  1.00 8.93  ? 206  TYR A C   1 
ATOM   975  O O   . TYR A 1 130 ? -1.702  7.450   10.893  1.00 8.79  ? 206  TYR A O   1 
ATOM   976  C CB  . TYR A 1 130 ? 0.629   5.929   10.958  1.00 9.97  ? 206  TYR A CB  1 
ATOM   977  C CG  . TYR A 1 130 ? 0.309   5.453   12.370  1.00 10.82 ? 206  TYR A CG  1 
ATOM   978  C CD1 . TYR A 1 130 ? -0.062  6.330   13.386  1.00 11.60 ? 206  TYR A CD1 1 
ATOM   979  C CD2 . TYR A 1 130 ? 0.341   4.087   12.665  1.00 12.05 ? 206  TYR A CD2 1 
ATOM   980  C CE1 . TYR A 1 130 ? -0.403  5.853   14.655  1.00 10.33 ? 206  TYR A CE1 1 
ATOM   981  C CE2 . TYR A 1 130 ? 0.009   3.607   13.921  1.00 11.90 ? 206  TYR A CE2 1 
ATOM   982  C CZ  . TYR A 1 130 ? -0.363  4.487   14.908  1.00 12.51 ? 206  TYR A CZ  1 
ATOM   983  O OH  . TYR A 1 130 ? -0.703  3.986   16.145  1.00 20.27 ? 206  TYR A OH  1 
ATOM   984  N N   . CYS A 1 131 ? -0.652  9.455   10.774  1.00 10.30 ? 207  CYS A N   1 
ATOM   985  C CA  . CYS A 1 131 ? -1.870  10.268  10.848  1.00 9.13  ? 207  CYS A CA  1 
ATOM   986  C C   . CYS A 1 131 ? -2.821  9.822   11.960  1.00 9.51  ? 207  CYS A C   1 
ATOM   987  O O   . CYS A 1 131 ? -3.993  9.581   11.692  1.00 9.89  ? 207  CYS A O   1 
ATOM   988  C CB  . CYS A 1 131 ? -2.590  10.239  9.496   1.00 6.23  ? 207  CYS A CB  1 
ATOM   989  S SG  . CYS A 1 131 ? -1.551  10.886  8.157   1.00 4.75  ? 207  CYS A SG  1 
ATOM   990  N N   . GLU A 1 132 ? -2.321  9.691   13.189  1.00 10.01 ? 208  GLU A N   1 
ATOM   991  C CA  . GLU A 1 132 ? -3.127  9.252   14.335  1.00 10.31 ? 208  GLU A CA  1 
ATOM   992  C C   . GLU A 1 132 ? -3.957  8.002   14.020  1.00 9.80  ? 208  GLU A C   1 
ATOM   993  O O   . GLU A 1 132 ? -5.172  7.967   14.223  1.00 10.76 ? 208  GLU A O   1 
ATOM   994  C CB  . GLU A 1 132 ? -4.007  10.396  14.844  1.00 11.92 ? 208  GLU A CB  1 
ATOM   995  C CG  . GLU A 1 132 ? -3.202  11.601  15.336  1.00 15.38 ? 208  GLU A CG  1 
ATOM   996  C CD  . GLU A 1 132 ? -4.074  12.774  15.755  1.00 22.28 ? 208  GLU A CD  1 
ATOM   997  O OE1 . GLU A 1 132 ? -5.269  12.564  16.047  1.00 25.33 ? 208  GLU A OE1 1 
ATOM   998  O OE2 . GLU A 1 132 ? -3.561  13.911  15.799  1.00 25.90 ? 208  GLU A OE2 1 
ATOM   999  N N   . ALA A 1 133 ? -3.276  6.982   13.504  1.00 9.92  ? 209  ALA A N   1 
ATOM   1000 C CA  . ALA A 1 133 ? -3.912  5.721   13.122  1.00 9.52  ? 209  ALA A CA  1 
ATOM   1001 C C   . ALA A 1 133 ? -4.942  5.942   12.007  1.00 9.20  ? 209  ALA A C   1 
ATOM   1002 O O   . ALA A 1 133 ? -5.988  5.290   11.975  1.00 7.44  ? 209  ALA A O   1 
ATOM   1003 C CB  . ALA A 1 133 ? -4.548  5.034   14.335  1.00 12.28 ? 209  ALA A CB  1 
ATOM   1004 N N   . TRP A 1 134 ? -4.605  6.855   11.090  1.00 9.10  ? 210  TRP A N   1 
ATOM   1005 C CA  . TRP A 1 134 ? -5.420  7.199   9.928   1.00 8.24  ? 210  TRP A CA  1 
ATOM   1006 C C   . TRP A 1 134 ? -6.813  7.757   10.246  1.00 9.24  ? 210  TRP A C   1 
ATOM   1007 O O   . TRP A 1 134 ? -7.812  7.340   9.656   1.00 8.73  ? 210  TRP A O   1 
ATOM   1008 C CB  . TRP A 1 134 ? -5.496  5.993   8.979   1.00 10.45 ? 210  TRP A CB  1 
ATOM   1009 C CG  . TRP A 1 134 ? -4.127  5.442   8.663   1.00 10.94 ? 210  TRP A CG  1 
ATOM   1010 C CD1 . TRP A 1 134 ? -3.608  4.244   9.068   1.00 7.39  ? 210  TRP A CD1 1 
ATOM   1011 C CD2 . TRP A 1 134 ? -3.071  6.116   7.961   1.00 8.51  ? 210  TRP A CD2 1 
ATOM   1012 N NE1 . TRP A 1 134 ? -2.299  4.138   8.673   1.00 8.84  ? 210  TRP A NE1 1 
ATOM   1013 C CE2 . TRP A 1 134 ? -1.941  5.271   7.994   1.00 7.68  ? 210  TRP A CE2 1 
ATOM   1014 C CE3 . TRP A 1 134 ? -2.974  7.355   7.309   1.00 8.77  ? 210  TRP A CE3 1 
ATOM   1015 C CZ2 . TRP A 1 134 ? -0.720  5.623   7.404   1.00 8.30  ? 210  TRP A CZ2 1 
ATOM   1016 C CZ3 . TRP A 1 134 ? -1.758  7.707   6.722   1.00 10.97 ? 210  TRP A CZ3 1 
ATOM   1017 C CH2 . TRP A 1 134 ? -0.648  6.841   6.774   1.00 11.09 ? 210  TRP A CH2 1 
ATOM   1018 N N   . ARG A 1 135 ? -6.854  8.759   11.125  1.00 10.45 ? 211  ARG A N   1 
ATOM   1019 C CA  . ARG A 1 135 ? -8.114  9.384   11.533  1.00 11.88 ? 211  ARG A CA  1 
ATOM   1020 C C   . ARG A 1 135 ? -8.061  10.916  11.536  1.00 12.17 ? 211  ARG A C   1 
ATOM   1021 O O   . ARG A 1 135 ? -8.788  11.562  12.291  1.00 13.78 ? 211  ARG A O   1 
ATOM   1022 C CB  . ARG A 1 135 ? -8.523  8.900   12.930  1.00 13.61 ? 211  ARG A CB  1 
ATOM   1023 C CG  . ARG A 1 135 ? -8.825  7.416   13.043  1.00 16.33 ? 211  ARG A CG  1 
ATOM   1024 C CD  . ARG A 1 135 ? -9.381  7.078   14.427  1.00 15.10 ? 211  ARG A CD  1 
ATOM   1025 N NE  . ARG A 1 135 ? -9.717  5.658   14.562  1.00 19.37 ? 211  ARG A NE  1 
ATOM   1026 C CZ  . ARG A 1 135 ? -10.269 5.101   15.642  1.00 17.70 ? 211  ARG A CZ  1 
ATOM   1027 N NH1 . ARG A 1 135 ? -10.550 5.854   16.704  1.00 19.02 ? 211  ARG A NH1 1 
ATOM   1028 N NH2 . ARG A 1 135 ? -10.533 3.802   15.671  1.00 11.04 ? 211  ARG A NH2 1 
ATOM   1029 N N   . THR A 1 136 ? -7.196  11.504  10.718  1.00 11.07 ? 212  THR A N   1 
ATOM   1030 C CA  . THR A 1 136 ? -7.102  12.959  10.682  1.00 12.00 ? 212  THR A CA  1 
ATOM   1031 C C   . THR A 1 136 ? -6.546  13.479  9.365   1.00 12.00 ? 212  THR A C   1 
ATOM   1032 O O   . THR A 1 136 ? -5.735  12.816  8.713   1.00 11.29 ? 212  THR A O   1 
ATOM   1033 C CB  . THR A 1 136 ? -6.242  13.499  11.855  1.00 15.70 ? 212  THR A CB  1 
ATOM   1034 O OG1 . THR A 1 136 ? -6.357  14.926  11.925  1.00 16.50 ? 212  THR A OG1 1 
ATOM   1035 C CG2 . THR A 1 136 ? -4.778  13.118  11.672  1.00 13.25 ? 212  THR A CG2 1 
ATOM   1036 N N   . THR A 1 137 ? -7.026  14.646  8.955   1.00 11.72 ? 213  THR A N   1 
ATOM   1037 C CA  . THR A 1 137 ? -6.561  15.273  7.727   1.00 12.76 ? 213  THR A CA  1 
ATOM   1038 C C   . THR A 1 137 ? -5.876  16.587  8.082   1.00 12.52 ? 213  THR A C   1 
ATOM   1039 O O   . THR A 1 137 ? -5.575  17.391  7.204   1.00 14.09 ? 213  THR A O   1 
ATOM   1040 C CB  . THR A 1 137 ? -7.726  15.549  6.752   1.00 12.55 ? 213  THR A CB  1 
ATOM   1041 O OG1 . THR A 1 137 ? -8.729  16.323  7.416   1.00 14.40 ? 213  THR A OG1 1 
ATOM   1042 C CG2 . THR A 1 137 ? -8.344  14.245  6.269   1.00 9.67  ? 213  THR A CG2 1 
ATOM   1043 N N   . ASP A 1 138 ? -5.614  16.784  9.373   1.00 13.82 ? 214  ASP A N   1 
ATOM   1044 C CA  . ASP A 1 138 ? -4.979  17.999  9.869   1.00 15.60 ? 214  ASP A CA  1 
ATOM   1045 C C   . ASP A 1 138 ? -3.647  18.246  9.164   1.00 17.14 ? 214  ASP A C   1 
ATOM   1046 O O   . ASP A 1 138 ? -2.870  17.315  8.948   1.00 16.41 ? 214  ASP A O   1 
ATOM   1047 C CB  . ASP A 1 138 ? -4.772  17.904  11.387  1.00 16.89 ? 214  ASP A CB  1 
ATOM   1048 C CG  . ASP A 1 138 ? -4.496  19.257  12.035  1.00 22.67 ? 214  ASP A CG  1 
ATOM   1049 O OD1 . ASP A 1 138 ? -3.491  19.905  11.690  1.00 25.36 ? 214  ASP A OD1 1 
ATOM   1050 O OD2 . ASP A 1 138 ? -5.291  19.677  12.902  1.00 30.69 ? 214  ASP A OD2 1 
ATOM   1051 N N   . MET A 1 139 ? -3.405  19.497  8.782   1.00 18.22 ? 215  MET A N   1 
ATOM   1052 C CA  . MET A 1 139 ? -2.170  19.872  8.104   1.00 17.89 ? 215  MET A CA  1 
ATOM   1053 C C   . MET A 1 139 ? -0.952  19.752  8.996   1.00 16.97 ? 215  MET A C   1 
ATOM   1054 O O   . MET A 1 139 ? 0.130   19.414  8.522   1.00 18.27 ? 215  MET A O   1 
ATOM   1055 C CB  . MET A 1 139 ? -2.236  21.306  7.591   1.00 21.50 ? 215  MET A CB  1 
ATOM   1056 C CG  . MET A 1 139 ? -2.740  21.457  6.177   1.00 28.46 ? 215  MET A CG  1 
ATOM   1057 S SD  . MET A 1 139 ? -2.020  22.909  5.376   1.00 38.02 ? 215  MET A SD  1 
ATOM   1058 C CE  . MET A 1 139 ? -1.116  23.694  6.728   1.00 27.86 ? 215  MET A CE  1 
ATOM   1059 N N   . ALA A 1 140 ? -1.117  20.076  10.273  1.00 14.76 ? 216  ALA A N   1 
ATOM   1060 C CA  . ALA A 1 140 ? -0.017  20.031  11.234  1.00 16.06 ? 216  ALA A CA  1 
ATOM   1061 C C   . ALA A 1 140 ? 0.423   18.619  11.620  1.00 16.82 ? 216  ALA A C   1 
ATOM   1062 O O   . ALA A 1 140 ? 1.434   18.448  12.308  1.00 16.94 ? 216  ALA A O   1 
ATOM   1063 C CB  . ALA A 1 140 ? -0.371  20.835  12.474  1.00 16.18 ? 216  ALA A CB  1 
ATOM   1064 N N   . VAL A 1 141 ? -0.342  17.616  11.207  1.00 16.24 ? 217  VAL A N   1 
ATOM   1065 C CA  . VAL A 1 141 ? -0.003  16.230  11.508  1.00 16.97 ? 217  VAL A CA  1 
ATOM   1066 C C   . VAL A 1 141 ? 0.592   15.565  10.256  1.00 16.33 ? 217  VAL A C   1 
ATOM   1067 O O   . VAL A 1 141 ? 0.146   15.830  9.142   1.00 15.21 ? 217  VAL A O   1 
ATOM   1068 C CB  . VAL A 1 141 ? -1.242  15.448  12.007  1.00 18.74 ? 217  VAL A CB  1 
ATOM   1069 C CG1 . VAL A 1 141 ? -0.879  14.000  12.307  1.00 18.11 ? 217  VAL A CG1 1 
ATOM   1070 C CG2 . VAL A 1 141 ? -1.806  16.118  13.251  1.00 20.74 ? 217  VAL A CG2 1 
ATOM   1071 N N   . THR A 1 142 ? 1.613   14.731  10.439  1.00 15.85 ? 218  THR A N   1 
ATOM   1072 C CA  . THR A 1 142 ? 2.254   14.059  9.309   1.00 14.65 ? 218  THR A CA  1 
ATOM   1073 C C   . THR A 1 142 ? 2.186   12.540  9.376   1.00 14.35 ? 218  THR A C   1 
ATOM   1074 O O   . THR A 1 142 ? 1.857   11.954  10.414  1.00 15.06 ? 218  THR A O   1 
ATOM   1075 C CB  . THR A 1 142 ? 3.738   14.480  9.144   1.00 16.78 ? 218  THR A CB  1 
ATOM   1076 O OG1 . THR A 1 142 ? 4.450   14.248  10.368  1.00 20.55 ? 218  THR A OG1 1 
ATOM   1077 C CG2 . THR A 1 142 ? 3.844   15.958  8.776   1.00 13.87 ? 218  THR A CG2 1 
ATOM   1078 N N   . GLY A 1 143 ? 2.491   11.913  8.249   1.00 11.32 ? 219  GLY A N   1 
ATOM   1079 C CA  . GLY A 1 143 ? 2.489   10.471  8.158   1.00 9.42  ? 219  GLY A CA  1 
ATOM   1080 C C   . GLY A 1 143 ? 3.590   10.111  7.193   1.00 9.19  ? 219  GLY A C   1 
ATOM   1081 O O   . GLY A 1 143 ? 3.964   10.930  6.353   1.00 9.50  ? 219  GLY A O   1 
ATOM   1082 N N   . PHE A 1 144 ? 4.170   8.931   7.344   1.00 9.65  ? 220  PHE A N   1 
ATOM   1083 C CA  . PHE A 1 144 ? 5.222   8.524   6.428   1.00 10.40 ? 220  PHE A CA  1 
ATOM   1084 C C   . PHE A 1 144 ? 4.631   7.941   5.153   1.00 8.86  ? 220  PHE A C   1 
ATOM   1085 O O   . PHE A 1 144 ? 3.693   7.130   5.189   1.00 7.76  ? 220  PHE A O   1 
ATOM   1086 C CB  . PHE A 1 144 ? 6.207   7.560   7.097   1.00 11.27 ? 220  PHE A CB  1 
ATOM   1087 C CG  . PHE A 1 144 ? 7.385   8.252   7.728   1.00 12.77 ? 220  PHE A CG  1 
ATOM   1088 C CD1 . PHE A 1 144 ? 7.370   9.630   7.938   1.00 14.98 ? 220  PHE A CD1 1 
ATOM   1089 C CD2 . PHE A 1 144 ? 8.520   7.536   8.093   1.00 14.51 ? 220  PHE A CD2 1 
ATOM   1090 C CE1 . PHE A 1 144 ? 8.466   10.282  8.499   1.00 15.71 ? 220  PHE A CE1 1 
ATOM   1091 C CE2 . PHE A 1 144 ? 9.623   8.181   8.658   1.00 14.37 ? 220  PHE A CE2 1 
ATOM   1092 C CZ  . PHE A 1 144 ? 9.594   9.555   8.859   1.00 12.65 ? 220  PHE A CZ  1 
ATOM   1093 N N   . ALA A 1 145 ? 5.156   8.406   4.027   1.00 6.84  ? 221  ALA A N   1 
ATOM   1094 C CA  . ALA A 1 145 ? 4.706   7.965   2.721   1.00 8.27  ? 221  ALA A CA  1 
ATOM   1095 C C   . ALA A 1 145 ? 5.934   7.798   1.832   1.00 7.55  ? 221  ALA A C   1 
ATOM   1096 O O   . ALA A 1 145 ? 7.006   8.319   2.138   1.00 7.51  ? 221  ALA A O   1 
ATOM   1097 C CB  . ALA A 1 145 ? 3.741   8.983   2.133   1.00 7.86  ? 221  ALA A CB  1 
ATOM   1098 N N   . SER A 1 146 ? 5.785   7.061   0.738   1.00 6.62  ? 222  SER A N   1 
ATOM   1099 C CA  . SER A 1 146 ? 6.908   6.812   -0.151  1.00 7.65  ? 222  SER A CA  1 
ATOM   1100 C C   . SER A 1 146 ? 6.680   7.284   -1.585  1.00 8.39  ? 222  SER A C   1 
ATOM   1101 O O   . SER A 1 146 ? 5.709   6.871   -2.232  1.00 8.06  ? 222  SER A O   1 
ATOM   1102 C CB  . SER A 1 146 ? 7.214   5.310   -0.152  1.00 7.92  ? 222  SER A CB  1 
ATOM   1103 O OG  . SER A 1 146 ? 8.422   5.005   -0.822  1.00 9.70  ? 222  SER A OG  1 
ATOM   1104 N N   . PRO A 1 147 ? 7.548   8.180   -2.089  1.00 8.69  ? 223  PRO A N   1 
ATOM   1105 C CA  . PRO A 1 147 ? 7.438   8.695   -3.460  1.00 8.20  ? 223  PRO A CA  1 
ATOM   1106 C C   . PRO A 1 147 ? 7.831   7.556   -4.403  1.00 10.37 ? 223  PRO A C   1 
ATOM   1107 O O   . PRO A 1 147 ? 8.977   7.102   -4.387  1.00 11.33 ? 223  PRO A O   1 
ATOM   1108 C CB  . PRO A 1 147 ? 8.492   9.802   -3.497  1.00 5.81  ? 223  PRO A CB  1 
ATOM   1109 C CG  . PRO A 1 147 ? 8.639   10.204  -2.061  1.00 10.81 ? 223  PRO A CG  1 
ATOM   1110 C CD  . PRO A 1 147 ? 8.625   8.873   -1.365  1.00 7.31  ? 223  PRO A CD  1 
ATOM   1111 N N   . LEU A 1 148 ? 6.891   7.095   -5.217  1.00 9.02  ? 224  LEU A N   1 
ATOM   1112 C CA  . LEU A 1 148 ? 7.154   5.998   -6.143  1.00 10.31 ? 224  LEU A CA  1 
ATOM   1113 C C   . LEU A 1 148 ? 8.323   6.226   -7.115  1.00 10.31 ? 224  LEU A C   1 
ATOM   1114 O O   . LEU A 1 148 ? 8.842   5.267   -7.691  1.00 8.60  ? 224  LEU A O   1 
ATOM   1115 C CB  . LEU A 1 148 ? 5.878   5.642   -6.917  1.00 9.17  ? 224  LEU A CB  1 
ATOM   1116 C CG  . LEU A 1 148 ? 4.706   5.057   -6.122  1.00 11.10 ? 224  LEU A CG  1 
ATOM   1117 C CD1 . LEU A 1 148 ? 3.487   4.960   -7.025  1.00 12.31 ? 224  LEU A CD1 1 
ATOM   1118 C CD2 . LEU A 1 148 ? 5.064   3.687   -5.559  1.00 9.67  ? 224  LEU A CD2 1 
ATOM   1119 N N   . SER A 1 149 ? 8.725   7.483   -7.302  1.00 11.24 ? 225  SER A N   1 
ATOM   1120 C CA  . SER A 1 149 ? 9.828   7.819   -8.205  1.00 15.08 ? 225  SER A CA  1 
ATOM   1121 C C   . SER A 1 149 ? 11.157  7.237   -7.731  1.00 16.48 ? 225  SER A C   1 
ATOM   1122 O O   . SER A 1 149 ? 12.015  6.890   -8.547  1.00 18.75 ? 225  SER A O   1 
ATOM   1123 C CB  . SER A 1 149 ? 9.957   9.339   -8.366  1.00 13.88 ? 225  SER A CB  1 
ATOM   1124 O OG  . SER A 1 149 ? 10.268  9.981   -7.140  1.00 13.48 ? 225  SER A OG  1 
ATOM   1125 N N   . THR A 1 150 ? 11.311  7.112   -6.415  1.00 15.14 ? 226  THR A N   1 
ATOM   1126 C CA  . THR A 1 150 ? 12.528  6.572   -5.828  1.00 14.44 ? 226  THR A CA  1 
ATOM   1127 C C   . THR A 1 150 ? 12.676  5.075   -6.117  1.00 13.58 ? 226  THR A C   1 
ATOM   1128 O O   . THR A 1 150 ? 13.743  4.501   -5.898  1.00 13.41 ? 226  THR A O   1 
ATOM   1129 C CB  . THR A 1 150 ? 12.549  6.769   -4.294  1.00 13.20 ? 226  THR A CB  1 
ATOM   1130 O OG1 . THR A 1 150 ? 11.520  5.975   -3.695  1.00 16.85 ? 226  THR A OG1 1 
ATOM   1131 C CG2 . THR A 1 150 ? 12.324  8.226   -3.937  1.00 10.27 ? 226  THR A CG2 1 
ATOM   1132 N N   . GLY A 1 151 ? 11.602  4.447   -6.586  1.00 12.51 ? 227  GLY A N   1 
ATOM   1133 C CA  . GLY A 1 151 ? 11.643  3.021   -6.863  1.00 12.75 ? 227  GLY A CA  1 
ATOM   1134 C C   . GLY A 1 151 ? 11.513  2.188   -5.594  1.00 12.65 ? 227  GLY A C   1 
ATOM   1135 O O   . GLY A 1 151 ? 11.749  0.975   -5.603  1.00 13.47 ? 227  GLY A O   1 
ATOM   1136 N N   . LYS A 1 152 ? 11.131  2.835   -4.498  1.00 11.47 ? 228  LYS A N   1 
ATOM   1137 C CA  . LYS A 1 152 ? 10.960  2.154   -3.220  1.00 11.40 ? 228  LYS A CA  1 
ATOM   1138 C C   . LYS A 1 152 ? 9.522   2.300   -2.757  1.00 11.55 ? 228  LYS A C   1 
ATOM   1139 O O   . LYS A 1 152 ? 8.894   3.335   -2.994  1.00 12.74 ? 228  LYS A O   1 
ATOM   1140 C CB  . LYS A 1 152 ? 11.893  2.761   -2.175  1.00 14.73 ? 228  LYS A CB  1 
ATOM   1141 C CG  . LYS A 1 152 ? 13.360  2.560   -2.484  1.00 17.03 ? 228  LYS A CG  1 
ATOM   1142 C CD  . LYS A 1 152 ? 14.237  3.415   -1.597  1.00 18.37 ? 228  LYS A CD  1 
ATOM   1143 C CE  . LYS A 1 152 ? 15.682  3.284   -2.027  1.00 17.97 ? 228  LYS A CE  1 
ATOM   1144 N NZ  . LYS A 1 152 ? 16.568  4.121   -1.205  1.00 25.55 ? 228  LYS A NZ  1 
ATOM   1145 N N   . ILE A 1 153 ? 9.011   1.283   -2.070  1.00 10.05 ? 229  ILE A N   1 
ATOM   1146 C CA  . ILE A 1 153 ? 7.638   1.312   -1.581  1.00 9.97  ? 229  ILE A CA  1 
ATOM   1147 C C   . ILE A 1 153 ? 7.572   1.712   -0.102  1.00 11.27 ? 229  ILE A C   1 
ATOM   1148 O O   . ILE A 1 153 ? 6.497   2.050   0.410   1.00 11.60 ? 229  ILE A O   1 
ATOM   1149 C CB  . ILE A 1 153 ? 6.918   -0.046  -1.847  1.00 9.26  ? 229  ILE A CB  1 
ATOM   1150 C CG1 . ILE A 1 153 ? 5.405   0.159   -1.881  1.00 12.77 ? 229  ILE A CG1 1 
ATOM   1151 C CG2 . ILE A 1 153 ? 7.291   -1.082  -0.790  1.00 10.19 ? 229  ILE A CG2 1 
ATOM   1152 C CD1 . ILE A 1 153 ? 4.707   -0.654  -2.954  1.00 14.62 ? 229  ILE A CD1 1 
ATOM   1153 N N   . LEU A 1 154 ? 8.730   1.711   0.563   1.00 10.28 ? 230  LEU A N   1 
ATOM   1154 C CA  . LEU A 1 154 ? 8.822   2.074   1.973   1.00 9.31  ? 230  LEU A CA  1 
ATOM   1155 C C   . LEU A 1 154 ? 9.820   3.194   2.276   1.00 10.81 ? 230  LEU A C   1 
ATOM   1156 O O   . LEU A 1 154 ? 10.436  3.208   3.349   1.00 11.90 ? 230  LEU A O   1 
ATOM   1157 C CB  . LEU A 1 154 ? 9.147   0.845   2.834   1.00 7.70  ? 230  LEU A CB  1 
ATOM   1158 C CG  . LEU A 1 154 ? 8.081   -0.246  2.961   1.00 14.98 ? 230  LEU A CG  1 
ATOM   1159 C CD1 . LEU A 1 154 ? 8.667   -1.450  3.662   1.00 11.77 ? 230  LEU A CD1 1 
ATOM   1160 C CD2 . LEU A 1 154 ? 6.860   0.282   3.709   1.00 17.91 ? 230  LEU A CD2 1 
ATOM   1161 N N   . ASP A 1 155 ? 9.976   4.140   1.353   1.00 10.28 ? 231  ASP A N   1 
ATOM   1162 C CA  . ASP A 1 155 ? 10.885  5.257   1.594   1.00 9.60  ? 231  ASP A CA  1 
ATOM   1163 C C   . ASP A 1 155 ? 10.352  6.026   2.810   1.00 10.33 ? 231  ASP A C   1 
ATOM   1164 O O   . ASP A 1 155 ? 9.137   6.051   3.065   1.00 10.19 ? 231  ASP A O   1 
ATOM   1165 C CB  . ASP A 1 155 ? 10.990  6.164   0.362   1.00 9.05  ? 231  ASP A CB  1 
ATOM   1166 C CG  . ASP A 1 155 ? 12.113  7.186   0.478   1.00 13.72 ? 231  ASP A CG  1 
ATOM   1167 O OD1 . ASP A 1 155 ? 13.079  6.952   1.238   1.00 17.72 ? 231  ASP A OD1 1 
ATOM   1168 O OD2 . ASP A 1 155 ? 12.035  8.228   -0.198  1.00 14.33 ? 231  ASP A OD2 1 
ATOM   1169 N N   . GLN A 1 156 ? 11.261  6.630   3.565   1.00 9.95  ? 232  GLN A N   1 
ATOM   1170 C CA  . GLN A 1 156 ? 10.903  7.344   4.780   1.00 10.40 ? 232  GLN A CA  1 
ATOM   1171 C C   . GLN A 1 156 ? 10.742  8.848   4.603   1.00 10.56 ? 232  GLN A C   1 
ATOM   1172 O O   . GLN A 1 156 ? 11.618  9.619   4.991   1.00 9.46  ? 232  GLN A O   1 
ATOM   1173 C CB  . GLN A 1 156 ? 11.940  7.051   5.869   1.00 7.75  ? 232  GLN A CB  1 
ATOM   1174 C CG  . GLN A 1 156 ? 12.176  5.566   6.133   1.00 8.75  ? 232  GLN A CG  1 
ATOM   1175 C CD  . GLN A 1 156 ? 11.058  4.914   6.912   1.00 10.00 ? 232  GLN A CD  1 
ATOM   1176 O OE1 . GLN A 1 156 ? 10.952  5.082   8.129   1.00 12.98 ? 232  GLN A OE1 1 
ATOM   1177 N NE2 . GLN A 1 156 ? 10.243  4.124   6.229   1.00 9.27  ? 232  GLN A NE2 1 
ATOM   1178 N N   . LYS A 1 157 ? 9.613   9.268   4.043   1.00 11.60 ? 233  LYS A N   1 
ATOM   1179 C CA  . LYS A 1 157 ? 9.349   10.693  3.831   1.00 11.70 ? 233  LYS A CA  1 
ATOM   1180 C C   . LYS A 1 157 ? 8.082   11.141  4.558   1.00 11.31 ? 233  LYS A C   1 
ATOM   1181 O O   . LYS A 1 157 ? 7.082   10.420  4.587   1.00 9.88  ? 233  LYS A O   1 
ATOM   1182 C CB  . LYS A 1 157 ? 9.227   10.998  2.337   1.00 13.50 ? 233  LYS A CB  1 
ATOM   1183 C CG  . LYS A 1 157 ? 10.496  10.731  1.547   1.00 18.83 ? 233  LYS A CG  1 
ATOM   1184 C CD  . LYS A 1 157 ? 11.643  11.600  2.031   1.00 21.88 ? 233  LYS A CD  1 
ATOM   1185 C CE  . LYS A 1 157 ? 12.904  11.346  1.222   1.00 26.95 ? 233  LYS A CE  1 
ATOM   1186 N NZ  . LYS A 1 157 ? 13.995  12.267  1.650   1.00 34.06 ? 233  LYS A NZ  1 
ATOM   1187 N N   . ALA A 1 158 ? 8.135   12.337  5.138   1.00 10.72 ? 234  ALA A N   1 
ATOM   1188 C CA  . ALA A 1 158 ? 7.008   12.890  5.881   1.00 11.77 ? 234  ALA A CA  1 
ATOM   1189 C C   . ALA A 1 158 ? 6.062   13.681  4.994   1.00 12.31 ? 234  ALA A C   1 
ATOM   1190 O O   . ALA A 1 158 ? 6.488   14.550  4.234   1.00 13.51 ? 234  ALA A O   1 
ATOM   1191 C CB  . ALA A 1 158 ? 7.511   13.772  7.029   1.00 13.03 ? 234  ALA A CB  1 
ATOM   1192 N N   . TYR A 1 159 ? 4.776   13.371  5.092   1.00 12.20 ? 235  TYR A N   1 
ATOM   1193 C CA  . TYR A 1 159 ? 3.755   14.067  4.325   1.00 11.21 ? 235  TYR A CA  1 
ATOM   1194 C C   . TYR A 1 159 ? 2.613   14.454  5.246   1.00 9.21  ? 235  TYR A C   1 
ATOM   1195 O O   . TYR A 1 159 ? 2.227   13.689  6.126   1.00 6.11  ? 235  TYR A O   1 
ATOM   1196 C CB  . TYR A 1 159 ? 3.222   13.193  3.188   1.00 11.59 ? 235  TYR A CB  1 
ATOM   1197 C CG  . TYR A 1 159 ? 4.156   13.095  2.006   1.00 10.12 ? 235  TYR A CG  1 
ATOM   1198 C CD1 . TYR A 1 159 ? 5.256   12.236  2.032   1.00 9.73  ? 235  TYR A CD1 1 
ATOM   1199 C CD2 . TYR A 1 159 ? 3.948   13.866  0.863   1.00 8.34  ? 235  TYR A CD2 1 
ATOM   1200 C CE1 . TYR A 1 159 ? 6.123   12.150  0.950   1.00 10.77 ? 235  TYR A CE1 1 
ATOM   1201 C CE2 . TYR A 1 159 ? 4.810   13.785  -0.226  1.00 10.83 ? 235  TYR A CE2 1 
ATOM   1202 C CZ  . TYR A 1 159 ? 5.896   12.926  -0.174  1.00 8.75  ? 235  TYR A CZ  1 
ATOM   1203 O OH  . TYR A 1 159 ? 6.751   12.828  -1.243  1.00 16.62 ? 235  TYR A OH  1 
ATOM   1204 N N   . SER A 1 160 ? 2.112   15.670  5.065   1.00 11.47 ? 236  SER A N   1 
ATOM   1205 C CA  . SER A 1 160 ? 0.997   16.176  5.857   1.00 10.52 ? 236  SER A CA  1 
ATOM   1206 C C   . SER A 1 160 ? -0.200  15.273  5.587   1.00 8.28  ? 236  SER A C   1 
ATOM   1207 O O   . SER A 1 160 ? -0.437  14.857  4.447   1.00 8.66  ? 236  SER A O   1 
ATOM   1208 C CB  . SER A 1 160 ? 0.662   17.608  5.420   1.00 14.47 ? 236  SER A CB  1 
ATOM   1209 O OG  . SER A 1 160 ? -0.493  18.122  6.059   1.00 15.47 ? 236  SER A OG  1 
ATOM   1210 N N   . CYS A 1 161 ? -0.961  14.998  6.636   1.00 7.27  ? 237  CYS A N   1 
ATOM   1211 C CA  . CYS A 1 161 ? -2.135  14.149  6.534   1.00 8.24  ? 237  CYS A CA  1 
ATOM   1212 C C   . CYS A 1 161 ? -3.246  14.704  5.687   1.00 7.61  ? 237  CYS A C   1 
ATOM   1213 O O   . CYS A 1 161 ? -4.228  14.018  5.404   1.00 6.35  ? 237  CYS A O   1 
ATOM   1214 C CB  . CYS A 1 161 ? -2.636  13.809  7.919   1.00 9.45  ? 237  CYS A CB  1 
ATOM   1215 S SG  . CYS A 1 161 ? -1.338  12.816  8.731   1.00 9.42  ? 237  CYS A SG  1 
ATOM   1216 N N   . ALA A 1 162 ? -3.098  15.964  5.315   1.00 8.13  ? 238  ALA A N   1 
ATOM   1217 C CA  . ALA A 1 162 ? -4.077  16.642  4.497   1.00 7.25  ? 238  ALA A CA  1 
ATOM   1218 C C   . ALA A 1 162 ? -3.899  16.274  3.033   1.00 7.33  ? 238  ALA A C   1 
ATOM   1219 O O   . ALA A 1 162 ? -4.816  16.432  2.234   1.00 7.23  ? 238  ALA A O   1 
ATOM   1220 C CB  . ALA A 1 162 ? -3.939  18.137  4.688   1.00 6.22  ? 238  ALA A CB  1 
ATOM   1221 N N   . ASN A 1 163 ? -2.714  15.783  2.683   1.00 8.64  ? 239  ASN A N   1 
ATOM   1222 C CA  . ASN A 1 163 ? -2.411  15.397  1.310   1.00 6.38  ? 239  ASN A CA  1 
ATOM   1223 C C   . ASN A 1 163 ? -3.168  14.158  0.891   1.00 7.75  ? 239  ASN A C   1 
ATOM   1224 O O   . ASN A 1 163 ? -3.268  13.195  1.647   1.00 10.08 ? 239  ASN A O   1 
ATOM   1225 C CB  . ASN A 1 163 ? -0.919  15.125  1.136   1.00 4.21  ? 239  ASN A CB  1 
ATOM   1226 C CG  . ASN A 1 163 ? -0.091  16.370  1.234   1.00 10.94 ? 239  ASN A CG  1 
ATOM   1227 O OD1 . ASN A 1 163 ? -0.309  17.331  0.500   1.00 11.34 ? 239  ASN A OD1 1 
ATOM   1228 N ND2 . ASN A 1 163 ? 0.874   16.366  2.139   1.00 8.46  ? 239  ASN A ND2 1 
ATOM   1229 N N   . ARG A 1 164 ? -3.700  14.192  -0.322  1.00 7.66  ? 240  ARG A N   1 
ATOM   1230 C CA  . ARG A 1 164 ? -4.427  13.058  -0.867  1.00 8.71  ? 240  ARG A CA  1 
ATOM   1231 C C   . ARG A 1 164 ? -3.412  12.196  -1.628  1.00 7.57  ? 240  ARG A C   1 
ATOM   1232 O O   . ARG A 1 164 ? -3.006  12.544  -2.739  1.00 6.76  ? 240  ARG A O   1 
ATOM   1233 C CB  . ARG A 1 164 ? -5.512  13.544  -1.817  1.00 9.40  ? 240  ARG A CB  1 
ATOM   1234 C CG  . ARG A 1 164 ? -6.607  14.388  -1.197  1.00 14.41 ? 240  ARG A CG  1 
ATOM   1235 C CD  . ARG A 1 164 ? -7.962  13.936  -1.727  1.00 27.26 ? 240  ARG A CD  1 
ATOM   1236 N NE  . ARG A 1 164 ? -8.331  14.433  -3.064  1.00 34.02 ? 240  ARG A NE  1 
ATOM   1237 C CZ  . ARG A 1 164 ? -7.776  14.080  -4.228  1.00 40.07 ? 240  ARG A CZ  1 
ATOM   1238 N NH1 . ARG A 1 164 ? -6.775  13.215  -4.290  1.00 46.67 ? 240  ARG A NH1 1 
ATOM   1239 N NH2 . ARG A 1 164 ? -8.325  14.492  -5.361  1.00 42.58 ? 240  ARG A NH2 1 
ATOM   1240 N N   . LEU A 1 165 ? -3.047  11.053  -1.052  1.00 6.54  ? 241  LEU A N   1 
ATOM   1241 C CA  . LEU A 1 165 ? -2.057  10.168  -1.659  1.00 4.93  ? 241  LEU A CA  1 
ATOM   1242 C C   . LEU A 1 165 ? -2.620  8.787   -2.005  1.00 6.13  ? 241  LEU A C   1 
ATOM   1243 O O   . LEU A 1 165 ? -3.817  8.527   -1.836  1.00 4.62  ? 241  LEU A O   1 
ATOM   1244 C CB  . LEU A 1 165 ? -0.835  10.054  -0.731  1.00 4.74  ? 241  LEU A CB  1 
ATOM   1245 C CG  . LEU A 1 165 ? -0.221  11.365  -0.185  1.00 2.10  ? 241  LEU A CG  1 
ATOM   1246 C CD1 . LEU A 1 165 ? 0.948   11.061  0.752   1.00 3.05  ? 241  LEU A CD1 1 
ATOM   1247 C CD2 . LEU A 1 165 ? 0.241   12.283  -1.317  1.00 5.48  ? 241  LEU A CD2 1 
ATOM   1248 N N   . ILE A 1 166 ? -1.755  7.907   -2.505  1.00 5.67  ? 242  ILE A N   1 
ATOM   1249 C CA  . ILE A 1 166 ? -2.152  6.558   -2.898  1.00 6.14  ? 242  ILE A CA  1 
ATOM   1250 C C   . ILE A 1 166 ? -2.176  5.602   -1.717  1.00 6.35  ? 242  ILE A C   1 
ATOM   1251 O O   . ILE A 1 166 ? -1.335  5.687   -0.815  1.00 5.01  ? 242  ILE A O   1 
ATOM   1252 C CB  . ILE A 1 166 ? -1.179  5.972   -3.961  1.00 8.63  ? 242  ILE A CB  1 
ATOM   1253 C CG1 . ILE A 1 166 ? -1.131  6.882   -5.194  1.00 12.37 ? 242  ILE A CG1 1 
ATOM   1254 C CG2 . ILE A 1 166 ? -1.615  4.567   -4.370  1.00 2.00  ? 242  ILE A CG2 1 
ATOM   1255 C CD1 . ILE A 1 166 ? 0.164   6.802   -5.985  1.00 9.04  ? 242  ILE A CD1 1 
ATOM   1256 N N   . VAL A 1 167 ? -3.157  4.707   -1.721  1.00 4.72  ? 243  VAL A N   1 
ATOM   1257 C CA  . VAL A 1 167 ? -3.274  3.688   -0.690  1.00 5.30  ? 243  VAL A CA  1 
ATOM   1258 C C   . VAL A 1 167 ? -3.395  2.378   -1.446  1.00 5.82  ? 243  VAL A C   1 
ATOM   1259 O O   . VAL A 1 167 ? -4.174  2.275   -2.405  1.00 6.05  ? 243  VAL A O   1 
ATOM   1260 C CB  . VAL A 1 167 ? -4.519  3.887   0.207   1.00 4.83  ? 243  VAL A CB  1 
ATOM   1261 C CG1 . VAL A 1 167 ? -4.773  2.635   1.042   1.00 7.31  ? 243  VAL A CG1 1 
ATOM   1262 C CG2 . VAL A 1 167 ? -4.310  5.075   1.128   1.00 7.03  ? 243  VAL A CG2 1 
ATOM   1263 N N   . LEU A 1 168 ? -2.596  1.398   -1.049  1.00 3.30  ? 244  LEU A N   1 
ATOM   1264 C CA  . LEU A 1 168 ? -2.619  0.101   -1.697  1.00 5.29  ? 244  LEU A CA  1 
ATOM   1265 C C   . LEU A 1 168 ? -3.342  -0.928  -0.831  1.00 5.24  ? 244  LEU A C   1 
ATOM   1266 O O   . LEU A 1 168 ? -3.479  -0.749  0.381   1.00 5.24  ? 244  LEU A O   1 
ATOM   1267 C CB  . LEU A 1 168 ? -1.194  -0.370  -1.999  1.00 2.35  ? 244  LEU A CB  1 
ATOM   1268 C CG  . LEU A 1 168 ? -0.314  0.550   -2.845  1.00 2.95  ? 244  LEU A CG  1 
ATOM   1269 C CD1 . LEU A 1 168 ? 1.094   -0.048  -2.948  1.00 3.91  ? 244  LEU A CD1 1 
ATOM   1270 C CD2 . LEU A 1 168 ? -0.921  0.734   -4.227  1.00 5.17  ? 244  LEU A CD2 1 
ATOM   1271 N N   . CYS A 1 169 ? -3.808  -1.993  -1.470  1.00 6.15  ? 245  CYS A N   1 
ATOM   1272 C CA  . CYS A 1 169 ? -4.514  -3.084  -0.816  1.00 6.68  ? 245  CYS A CA  1 
ATOM   1273 C C   . CYS A 1 169 ? -3.795  -4.360  -1.216  1.00 7.16  ? 245  CYS A C   1 
ATOM   1274 O O   . CYS A 1 169 ? -3.437  -4.536  -2.382  1.00 8.47  ? 245  CYS A O   1 
ATOM   1275 C CB  . CYS A 1 169 ? -5.962  -3.143  -1.301  1.00 6.22  ? 245  CYS A CB  1 
ATOM   1276 S SG  . CYS A 1 169 ? -6.869  -1.592  -1.017  1.00 8.75  ? 245  CYS A SG  1 
ATOM   1277 N N   . ILE A 1 170 ? -3.604  -5.257  -0.257  1.00 6.82  ? 246  ILE A N   1 
ATOM   1278 C CA  . ILE A 1 170 ? -2.896  -6.504  -0.498  1.00 4.25  ? 246  ILE A CA  1 
ATOM   1279 C C   . ILE A 1 170 ? -3.735  -7.722  -0.147  1.00 5.00  ? 246  ILE A C   1 
ATOM   1280 O O   . ILE A 1 170 ? -4.453  -7.736  0.857   1.00 4.70  ? 246  ILE A O   1 
ATOM   1281 C CB  . ILE A 1 170 ? -1.563  -6.526  0.316   1.00 6.00  ? 246  ILE A CB  1 
ATOM   1282 C CG1 . ILE A 1 170 ? -0.831  -7.863  0.149   1.00 5.20  ? 246  ILE A CG1 1 
ATOM   1283 C CG2 . ILE A 1 170 ? -1.830  -6.257  1.791   1.00 8.47  ? 246  ILE A CG2 1 
ATOM   1284 C CD1 . ILE A 1 170 ? -0.248  -8.089  -1.229  1.00 2.53  ? 246  ILE A CD1 1 
ATOM   1285 N N   . GLU A 1 171 ? -3.695  -8.716  -1.024  1.00 5.90  ? 247  GLU A N   1 
ATOM   1286 C CA  . GLU A 1 171 ? -4.400  -9.968  -0.805  1.00 8.51  ? 247  GLU A CA  1 
ATOM   1287 C C   . GLU A 1 171 ? -3.650  -10.596 0.374   1.00 11.49 ? 247  GLU A C   1 
ATOM   1288 O O   . GLU A 1 171 ? -2.490  -10.995 0.237   1.00 11.69 ? 247  GLU A O   1 
ATOM   1289 C CB  . GLU A 1 171 ? -4.255  -10.835 -2.048  1.00 7.18  ? 247  GLU A CB  1 
ATOM   1290 C CG  . GLU A 1 171 ? -5.496  -11.573 -2.455  1.00 9.98  ? 247  GLU A CG  1 
ATOM   1291 C CD  . GLU A 1 171 ? -5.380  -12.164 -3.850  1.00 17.01 ? 247  GLU A CD  1 
ATOM   1292 O OE1 . GLU A 1 171 ? -4.365  -11.905 -4.531  1.00 15.75 ? 247  GLU A OE1 1 
ATOM   1293 O OE2 . GLU A 1 171 ? -6.308  -12.873 -4.284  1.00 20.88 ? 247  GLU A OE2 1 
ATOM   1294 N N   . ASN A 1 172 ? -4.286  -10.641 1.541   1.00 12.96 ? 248  ASN A N   1 
ATOM   1295 C CA  . ASN A 1 172 ? -3.623  -11.165 2.737   1.00 13.53 ? 248  ASN A CA  1 
ATOM   1296 C C   . ASN A 1 172 ? -3.448  -12.679 2.862   1.00 13.60 ? 248  ASN A C   1 
ATOM   1297 O O   . ASN A 1 172 ? -2.707  -13.139 3.727   1.00 14.42 ? 248  ASN A O   1 
ATOM   1298 C CB  . ASN A 1 172 ? -4.257  -10.591 4.014   1.00 10.65 ? 248  ASN A CB  1 
ATOM   1299 C CG  . ASN A 1 172 ? -5.481  -11.374 4.483   1.00 16.08 ? 248  ASN A CG  1 
ATOM   1300 O OD1 . ASN A 1 172 ? -5.723  -11.490 5.684   1.00 24.54 ? 248  ASN A OD1 1 
ATOM   1301 N ND2 . ASN A 1 172 ? -6.271  -11.879 3.546   1.00 13.42 ? 248  ASN A ND2 1 
ATOM   1302 N N   . SER A 1 173 ? -4.134  -13.449 2.026   1.00 13.93 ? 249  SER A N   1 
ATOM   1303 C CA  . SER A 1 173 ? -4.022  -14.902 2.072   1.00 15.91 ? 249  SER A CA  1 
ATOM   1304 C C   . SER A 1 173 ? -4.374  -15.494 0.712   1.00 17.48 ? 249  SER A C   1 
ATOM   1305 O O   . SER A 1 173 ? -4.858  -14.783 -0.170  1.00 16.93 ? 249  SER A O   1 
ATOM   1306 C CB  . SER A 1 173 ? -4.930  -15.488 3.163   1.00 16.81 ? 249  SER A CB  1 
ATOM   1307 O OG  . SER A 1 173 ? -6.299  -15.183 2.938   1.00 19.40 ? 249  SER A OG  1 
ATOM   1308 N N   . PHE A 1 174 ? -4.116  -16.786 0.547   1.00 19.17 ? 250  PHE A N   1 
ATOM   1309 C CA  . PHE A 1 174 ? -4.401  -17.479 -0.698  1.00 19.87 ? 250  PHE A CA  1 
ATOM   1310 C C   . PHE A 1 174 ? -5.458  -18.559 -0.458  1.00 21.17 ? 250  PHE A C   1 
ATOM   1311 O O   . PHE A 1 174 ? -6.570  -18.424 -1.008  1.00 22.12 ? 250  PHE A O   1 
ATOM   1312 C CB  . PHE A 1 174 ? -3.117  -18.099 -1.254  1.00 16.45 ? 250  PHE A CB  1 
ATOM   1313 C CG  . PHE A 1 174 ? -3.264  -18.666 -2.634  1.00 18.21 ? 250  PHE A CG  1 
ATOM   1314 C CD1 . PHE A 1 174 ? -3.240  -17.831 -3.747  1.00 19.02 ? 250  PHE A CD1 1 
ATOM   1315 C CD2 . PHE A 1 174 ? -3.447  -20.032 -2.823  1.00 15.80 ? 250  PHE A CD2 1 
ATOM   1316 C CE1 . PHE A 1 174 ? -3.398  -18.349 -5.030  1.00 21.71 ? 250  PHE A CE1 1 
ATOM   1317 C CE2 . PHE A 1 174 ? -3.605  -20.558 -4.097  1.00 16.57 ? 250  PHE A CE2 1 
ATOM   1318 C CZ  . PHE A 1 174 ? -3.582  -19.716 -5.206  1.00 16.62 ? 250  PHE A CZ  1 
HETATM 1319 S S   . SO4 B 2 .   ? -10.826 0.574   11.101  1.00 51.98 ? 401  SO4 A S   1 
HETATM 1320 O O1  . SO4 B 2 .   ? -11.697 0.793   12.266  1.00 55.51 ? 401  SO4 A O1  1 
HETATM 1321 O O2  . SO4 B 2 .   ? -9.822  1.643   11.038  1.00 51.14 ? 401  SO4 A O2  1 
HETATM 1322 O O3  . SO4 B 2 .   ? -11.660 0.625   9.877   1.00 56.42 ? 401  SO4 A O3  1 
HETATM 1323 O O4  . SO4 B 2 .   ? -10.175 -0.737  11.194  1.00 53.37 ? 401  SO4 A O4  1 
HETATM 1324 O O   . HOH C 3 .   ? -5.115  5.258   -4.552  1.00 7.91  ? 2001 HOH A O   1 
HETATM 1325 O O   . HOH C 3 .   ? -10.558 5.411   -2.840  1.00 28.79 ? 2002 HOH A O   1 
HETATM 1326 O O   . HOH C 3 .   ? -10.537 11.987  4.089   0.52 15.22 ? 2003 HOH A O   1 
HETATM 1327 O O   . HOH C 3 .   ? -12.793 5.725   3.927   1.00 34.67 ? 2004 HOH A O   1 
HETATM 1328 O O   . HOH C 3 .   ? -4.687  -3.548  7.264   1.00 15.29 ? 2005 HOH A O   1 
HETATM 1329 O O   . HOH C 3 .   ? -18.844 -2.709  -3.110  0.47 2.00  ? 2006 HOH A O   1 
HETATM 1330 O O   . HOH C 3 .   ? -13.990 -1.188  -7.838  1.00 16.98 ? 2007 HOH A O   1 
HETATM 1331 O O   . HOH C 3 .   ? -18.311 -9.269  -5.259  1.00 41.90 ? 2008 HOH A O   1 
HETATM 1332 O O   . HOH C 3 .   ? -11.501 -7.961  1.686   1.00 21.46 ? 2009 HOH A O   1 
HETATM 1333 O O   . HOH C 3 .   ? -10.556 -5.475  4.531   1.00 22.57 ? 2010 HOH A O   1 
HETATM 1334 O O   . HOH C 3 .   ? -0.843  1.924   1.136   1.00 2.00  ? 2011 HOH A O   1 
HETATM 1335 O O   . HOH C 3 .   ? -2.515  -2.082  9.531   1.00 37.90 ? 2012 HOH A O   1 
HETATM 1336 O O   . HOH C 3 .   ? -6.075  -1.589  14.194  1.00 44.10 ? 2013 HOH A O   1 
HETATM 1337 O O   . HOH C 3 .   ? -0.322  1.432   17.787  1.00 11.21 ? 2014 HOH A O   1 
HETATM 1338 O O   . HOH C 3 .   ? 6.329   -7.218  13.231  1.00 31.77 ? 2015 HOH A O   1 
HETATM 1339 O O   . HOH C 3 .   ? -4.801  -8.295  8.209   1.00 23.23 ? 2016 HOH A O   1 
HETATM 1340 O O   . HOH C 3 .   ? 5.122   -14.436 -0.381  0.64 2.00  ? 2017 HOH A O   1 
HETATM 1341 O O   . HOH C 3 .   ? 11.584  -17.366 0.332   1.00 18.07 ? 2018 HOH A O   1 
HETATM 1342 O O   . HOH C 3 .   ? 5.085   -18.879 1.732   0.48 2.00  ? 2019 HOH A O   1 
HETATM 1343 O O   . HOH C 3 .   ? -2.286  -3.539  -9.487  1.00 5.17  ? 2020 HOH A O   1 
HETATM 1344 O O   . HOH C 3 .   ? -0.018  -14.135 -12.159 1.00 44.24 ? 2021 HOH A O   1 
HETATM 1345 O O   . HOH C 3 .   ? 0.351   -4.214  -17.360 1.00 25.01 ? 2022 HOH A O   1 
HETATM 1346 O O   . HOH C 3 .   ? 12.845  -13.898 0.660   1.00 41.15 ? 2023 HOH A O   1 
HETATM 1347 O O   . HOH C 3 .   ? 12.727  -2.774  3.360   1.00 4.40  ? 2024 HOH A O   1 
HETATM 1348 O O   . HOH C 3 .   ? 14.172  0.420   -7.689  1.00 42.96 ? 2025 HOH A O   1 
HETATM 1349 O O   . HOH C 3 .   ? 7.131   -1.375  -19.173 1.00 32.86 ? 2026 HOH A O   1 
HETATM 1350 O O   . HOH C 3 .   ? -10.853 -4.487  -12.772 1.00 35.36 ? 2027 HOH A O   1 
HETATM 1351 O O   . HOH C 3 .   ? -12.307 7.412   -9.674  1.00 45.59 ? 2028 HOH A O   1 
HETATM 1352 O O   . HOH C 3 .   ? 3.807   2.431   -15.782 1.00 20.53 ? 2029 HOH A O   1 
HETATM 1353 O O   . HOH C 3 .   ? 0.286   11.379  -14.150 1.00 21.78 ? 2030 HOH A O   1 
HETATM 1354 O O   . HOH C 3 .   ? 0.423   9.773   -18.434 1.00 41.46 ? 2031 HOH A O   1 
HETATM 1355 O O   . HOH C 3 .   ? -2.609  6.675   -17.876 0.51 2.00  ? 2032 HOH A O   1 
HETATM 1356 O O   . HOH C 3 .   ? -2.203  11.345  -5.687  1.00 20.30 ? 2033 HOH A O   1 
HETATM 1357 O O   . HOH C 3 .   ? 7.054   9.900   -7.102  1.00 26.32 ? 2034 HOH A O   1 
HETATM 1358 O O   . HOH C 3 .   ? 5.972   3.133   16.924  1.00 36.11 ? 2035 HOH A O   1 
HETATM 1359 O O   . HOH C 3 .   ? 7.333   6.024   16.643  1.00 47.49 ? 2036 HOH A O   1 
HETATM 1360 O O   . HOH C 3 .   ? -1.792  5.841   18.595  1.00 43.91 ? 2037 HOH A O   1 
HETATM 1361 O O   . HOH C 3 .   ? 0.612   9.581   13.726  1.00 13.90 ? 2038 HOH A O   1 
HETATM 1362 O O   . HOH C 3 .   ? -7.648  3.984   14.008  1.00 25.02 ? 2039 HOH A O   1 
HETATM 1363 O O   . HOH C 3 .   ? -7.679  21.317  14.240  1.00 44.85 ? 2040 HOH A O   1 
HETATM 1364 O O   . HOH C 3 .   ? 2.817   19.166  8.778   1.00 26.45 ? 2041 HOH A O   1 
HETATM 1365 O O   . HOH C 3 .   ? 6.065   14.452  -3.364  1.00 30.39 ? 2042 HOH A O   1 
HETATM 1366 O O   . HOH C 3 .   ? -7.848  16.836  2.712   1.00 37.34 ? 2043 HOH A O   1 
HETATM 1367 O O   . HOH C 3 .   ? 0.300   19.639  1.841   1.00 15.26 ? 2044 HOH A O   1 
HETATM 1368 O O   . HOH C 3 .   ? -11.842 0.031   7.510   1.00 25.60 ? 2045 HOH A O   1 
# 
